data_3WFQ
#
_entry.id   3WFQ
#
_cell.length_a   95.970
_cell.length_b   154.030
_cell.length_c   158.350
_cell.angle_alpha   90.00
_cell.angle_beta   107.92
_cell.angle_gamma   90.00
#
_symmetry.space_group_name_H-M   'P 1 21 1'
#
loop_
_entity.id
_entity.type
_entity.pdbx_description
1 polymer 'RNA (73-MER)'
2 polymer 'Poly A polymerase'
#
loop_
_entity_poly.entity_id
_entity_poly.type
_entity_poly.pdbx_seq_one_letter_code
_entity_poly.pdbx_strand_id
1 'polyribonucleotide' GGCCAGGUAGCUCAGUUGGUAGAGCACUGGACUGAAAAUCCAGGUGUCGGCGGUUCGAUUCCGCCCCUGGCCA A,B,C,D
2 'polypeptide(L)'
;(UNK)(UNK)(UNK)(UNK)(UNK)(UNK)(UNK)(UNK)(UNK)(UNK)(UNK)(UNK)(UNK)(UNK)(UNK)GLNFY
LSYFDDVAKVLPREHYCFIVGGWVRDRILGEPVGYNIDVDFLTTADPVELAKNFAKRIGGHFFVFEKRGFLIKRPTIASV
VLHLPPYRYRFDFSPLKGKDLEKALIEDLKERDFTANAIAVNLDDVLSIGAKQTIVYDPTGGIKDLEQGLLRPVSIENLK
RDPVRVLRGFRIAIEKNLQLTEDFYEFVKEDPRIVLKSAVERITHELFKIMKEKTAHKVIRELYEYGVLEAIIPEIGRLR
EVKDQGEHHIYPLDEHTLKTLEYLEQVIEDRAKYLSAELLENFGKKRVLGEFTDVELLKWGALFHDIGKPQTFAVREGKV
TFYEHDKVGAQIVREIGERLRWGDEATEFVAKLVRHHLRPFFLREAFKKGELKRRGMANFWRECGDIAPHLFLLSIADAM
ASGDEEEDIKALMETIAELESFNRNEMK(UNK)(UNK)(UNK)(UNK)(UNK)(UNK)(UNK)(UNK)(UNK)(UNK)
(UNK)(UNK)(UNK)(UNK)(UNK)(UNK)(UNK)(UNK)(UNK)(UNK)(UNK)(UNK)(UNK)(UNK)(UNK)(UNK)
(UNK)(UNK)(UNK)(UNK)(UNK)(UNK)(UNK)(UNK)(UNK)(UNK)(UNK)(UNK)(UNK)(UNK)(UNK)(UNK)
(UNK)(UNK)(UNK)(UNK)(UNK)(UNK)(UNK)(UNK)(UNK)(UNK)(UNK)(UNK)(UNK)(UNK)(UNK)(UNK)
(UNK)(UNK)(UNK)(UNK)(UNK)(UNK)
;
E,F,G,H
#
# COMPACT_ATOMS: atom_id res chain seq x y z
N UNK E 5 16.30 -28.26 -6.71
CA UNK E 5 16.21 -27.09 -7.58
C UNK E 5 17.12 -27.19 -8.81
N UNK E 6 16.54 -26.98 -10.00
CA UNK E 6 17.32 -27.05 -11.25
C UNK E 6 17.18 -25.77 -12.08
N UNK E 7 18.09 -25.58 -13.03
CA UNK E 7 18.07 -24.39 -13.87
C UNK E 7 17.16 -24.60 -15.09
N GLY E 16 11.53 -11.16 -18.14
CA GLY E 16 10.92 -12.47 -18.04
C GLY E 16 9.67 -12.60 -18.89
N LEU E 17 9.73 -13.44 -19.91
CA LEU E 17 8.60 -13.66 -20.81
C LEU E 17 8.12 -15.10 -20.75
N ASN E 18 8.99 -15.99 -20.29
CA ASN E 18 8.64 -17.41 -20.19
C ASN E 18 7.72 -17.69 -19.01
N PHE E 19 7.98 -17.04 -17.88
CA PHE E 19 7.16 -17.23 -16.67
C PHE E 19 6.49 -15.93 -16.26
N TYR E 20 6.11 -15.12 -17.24
CA TYR E 20 5.45 -13.85 -16.98
C TYR E 20 3.93 -13.93 -17.06
N LEU E 21 3.27 -13.17 -16.19
CA LEU E 21 1.85 -12.91 -16.28
C LEU E 21 1.68 -11.42 -15.99
N SER E 22 0.65 -10.82 -16.57
CA SER E 22 0.40 -9.40 -16.41
C SER E 22 0.25 -9.00 -14.96
N TYR E 23 -0.55 -9.75 -14.23
CA TYR E 23 -0.90 -9.39 -12.87
C TYR E 23 0.20 -9.63 -11.84
N PHE E 24 1.20 -10.43 -12.18
CA PHE E 24 2.26 -10.71 -11.22
C PHE E 24 2.87 -9.43 -10.70
N ASP E 25 3.12 -8.47 -11.60
CA ASP E 25 3.64 -7.17 -11.20
C ASP E 25 2.84 -6.62 -10.02
N ASP E 26 1.52 -6.57 -10.18
CA ASP E 26 0.62 -6.09 -9.14
C ASP E 26 0.91 -6.75 -7.80
N VAL E 27 0.98 -8.09 -7.78
CA VAL E 27 1.31 -8.80 -6.55
C VAL E 27 2.64 -8.29 -5.94
N ALA E 28 3.70 -8.22 -6.74
CA ALA E 28 4.96 -7.66 -6.25
C ALA E 28 4.81 -6.24 -5.69
N LYS E 29 3.96 -5.43 -6.31
CA LYS E 29 3.74 -4.06 -5.82
C LYS E 29 2.94 -4.01 -4.52
N VAL E 30 2.24 -5.11 -4.22
CA VAL E 30 1.54 -5.31 -2.95
C VAL E 30 2.50 -5.89 -1.91
N LEU E 31 3.07 -7.06 -2.23
CA LEU E 31 3.96 -7.79 -1.32
C LEU E 31 5.12 -6.96 -0.76
N PRO E 32 5.19 -6.84 0.58
CA PRO E 32 6.21 -6.05 1.32
C PRO E 32 7.64 -6.56 1.11
N ARG E 33 8.62 -5.70 1.38
CA ARG E 33 10.03 -6.00 1.10
C ARG E 33 10.53 -7.26 1.81
N GLU E 34 10.31 -7.33 3.11
CA GLU E 34 10.86 -8.42 3.91
C GLU E 34 10.36 -9.79 3.47
N HIS E 35 9.09 -9.86 3.11
CA HIS E 35 8.43 -11.14 2.82
C HIS E 35 8.63 -11.59 1.37
N TYR E 36 8.77 -12.90 1.19
CA TYR E 36 9.03 -13.48 -0.13
C TYR E 36 7.85 -14.31 -0.63
N CYS E 37 7.69 -14.38 -1.95
CA CYS E 37 6.57 -15.13 -2.51
C CYS E 37 6.95 -16.05 -3.66
N PHE E 38 6.37 -17.26 -3.66
CA PHE E 38 6.65 -18.28 -4.67
C PHE E 38 5.41 -18.68 -5.44
N ILE E 39 5.60 -19.03 -6.71
CA ILE E 39 4.49 -19.47 -7.52
C ILE E 39 4.52 -20.98 -7.61
N VAL E 40 3.42 -21.62 -7.23
CA VAL E 40 3.38 -23.08 -7.19
C VAL E 40 2.10 -23.56 -7.85
N GLY E 41 2.02 -24.87 -8.09
CA GLY E 41 0.79 -25.47 -8.57
C GLY E 41 0.78 -25.57 -10.07
N GLY E 42 -0.43 -25.59 -10.61
CA GLY E 42 -0.63 -25.84 -12.02
C GLY E 42 -0.09 -24.79 -12.99
N TRP E 43 0.18 -23.58 -12.50
CA TRP E 43 0.69 -22.58 -13.43
C TRP E 43 2.02 -23.04 -14.00
N VAL E 44 3.01 -23.22 -13.14
CA VAL E 44 4.33 -23.63 -13.59
C VAL E 44 4.25 -24.94 -14.39
N ARG E 45 3.35 -25.82 -13.95
CA ARG E 45 3.07 -27.07 -14.65
C ARG E 45 2.72 -26.83 -16.11
N ASP E 46 1.57 -26.23 -16.33
CA ASP E 46 1.03 -26.04 -17.67
C ASP E 46 2.00 -25.29 -18.55
N ARG E 47 2.74 -24.37 -17.92
CA ARG E 47 3.75 -23.62 -18.65
C ARG E 47 4.88 -24.50 -19.14
N ILE E 48 5.40 -25.35 -18.27
CA ILE E 48 6.45 -26.29 -18.65
C ILE E 48 5.95 -27.19 -19.76
N LEU E 49 4.69 -27.61 -19.63
CA LEU E 49 4.06 -28.43 -20.66
C LEU E 49 3.94 -27.66 -21.98
N GLY E 50 4.04 -26.34 -21.88
CA GLY E 50 4.07 -25.49 -23.06
C GLY E 50 2.70 -25.23 -23.62
N GLU E 51 1.66 -25.62 -22.89
CA GLU E 51 0.29 -25.36 -23.31
C GLU E 51 -0.01 -23.88 -23.12
N PRO E 52 -0.65 -23.26 -24.13
CA PRO E 52 -0.91 -21.81 -24.10
C PRO E 52 -1.92 -21.43 -23.03
N VAL E 53 -1.87 -20.18 -22.57
CA VAL E 53 -2.79 -19.71 -21.54
C VAL E 53 -4.22 -19.64 -22.05
N GLY E 54 -5.13 -20.31 -21.35
CA GLY E 54 -6.52 -20.32 -21.73
C GLY E 54 -7.25 -19.06 -21.32
N TYR E 55 -8.58 -19.12 -21.32
CA TYR E 55 -9.40 -17.99 -20.91
C TYR E 55 -9.68 -18.05 -19.41
N ASN E 56 -9.30 -19.15 -18.78
CA ASN E 56 -9.39 -19.31 -17.33
C ASN E 56 -8.02 -19.46 -16.68
N ILE E 57 -7.60 -18.47 -15.91
CA ILE E 57 -6.31 -18.53 -15.24
C ILE E 57 -6.45 -18.79 -13.74
N ASP E 58 -5.74 -19.80 -13.25
CA ASP E 58 -5.72 -20.15 -11.82
C ASP E 58 -4.28 -20.14 -11.32
N VAL E 59 -3.96 -19.22 -10.42
CA VAL E 59 -2.60 -19.14 -9.89
C VAL E 59 -2.57 -19.30 -8.36
N ASP E 60 -1.82 -20.29 -7.87
CA ASP E 60 -1.65 -20.48 -6.43
C ASP E 60 -0.26 -20.02 -5.95
N PHE E 61 -0.27 -19.15 -4.95
CA PHE E 61 0.95 -18.58 -4.40
C PHE E 61 1.24 -19.05 -2.98
N LEU E 62 2.52 -19.08 -2.63
CA LEU E 62 2.94 -19.32 -1.27
C LEU E 62 3.74 -18.13 -0.78
N THR E 63 3.19 -17.40 0.19
CA THR E 63 3.84 -16.19 0.66
C THR E 63 4.09 -16.24 2.17
N THR E 64 5.11 -15.51 2.61
CA THR E 64 5.48 -15.48 4.02
C THR E 64 4.80 -14.37 4.80
N ALA E 65 4.13 -13.45 4.10
CA ALA E 65 3.39 -12.37 4.75
C ALA E 65 1.94 -12.76 4.93
N ASP E 66 1.15 -11.84 5.46
CA ASP E 66 -0.25 -12.15 5.74
C ASP E 66 -1.02 -12.25 4.43
N PRO E 67 -1.46 -13.46 4.08
CA PRO E 67 -2.10 -13.68 2.78
C PRO E 67 -3.41 -12.93 2.67
N VAL E 68 -4.04 -12.61 3.80
CA VAL E 68 -5.34 -11.93 3.77
C VAL E 68 -5.23 -10.46 3.37
N GLU E 69 -4.25 -9.75 3.93
CA GLU E 69 -4.03 -8.34 3.60
C GLU E 69 -3.46 -8.24 2.17
N LEU E 70 -2.53 -9.15 1.87
CA LEU E 70 -1.99 -9.30 0.53
C LEU E 70 -3.13 -9.39 -0.46
N ALA E 71 -4.03 -10.34 -0.23
CA ALA E 71 -5.12 -10.59 -1.16
C ALA E 71 -6.13 -9.46 -1.20
N LYS E 72 -6.27 -8.74 -0.09
CA LYS E 72 -7.21 -7.63 -0.01
C LYS E 72 -6.74 -6.43 -0.83
N ASN E 73 -5.44 -6.15 -0.74
CA ASN E 73 -4.85 -5.05 -1.49
C ASN E 73 -4.60 -5.39 -2.95
N PHE E 74 -4.27 -6.65 -3.20
CA PHE E 74 -4.13 -7.13 -4.56
C PHE E 74 -5.48 -6.97 -5.24
N ALA E 75 -6.51 -7.62 -4.69
CA ALA E 75 -7.86 -7.48 -5.24
C ALA E 75 -8.28 -6.03 -5.37
N LYS E 76 -7.92 -5.20 -4.40
CA LYS E 76 -8.22 -3.77 -4.47
C LYS E 76 -7.51 -3.12 -5.65
N ARG E 77 -6.32 -3.62 -5.99
CA ARG E 77 -5.55 -3.08 -7.10
C ARG E 77 -6.13 -3.43 -8.46
N ILE E 78 -6.38 -4.72 -8.68
CA ILE E 78 -6.88 -5.16 -9.99
C ILE E 78 -8.40 -5.06 -10.07
N GLY E 79 -9.00 -4.60 -8.98
CA GLY E 79 -10.44 -4.42 -8.91
C GLY E 79 -11.14 -5.77 -8.83
N GLY E 80 -10.54 -6.69 -8.09
CA GLY E 80 -11.12 -8.01 -7.92
C GLY E 80 -11.88 -8.13 -6.63
N HIS E 81 -12.74 -9.15 -6.56
CA HIS E 81 -13.50 -9.43 -5.35
C HIS E 81 -12.54 -10.04 -4.34
N PHE E 82 -12.91 -10.02 -3.07
CA PHE E 82 -12.04 -10.54 -2.03
C PHE E 82 -12.65 -11.75 -1.33
N PHE E 83 -11.81 -12.69 -0.92
CA PHE E 83 -12.28 -13.97 -0.39
C PHE E 83 -11.32 -14.46 0.71
N VAL E 84 -11.87 -15.05 1.77
CA VAL E 84 -11.10 -15.75 2.81
C VAL E 84 -11.78 -17.08 3.16
N PHE E 85 -11.02 -18.18 3.14
CA PHE E 85 -11.60 -19.50 3.46
C PHE E 85 -10.58 -20.57 3.91
N GLU E 86 -11.07 -21.65 4.53
CA GLU E 86 -10.21 -22.78 4.91
C GLU E 86 -10.22 -23.88 3.85
N PRO E 95 -4.94 -25.13 6.10
CA PRO E 95 -4.78 -23.81 6.72
C PRO E 95 -5.76 -22.78 6.15
N THR E 96 -5.66 -21.55 6.62
CA THR E 96 -6.56 -20.48 6.20
C THR E 96 -5.95 -19.64 5.08
N ILE E 97 -6.60 -19.66 3.92
CA ILE E 97 -6.06 -19.05 2.71
C ILE E 97 -6.99 -17.99 2.13
N ALA E 98 -6.45 -17.12 1.28
CA ALA E 98 -7.21 -16.00 0.78
C ALA E 98 -7.32 -16.06 -0.74
N SER E 99 -8.47 -15.66 -1.28
CA SER E 99 -8.67 -15.70 -2.74
C SER E 99 -9.06 -14.36 -3.34
N VAL E 100 -8.75 -14.21 -4.63
CA VAL E 100 -9.22 -13.07 -5.40
C VAL E 100 -9.81 -13.54 -6.73
N VAL E 101 -11.08 -13.23 -6.95
CA VAL E 101 -11.78 -13.65 -8.14
C VAL E 101 -12.22 -12.48 -8.97
N LEU E 102 -11.60 -12.33 -10.14
CA LEU E 102 -12.01 -11.28 -11.06
C LEU E 102 -12.59 -11.89 -12.32
N HIS E 103 -13.86 -11.61 -12.57
CA HIS E 103 -14.55 -12.29 -13.64
C HIS E 103 -15.33 -11.36 -14.56
N LEU E 104 -14.92 -11.33 -15.83
CA LEU E 104 -15.69 -10.65 -16.86
C LEU E 104 -16.07 -11.72 -17.88
N PRO E 105 -16.87 -11.37 -18.91
CA PRO E 105 -17.28 -12.49 -19.78
C PRO E 105 -16.16 -13.30 -20.48
N PRO E 106 -15.15 -12.63 -21.09
CA PRO E 106 -14.17 -13.46 -21.79
C PRO E 106 -13.22 -14.25 -20.88
N TYR E 107 -12.80 -13.67 -19.76
CA TYR E 107 -11.78 -14.28 -18.91
C TYR E 107 -12.20 -14.44 -17.46
N ARG E 108 -11.56 -15.38 -16.75
CA ARG E 108 -11.80 -15.59 -15.33
C ARG E 108 -10.46 -15.74 -14.62
N TYR E 109 -10.26 -14.95 -13.58
CA TYR E 109 -9.01 -14.99 -12.84
C TYR E 109 -9.23 -15.45 -11.40
N ARG E 110 -8.73 -16.62 -11.07
CA ARG E 110 -8.71 -17.07 -9.68
C ARG E 110 -7.30 -17.08 -9.10
N PHE E 111 -7.08 -16.24 -8.09
CA PHE E 111 -5.81 -16.24 -7.40
C PHE E 111 -5.96 -16.75 -5.99
N ASP E 112 -5.30 -17.86 -5.68
CA ASP E 112 -5.33 -18.36 -4.31
C ASP E 112 -3.98 -18.19 -3.62
N PHE E 113 -3.98 -17.36 -2.59
CA PHE E 113 -2.80 -17.10 -1.79
C PHE E 113 -2.83 -17.97 -0.55
N SER E 114 -1.71 -18.65 -0.35
CA SER E 114 -1.52 -19.54 0.78
C SER E 114 -0.33 -19.06 1.59
N PRO E 115 -0.40 -19.22 2.91
CA PRO E 115 0.65 -18.79 3.83
C PRO E 115 1.82 -19.77 3.85
N LEU E 116 3.02 -19.25 4.09
CA LEU E 116 4.20 -20.08 4.31
C LEU E 116 4.94 -19.48 5.49
N LYS E 117 5.37 -20.33 6.43
CA LYS E 117 6.08 -19.85 7.60
C LYS E 117 7.18 -20.83 8.02
N GLY E 118 8.33 -20.29 8.41
CA GLY E 118 9.43 -21.09 8.91
C GLY E 118 10.68 -20.28 9.23
N LYS E 119 11.55 -20.87 10.05
CA LYS E 119 12.84 -20.25 10.35
C LYS E 119 13.78 -20.42 9.16
N ASP E 120 13.54 -21.48 8.37
CA ASP E 120 14.28 -21.69 7.14
C ASP E 120 13.33 -21.67 5.95
N LEU E 121 13.53 -20.70 5.06
CA LEU E 121 12.63 -20.51 3.93
C LEU E 121 12.71 -21.61 2.87
N GLU E 122 13.91 -21.91 2.41
CA GLU E 122 14.08 -22.96 1.41
C GLU E 122 13.58 -24.31 1.93
N LYS E 123 13.98 -24.64 3.17
CA LYS E 123 13.57 -25.88 3.81
C LYS E 123 12.05 -26.03 3.82
N ALA E 124 11.37 -24.96 4.23
CA ALA E 124 9.91 -24.97 4.28
C ALA E 124 9.30 -25.08 2.89
N LEU E 125 9.95 -24.45 1.90
CA LEU E 125 9.48 -24.58 0.54
C LEU E 125 9.48 -26.06 0.17
N ILE E 126 10.64 -26.69 0.24
CA ILE E 126 10.78 -28.11 -0.10
C ILE E 126 9.79 -28.98 0.67
N GLU E 127 9.60 -28.62 1.94
CA GLU E 127 8.71 -29.32 2.85
C GLU E 127 7.25 -29.21 2.43
N ASP E 128 6.89 -28.08 1.84
CA ASP E 128 5.54 -27.89 1.30
C ASP E 128 5.37 -28.66 0.01
N LEU E 129 6.37 -28.55 -0.86
CA LEU E 129 6.32 -29.18 -2.18
C LEU E 129 6.19 -30.67 -2.07
N LYS E 130 6.95 -31.25 -1.15
CA LYS E 130 6.99 -32.70 -0.94
C LYS E 130 5.65 -33.28 -0.47
N GLU E 131 4.82 -32.46 0.16
CA GLU E 131 3.55 -32.97 0.66
C GLU E 131 2.53 -33.08 -0.47
N ARG E 132 2.87 -32.51 -1.62
CA ARG E 132 1.96 -32.49 -2.76
C ARG E 132 1.69 -33.88 -3.37
N ASP E 133 0.60 -33.96 -4.14
CA ASP E 133 0.20 -35.22 -4.75
C ASP E 133 1.18 -35.76 -5.78
N PHE E 134 1.39 -34.97 -6.84
CA PHE E 134 2.10 -35.43 -8.02
C PHE E 134 3.29 -34.54 -8.33
N THR E 135 4.38 -35.13 -8.81
CA THR E 135 5.58 -34.38 -9.17
C THR E 135 5.26 -33.31 -10.19
N ALA E 136 4.23 -33.51 -10.99
CA ALA E 136 3.86 -32.52 -12.00
C ALA E 136 3.26 -31.28 -11.36
N ASN E 137 2.72 -31.44 -10.16
CA ASN E 137 2.16 -30.32 -9.42
C ASN E 137 3.06 -29.71 -8.35
N ALA E 138 4.23 -30.30 -8.12
CA ALA E 138 5.10 -29.85 -7.06
C ALA E 138 6.20 -28.90 -7.52
N ILE E 139 6.19 -28.55 -8.80
CA ILE E 139 7.22 -27.66 -9.32
C ILE E 139 6.89 -26.21 -9.00
N ALA E 140 7.85 -25.50 -8.41
CA ALA E 140 7.63 -24.12 -7.99
C ALA E 140 8.79 -23.18 -8.36
N VAL E 141 8.45 -21.90 -8.55
CA VAL E 141 9.44 -20.87 -8.87
C VAL E 141 9.26 -19.61 -8.01
N ASN E 142 10.37 -18.91 -7.81
CA ASN E 142 10.38 -17.70 -7.00
C ASN E 142 9.84 -16.50 -7.78
N LEU E 143 9.02 -15.67 -7.12
CA LEU E 143 8.37 -14.55 -7.80
C LEU E 143 9.36 -13.62 -8.50
N ASP E 144 10.52 -13.40 -7.86
CA ASP E 144 11.52 -12.50 -8.41
C ASP E 144 12.04 -12.98 -9.77
N ASP E 145 12.27 -14.28 -9.90
CA ASP E 145 12.81 -14.85 -11.13
C ASP E 145 11.79 -14.93 -12.25
N VAL E 146 10.54 -14.63 -11.92
CA VAL E 146 9.48 -14.55 -12.93
C VAL E 146 9.53 -13.24 -13.70
N LEU E 147 9.54 -12.14 -12.97
CA LEU E 147 9.42 -10.82 -13.57
C LEU E 147 10.70 -10.42 -14.29
N THR E 154 16.37 -18.56 -15.12
CA THR E 154 15.13 -19.26 -14.81
C THR E 154 15.39 -20.48 -13.92
N ILE E 155 15.61 -20.22 -12.63
CA ILE E 155 15.85 -21.30 -11.66
C ILE E 155 14.55 -21.77 -11.01
N VAL E 156 14.29 -23.08 -11.09
CA VAL E 156 13.04 -23.63 -10.57
C VAL E 156 13.30 -24.52 -9.36
N TYR E 157 12.29 -24.67 -8.51
CA TYR E 157 12.37 -25.56 -7.37
C TYR E 157 11.54 -26.83 -7.62
N ASP E 158 12.22 -27.95 -7.84
CA ASP E 158 11.54 -29.23 -8.09
C ASP E 158 12.24 -30.41 -7.41
N PRO E 159 12.14 -30.48 -6.08
CA PRO E 159 12.78 -31.53 -5.27
C PRO E 159 12.13 -32.88 -5.53
N THR E 160 10.94 -32.86 -6.11
CA THR E 160 10.31 -34.10 -6.56
C THR E 160 10.80 -34.45 -7.96
N GLY E 161 11.43 -33.49 -8.63
CA GLY E 161 11.94 -33.71 -9.97
C GLY E 161 10.82 -33.84 -10.96
N GLY E 162 9.84 -32.96 -10.85
CA GLY E 162 8.69 -32.97 -11.73
C GLY E 162 9.06 -32.75 -13.18
N ILE E 163 10.09 -31.95 -13.42
CA ILE E 163 10.52 -31.66 -14.77
C ILE E 163 10.84 -32.96 -15.49
N LYS E 164 11.68 -33.77 -14.86
CA LYS E 164 12.14 -35.04 -15.42
C LYS E 164 10.98 -35.93 -15.88
N ASP E 165 9.93 -36.00 -15.08
CA ASP E 165 8.76 -36.80 -15.42
C ASP E 165 7.96 -36.13 -16.53
N LEU E 166 7.85 -34.81 -16.46
CA LEU E 166 7.13 -34.03 -17.45
C LEU E 166 7.77 -34.10 -18.83
N GLU E 167 9.07 -34.39 -18.87
CA GLU E 167 9.79 -34.58 -20.13
C GLU E 167 9.47 -35.97 -20.66
N GLN E 168 9.45 -36.95 -19.76
CA GLN E 168 9.08 -38.31 -20.10
C GLN E 168 7.58 -38.40 -20.38
N GLY E 169 6.87 -37.31 -20.10
CA GLY E 169 5.45 -37.24 -20.34
C GLY E 169 4.70 -38.15 -19.40
N LEU E 170 5.15 -38.22 -18.15
CA LEU E 170 4.57 -39.14 -17.18
C LEU E 170 4.14 -38.41 -15.92
N LEU E 171 2.92 -38.70 -15.47
CA LEU E 171 2.40 -38.11 -14.25
C LEU E 171 2.57 -39.13 -13.13
N ARG E 172 3.55 -38.89 -12.26
CA ARG E 172 3.89 -39.83 -11.19
C ARG E 172 3.73 -39.25 -9.79
N PRO E 173 2.87 -39.86 -8.96
CA PRO E 173 2.67 -39.41 -7.57
C PRO E 173 3.97 -39.33 -6.78
N VAL E 174 4.08 -38.30 -5.94
CA VAL E 174 5.24 -38.08 -5.11
C VAL E 174 5.46 -39.27 -4.18
N SER E 175 4.43 -39.57 -3.39
CA SER E 175 4.44 -40.71 -2.49
C SER E 175 3.01 -41.20 -2.32
N ILE E 176 2.82 -42.48 -2.07
CA ILE E 176 1.47 -43.00 -1.97
C ILE E 176 0.77 -42.48 -0.72
N GLU E 177 1.54 -42.22 0.33
CA GLU E 177 0.99 -41.66 1.57
C GLU E 177 0.21 -40.38 1.33
N ASN E 178 0.68 -39.57 0.38
CA ASN E 178 0.01 -38.31 0.06
C ASN E 178 -1.21 -38.49 -0.85
N LEU E 179 -1.32 -39.64 -1.47
CA LEU E 179 -2.54 -39.99 -2.18
C LEU E 179 -3.58 -40.47 -1.18
N LYS E 180 -3.13 -41.29 -0.24
CA LYS E 180 -4.01 -41.87 0.77
C LYS E 180 -4.51 -40.78 1.69
N ARG E 181 -3.68 -39.76 1.91
CA ARG E 181 -4.02 -38.63 2.76
C ARG E 181 -5.35 -38.01 2.35
N ASP E 182 -5.44 -37.67 1.07
CA ASP E 182 -6.68 -37.15 0.51
C ASP E 182 -7.10 -37.98 -0.68
N PRO E 183 -7.92 -39.00 -0.42
CA PRO E 183 -8.28 -40.03 -1.40
C PRO E 183 -8.81 -39.48 -2.72
N VAL E 184 -9.45 -38.31 -2.71
CA VAL E 184 -10.04 -37.76 -3.93
C VAL E 184 -8.99 -37.54 -5.01
N ARG E 185 -7.75 -37.33 -4.58
CA ARG E 185 -6.63 -37.15 -5.51
C ARG E 185 -6.51 -38.30 -6.50
N VAL E 186 -7.03 -39.46 -6.11
CA VAL E 186 -6.97 -40.66 -6.94
C VAL E 186 -7.72 -40.48 -8.26
N LEU E 187 -8.71 -39.60 -8.27
CA LEU E 187 -9.38 -39.28 -9.52
C LEU E 187 -8.61 -38.24 -10.31
N ARG E 188 -7.98 -37.31 -9.59
CA ARG E 188 -7.24 -36.22 -10.22
C ARG E 188 -6.20 -36.84 -11.12
N GLY E 189 -5.48 -37.81 -10.57
CA GLY E 189 -4.46 -38.55 -11.29
C GLY E 189 -4.95 -39.07 -12.61
N PHE E 190 -6.22 -39.52 -12.65
CA PHE E 190 -6.81 -39.89 -13.92
C PHE E 190 -7.08 -38.63 -14.74
N ARG E 191 -7.86 -37.69 -14.20
CA ARG E 191 -8.29 -36.52 -14.97
C ARG E 191 -7.12 -35.79 -15.61
N ILE E 192 -6.20 -35.35 -14.76
CA ILE E 192 -5.00 -34.66 -15.21
C ILE E 192 -4.32 -35.43 -16.34
N ALA E 193 -4.14 -36.73 -16.14
CA ALA E 193 -3.39 -37.54 -17.08
C ALA E 193 -4.07 -37.58 -18.43
N ILE E 194 -5.39 -37.49 -18.42
CA ILE E 194 -6.15 -37.48 -19.64
C ILE E 194 -6.14 -36.07 -20.20
N GLU E 195 -6.26 -35.09 -19.31
CA GLU E 195 -6.40 -33.72 -19.76
C GLU E 195 -5.10 -33.21 -20.33
N LYS E 196 -4.03 -33.36 -19.56
CA LYS E 196 -2.72 -32.95 -20.00
C LYS E 196 -2.12 -34.01 -20.90
N ASN E 197 -2.88 -35.08 -21.11
CA ASN E 197 -2.49 -36.18 -22.01
C ASN E 197 -1.15 -36.79 -21.61
N LEU E 198 -1.12 -37.37 -20.41
CA LEU E 198 0.09 -37.99 -19.87
C LEU E 198 -0.24 -39.38 -19.37
N GLN E 199 0.79 -40.20 -19.18
CA GLN E 199 0.59 -41.56 -18.70
C GLN E 199 0.90 -41.64 -17.23
N LEU E 200 -0.05 -42.19 -16.47
CA LEU E 200 0.15 -42.43 -15.04
C LEU E 200 1.15 -43.55 -14.86
N THR E 201 1.89 -43.51 -13.76
CA THR E 201 2.90 -44.51 -13.50
C THR E 201 2.28 -45.83 -13.06
N GLU E 202 3.13 -46.83 -12.83
CA GLU E 202 2.66 -48.15 -12.43
C GLU E 202 2.17 -48.15 -10.98
N ASP E 203 2.85 -47.41 -10.11
CA ASP E 203 2.53 -47.38 -8.68
C ASP E 203 1.16 -46.79 -8.39
N PHE E 204 0.71 -45.91 -9.28
CA PHE E 204 -0.62 -45.37 -9.14
C PHE E 204 -1.65 -46.45 -9.40
N TYR E 205 -1.52 -47.14 -10.53
CA TYR E 205 -2.48 -48.17 -10.91
C TYR E 205 -2.48 -49.35 -9.94
N GLU E 206 -1.30 -49.66 -9.43
CA GLU E 206 -1.15 -50.69 -8.40
C GLU E 206 -1.89 -50.26 -7.15
N PHE E 207 -1.65 -49.03 -6.72
CA PHE E 207 -2.35 -48.50 -5.55
C PHE E 207 -3.87 -48.50 -5.72
N VAL E 208 -4.35 -48.20 -6.93
CA VAL E 208 -5.80 -48.22 -7.16
C VAL E 208 -6.31 -49.67 -7.08
N LYS E 209 -5.54 -50.60 -7.65
CA LYS E 209 -5.90 -52.02 -7.56
C LYS E 209 -6.00 -52.50 -6.12
N GLU E 210 -5.14 -51.96 -5.24
CA GLU E 210 -5.18 -52.33 -3.83
C GLU E 210 -6.54 -52.05 -3.18
N ASP E 211 -6.88 -50.78 -3.03
CA ASP E 211 -8.15 -50.40 -2.46
C ASP E 211 -8.84 -49.34 -3.32
N PRO E 212 -9.64 -49.79 -4.29
CA PRO E 212 -10.45 -48.90 -5.13
C PRO E 212 -11.59 -48.24 -4.35
N ARG E 213 -11.93 -48.78 -3.18
CA ARG E 213 -13.01 -48.22 -2.37
C ARG E 213 -12.59 -46.93 -1.65
N ILE E 214 -11.28 -46.65 -1.60
CA ILE E 214 -10.75 -45.49 -0.88
C ILE E 214 -11.44 -44.20 -1.31
N VAL E 215 -11.93 -44.18 -2.54
CA VAL E 215 -12.57 -43.02 -3.11
C VAL E 215 -13.78 -42.55 -2.29
N LEU E 216 -14.41 -43.47 -1.57
CA LEU E 216 -15.55 -43.13 -0.73
C LEU E 216 -15.20 -42.39 0.56
N LYS E 217 -13.91 -42.39 0.91
CA LYS E 217 -13.49 -41.77 2.16
C LYS E 217 -13.47 -40.24 2.02
N SER E 218 -13.23 -39.76 0.81
CA SER E 218 -13.23 -38.34 0.49
C SER E 218 -14.65 -37.79 0.43
N ALA E 219 -14.78 -36.48 0.60
CA ALA E 219 -16.08 -35.80 0.58
C ALA E 219 -16.82 -35.96 -0.76
N VAL E 220 -18.13 -36.19 -0.69
CA VAL E 220 -18.93 -36.50 -1.88
C VAL E 220 -18.86 -35.47 -3.04
N GLU E 221 -19.07 -34.19 -2.75
CA GLU E 221 -19.09 -33.19 -3.82
C GLU E 221 -17.77 -33.07 -4.57
N ARG E 222 -16.68 -33.54 -3.95
CA ARG E 222 -15.41 -33.51 -4.64
C ARG E 222 -15.39 -34.56 -5.71
N ILE E 223 -15.82 -35.77 -5.34
CA ILE E 223 -15.98 -36.84 -6.32
C ILE E 223 -16.91 -36.42 -7.46
N THR E 224 -18.00 -35.73 -7.14
CA THR E 224 -18.94 -35.32 -8.19
C THR E 224 -18.25 -34.35 -9.09
N HIS E 225 -17.57 -33.39 -8.47
CA HIS E 225 -17.02 -32.32 -9.23
C HIS E 225 -15.91 -32.82 -10.16
N GLU E 226 -15.10 -33.74 -9.67
CA GLU E 226 -14.05 -34.36 -10.46
C GLU E 226 -14.64 -35.27 -11.54
N LEU E 227 -15.72 -35.97 -11.22
CA LEU E 227 -16.40 -36.82 -12.19
C LEU E 227 -16.83 -35.97 -13.37
N PHE E 228 -17.40 -34.80 -13.08
CA PHE E 228 -17.78 -33.88 -14.17
C PHE E 228 -16.59 -33.28 -14.92
N LYS E 229 -15.53 -32.97 -14.20
CA LYS E 229 -14.32 -32.46 -14.85
C LYS E 229 -13.71 -33.50 -15.76
N ILE E 230 -14.00 -34.77 -15.52
CA ILE E 230 -13.58 -35.84 -16.43
C ILE E 230 -14.54 -36.01 -17.60
N MET E 231 -15.84 -35.85 -17.35
CA MET E 231 -16.83 -35.92 -18.42
C MET E 231 -16.69 -34.76 -19.39
N LYS E 232 -16.08 -33.68 -18.93
CA LYS E 232 -15.97 -32.46 -19.71
C LYS E 232 -15.25 -32.64 -21.05
N GLU E 233 -14.08 -33.28 -21.02
CA GLU E 233 -13.31 -33.53 -22.23
C GLU E 233 -13.89 -34.65 -23.10
N LYS E 234 -13.46 -34.72 -24.36
CA LYS E 234 -14.05 -35.62 -25.35
C LYS E 234 -13.41 -37.00 -25.45
N THR E 235 -12.31 -37.20 -24.74
CA THR E 235 -11.68 -38.51 -24.65
C THR E 235 -12.15 -39.25 -23.38
N ALA E 236 -13.14 -38.67 -22.72
CA ALA E 236 -13.64 -39.16 -21.44
C ALA E 236 -14.03 -40.62 -21.37
N HIS E 237 -14.45 -41.20 -22.50
CA HIS E 237 -14.87 -42.60 -22.48
C HIS E 237 -13.77 -43.54 -22.01
N LYS E 238 -12.52 -43.17 -22.28
CA LYS E 238 -11.37 -43.98 -21.88
C LYS E 238 -11.13 -43.91 -20.38
N VAL E 239 -11.34 -42.73 -19.80
CA VAL E 239 -11.20 -42.56 -18.36
C VAL E 239 -12.36 -43.25 -17.64
N ILE E 240 -13.57 -43.16 -18.17
CA ILE E 240 -14.72 -43.82 -17.54
C ILE E 240 -14.60 -45.34 -17.62
N ARG E 241 -14.12 -45.82 -18.74
CA ARG E 241 -13.79 -47.22 -18.84
C ARG E 241 -12.75 -47.54 -17.77
N GLU E 242 -11.76 -46.67 -17.61
CA GLU E 242 -10.71 -46.90 -16.62
C GLU E 242 -11.25 -46.98 -15.19
N LEU E 243 -12.08 -46.02 -14.81
CA LEU E 243 -12.66 -45.96 -13.47
C LEU E 243 -13.59 -47.15 -13.26
N TYR E 244 -14.14 -47.69 -14.34
CA TYR E 244 -14.94 -48.91 -14.26
C TYR E 244 -14.05 -50.13 -14.00
N GLU E 245 -13.02 -50.28 -14.82
CA GLU E 245 -12.17 -51.48 -14.86
C GLU E 245 -11.36 -51.72 -13.59
N TYR E 246 -11.12 -50.66 -12.83
CA TYR E 246 -10.46 -50.79 -11.53
C TYR E 246 -11.51 -50.80 -10.43
N GLY E 247 -12.77 -50.69 -10.83
CA GLY E 247 -13.88 -50.75 -9.89
C GLY E 247 -14.12 -49.48 -9.09
N VAL E 248 -13.44 -48.40 -9.45
CA VAL E 248 -13.63 -47.13 -8.78
C VAL E 248 -15.01 -46.57 -9.11
N LEU E 249 -15.38 -46.61 -10.39
CA LEU E 249 -16.70 -46.17 -10.83
C LEU E 249 -17.78 -47.04 -10.21
N GLU E 250 -17.40 -48.24 -9.79
CA GLU E 250 -18.32 -49.09 -9.07
C GLU E 250 -18.48 -48.62 -7.63
N ALA E 251 -17.37 -48.35 -6.95
CA ALA E 251 -17.42 -47.99 -5.53
C ALA E 251 -18.14 -46.65 -5.33
N ILE E 252 -17.94 -45.73 -6.27
CA ILE E 252 -18.66 -44.47 -6.26
C ILE E 252 -20.15 -44.74 -6.52
N ILE E 253 -20.44 -45.35 -7.66
CA ILE E 253 -21.80 -45.65 -8.09
C ILE E 253 -21.91 -47.16 -8.28
N PRO E 254 -22.38 -47.88 -7.24
CA PRO E 254 -22.58 -49.33 -7.27
C PRO E 254 -23.59 -49.72 -8.35
N GLU E 255 -24.51 -48.82 -8.66
CA GLU E 255 -25.55 -49.04 -9.66
C GLU E 255 -24.96 -49.46 -11.00
N ILE E 256 -23.76 -48.98 -11.32
CA ILE E 256 -23.07 -49.37 -12.55
C ILE E 256 -22.57 -50.80 -12.44
N GLY E 257 -22.34 -51.24 -11.21
CA GLY E 257 -21.90 -52.61 -10.97
C GLY E 257 -22.99 -53.61 -11.29
N ARG E 258 -24.25 -53.16 -11.22
CA ARG E 258 -25.39 -54.04 -11.40
C ARG E 258 -25.76 -54.30 -12.86
N LEU E 259 -25.15 -53.58 -13.79
CA LEU E 259 -25.40 -53.81 -15.21
C LEU E 259 -24.84 -55.14 -15.71
N ARG E 260 -23.84 -55.64 -15.01
CA ARG E 260 -23.14 -56.86 -15.39
C ARG E 260 -23.88 -58.12 -14.92
N GLU E 261 -24.95 -57.91 -14.14
CA GLU E 261 -25.69 -59.01 -13.52
C GLU E 261 -26.68 -59.55 -14.55
N VAL E 262 -26.80 -58.84 -15.67
CA VAL E 262 -27.66 -59.29 -16.78
C VAL E 262 -26.85 -59.60 -18.04
N LYS E 263 -26.95 -60.85 -18.50
CA LYS E 263 -26.18 -61.31 -19.67
C LYS E 263 -27.05 -61.33 -20.92
N ASP E 264 -26.74 -60.42 -21.85
CA ASP E 264 -27.56 -60.13 -23.03
C ASP E 264 -27.78 -61.37 -23.92
N PRO E 272 -23.80 -58.35 -23.48
CA PRO E 272 -23.13 -57.63 -22.41
C PRO E 272 -23.71 -56.23 -22.25
N LEU E 273 -24.22 -55.89 -21.07
CA LEU E 273 -24.82 -54.56 -20.88
C LEU E 273 -23.80 -53.45 -20.62
N ASP E 274 -22.78 -53.76 -19.82
CA ASP E 274 -21.82 -52.73 -19.43
C ASP E 274 -20.93 -52.28 -20.59
N GLU E 275 -20.40 -53.23 -21.34
CA GLU E 275 -19.67 -52.91 -22.56
C GLU E 275 -20.54 -52.08 -23.48
N HIS E 276 -21.82 -52.44 -23.54
CA HIS E 276 -22.80 -51.71 -24.34
C HIS E 276 -22.89 -50.24 -23.91
N THR E 277 -22.98 -49.99 -22.61
CA THR E 277 -23.03 -48.61 -22.12
C THR E 277 -21.74 -47.86 -22.38
N LEU E 278 -20.62 -48.58 -22.36
CA LEU E 278 -19.32 -47.96 -22.62
C LEU E 278 -19.17 -47.51 -24.08
N LYS E 279 -19.49 -48.41 -25.00
CA LYS E 279 -19.43 -48.06 -26.41
C LYS E 279 -20.50 -47.06 -26.78
N THR E 280 -21.63 -47.07 -26.06
CA THR E 280 -22.66 -46.07 -26.30
C THR E 280 -22.14 -44.71 -25.88
N LEU E 281 -21.40 -44.67 -24.77
CA LEU E 281 -20.75 -43.43 -24.35
C LEU E 281 -19.76 -42.92 -25.41
N GLU E 282 -18.84 -43.78 -25.80
CA GLU E 282 -17.82 -43.43 -26.78
C GLU E 282 -18.42 -42.95 -28.10
N TYR E 283 -19.45 -43.64 -28.57
CA TYR E 283 -20.16 -43.22 -29.77
C TYR E 283 -20.91 -41.92 -29.54
N LEU E 284 -21.29 -41.65 -28.29
CA LEU E 284 -21.96 -40.39 -28.01
C LEU E 284 -20.96 -39.24 -28.10
N GLU E 285 -19.70 -39.53 -27.80
CA GLU E 285 -18.66 -38.50 -27.96
C GLU E 285 -18.29 -38.30 -29.43
N GLN E 286 -18.17 -39.40 -30.17
CA GLN E 286 -17.90 -39.32 -31.60
C GLN E 286 -19.03 -38.63 -32.36
N VAL E 287 -20.25 -38.80 -31.88
CA VAL E 287 -21.39 -38.13 -32.51
C VAL E 287 -21.47 -36.68 -32.09
N ILE E 288 -21.26 -36.41 -30.80
CA ILE E 288 -21.33 -35.05 -30.28
C ILE E 288 -20.29 -34.14 -30.93
N GLU E 289 -19.10 -34.68 -31.17
CA GLU E 289 -18.12 -33.91 -31.92
C GLU E 289 -18.59 -33.67 -33.36
N ASP E 290 -19.33 -34.62 -33.90
CA ASP E 290 -19.86 -34.56 -35.26
C ASP E 290 -21.29 -34.03 -35.34
N ARG E 291 -21.79 -33.51 -34.22
CA ARG E 291 -23.20 -33.16 -34.05
C ARG E 291 -23.82 -32.31 -35.16
N ALA E 292 -23.02 -31.50 -35.85
CA ALA E 292 -23.57 -30.57 -36.83
C ALA E 292 -24.28 -31.28 -37.97
N LYS E 293 -23.85 -32.49 -38.29
CA LYS E 293 -24.35 -33.19 -39.47
C LYS E 293 -25.49 -34.18 -39.24
N TYR E 294 -25.93 -34.31 -38.00
CA TYR E 294 -27.07 -35.18 -37.68
C TYR E 294 -28.29 -34.32 -37.43
N LEU E 295 -28.16 -33.46 -36.42
CA LEU E 295 -29.19 -32.50 -36.03
C LEU E 295 -29.31 -31.29 -36.95
N SER E 296 -30.48 -30.67 -36.92
CA SER E 296 -30.72 -29.42 -37.62
C SER E 296 -29.99 -28.26 -36.96
N ALA E 297 -30.17 -27.08 -37.56
CA ALA E 297 -29.51 -25.88 -37.07
C ALA E 297 -30.23 -25.29 -35.86
N GLU E 298 -31.56 -25.28 -35.92
CA GLU E 298 -32.37 -24.75 -34.83
C GLU E 298 -32.29 -25.66 -33.61
N LEU E 299 -31.96 -26.94 -33.85
CA LEU E 299 -31.73 -27.88 -32.75
C LEU E 299 -30.33 -27.76 -32.16
N LEU E 300 -29.39 -27.26 -32.94
CA LEU E 300 -28.05 -26.99 -32.40
C LEU E 300 -27.96 -25.61 -31.77
N GLU E 301 -28.95 -24.76 -32.06
CA GLU E 301 -28.94 -23.35 -31.65
C GLU E 301 -28.65 -23.14 -30.17
N ASN E 302 -29.43 -23.78 -29.32
CA ASN E 302 -29.25 -23.65 -27.88
C ASN E 302 -28.46 -24.81 -27.27
N PHE E 303 -27.98 -25.72 -28.12
CA PHE E 303 -27.26 -26.90 -27.64
C PHE E 303 -25.89 -26.58 -27.07
N GLY E 304 -25.68 -26.94 -25.80
CA GLY E 304 -24.41 -26.70 -25.14
C GLY E 304 -24.50 -25.47 -24.26
N LYS E 305 -25.59 -24.71 -24.41
CA LYS E 305 -25.72 -23.40 -23.78
C LYS E 305 -26.28 -23.45 -22.35
N LYS E 306 -26.73 -24.63 -21.94
CA LYS E 306 -27.34 -24.84 -20.64
C LYS E 306 -26.28 -25.02 -19.55
N ARG E 307 -26.42 -24.30 -18.44
CA ARG E 307 -25.38 -24.32 -17.40
C ARG E 307 -25.79 -25.01 -16.11
N VAL E 308 -24.86 -25.80 -15.58
CA VAL E 308 -25.04 -26.53 -14.32
C VAL E 308 -23.72 -26.55 -13.55
N LEU E 309 -23.77 -26.15 -12.28
CA LEU E 309 -22.58 -26.07 -11.41
C LEU E 309 -21.53 -25.12 -11.94
N GLY E 310 -21.96 -24.24 -12.83
CA GLY E 310 -21.27 -23.01 -13.17
C GLY E 310 -20.11 -23.16 -14.14
N GLU E 311 -19.39 -24.27 -14.09
CA GLU E 311 -18.38 -24.52 -15.10
C GLU E 311 -18.74 -25.57 -16.16
N PHE E 312 -19.89 -26.21 -15.97
CA PHE E 312 -20.26 -27.37 -16.79
C PHE E 312 -21.51 -27.13 -17.62
N THR E 313 -21.52 -27.67 -18.82
CA THR E 313 -22.66 -27.52 -19.69
C THR E 313 -23.49 -28.79 -19.70
N ASP E 314 -24.52 -28.80 -20.52
CA ASP E 314 -25.43 -29.93 -20.60
C ASP E 314 -24.84 -31.12 -21.35
N VAL E 315 -23.77 -30.90 -22.10
CA VAL E 315 -23.13 -31.99 -22.84
C VAL E 315 -22.66 -33.08 -21.90
N GLU E 316 -22.11 -32.66 -20.76
CA GLU E 316 -21.67 -33.63 -19.76
C GLU E 316 -22.87 -34.40 -19.24
N LEU E 317 -24.01 -33.71 -19.09
CA LEU E 317 -25.23 -34.36 -18.67
C LEU E 317 -25.70 -35.40 -19.70
N LEU E 318 -25.46 -35.13 -20.98
CA LEU E 318 -25.78 -36.08 -22.04
C LEU E 318 -24.86 -37.28 -21.95
N LYS E 319 -23.59 -37.06 -21.59
CA LYS E 319 -22.68 -38.17 -21.44
C LYS E 319 -23.04 -39.04 -20.23
N TRP E 320 -23.48 -38.39 -19.16
CA TRP E 320 -23.93 -39.10 -17.97
C TRP E 320 -25.18 -39.95 -18.30
N GLY E 321 -26.17 -39.33 -18.92
CA GLY E 321 -27.35 -40.03 -19.39
C GLY E 321 -27.07 -41.07 -20.47
N ALA E 322 -25.88 -41.03 -21.04
CA ALA E 322 -25.42 -42.12 -21.89
C ALA E 322 -24.85 -43.26 -21.05
N LEU E 323 -24.21 -42.92 -19.94
CA LEU E 323 -23.66 -43.95 -19.04
C LEU E 323 -24.80 -44.69 -18.33
N PHE E 324 -25.84 -43.94 -17.97
CA PHE E 324 -26.99 -44.50 -17.26
C PHE E 324 -28.13 -44.89 -18.19
N HIS E 325 -27.92 -44.79 -19.51
CA HIS E 325 -29.02 -44.84 -20.48
C HIS E 325 -29.96 -45.99 -20.22
N ASP E 326 -29.40 -47.16 -19.94
CA ASP E 326 -30.14 -48.20 -19.23
C ASP E 326 -29.45 -48.44 -17.90
N ILE E 327 -30.00 -47.93 -16.81
CA ILE E 327 -29.57 -48.35 -15.49
C ILE E 327 -30.60 -49.28 -14.83
N GLY E 328 -31.72 -49.50 -15.51
CA GLY E 328 -32.85 -50.20 -14.91
C GLY E 328 -33.07 -51.64 -15.35
N LYS E 329 -32.33 -52.07 -16.36
CA LYS E 329 -32.48 -53.42 -16.94
C LYS E 329 -32.27 -54.58 -15.95
N PRO E 330 -31.21 -54.53 -15.12
CA PRO E 330 -31.09 -55.60 -14.11
C PRO E 330 -32.18 -55.51 -13.03
N GLN E 331 -32.75 -54.33 -12.82
CA GLN E 331 -33.81 -54.15 -11.83
C GLN E 331 -35.11 -54.86 -12.22
N THR E 332 -35.53 -54.65 -13.46
CA THR E 332 -36.76 -55.25 -13.96
C THR E 332 -36.52 -56.03 -15.27
N PHE E 333 -36.83 -57.32 -15.24
CA PHE E 333 -36.74 -58.16 -16.44
C PHE E 333 -37.76 -59.30 -16.36
N ALA E 334 -37.80 -60.15 -17.39
CA ALA E 334 -38.77 -61.25 -17.43
C ALA E 334 -38.13 -62.59 -17.81
N PHE E 342 -37.76 -56.22 -19.48
CA PHE E 342 -37.39 -54.84 -19.14
C PHE E 342 -38.52 -53.87 -19.46
N TYR E 343 -39.69 -54.10 -18.87
CA TYR E 343 -40.86 -53.29 -19.18
C TYR E 343 -40.78 -51.86 -18.66
N GLU E 344 -40.50 -51.71 -17.36
CA GLU E 344 -40.53 -50.39 -16.73
C GLU E 344 -39.16 -49.73 -16.60
N HIS E 345 -38.12 -50.39 -17.12
CA HIS E 345 -36.73 -50.02 -16.83
C HIS E 345 -36.29 -48.61 -17.23
N ASP E 346 -37.11 -47.92 -18.03
CA ASP E 346 -36.81 -46.53 -18.36
C ASP E 346 -37.18 -45.61 -17.21
N LYS E 347 -38.38 -45.77 -16.67
CA LYS E 347 -38.82 -44.99 -15.51
C LYS E 347 -37.99 -45.39 -14.30
N VAL E 348 -37.69 -46.69 -14.21
CA VAL E 348 -36.80 -47.20 -13.18
C VAL E 348 -35.46 -46.52 -13.34
N GLY E 349 -35.03 -46.37 -14.59
CA GLY E 349 -33.84 -45.61 -14.91
C GLY E 349 -33.89 -44.22 -14.33
N ALA E 350 -35.00 -43.52 -14.58
CA ALA E 350 -35.18 -42.17 -14.08
C ALA E 350 -35.08 -42.11 -12.57
N GLN E 351 -35.65 -43.10 -11.89
CA GLN E 351 -35.66 -43.11 -10.45
C GLN E 351 -34.29 -43.39 -9.86
N ILE E 352 -33.58 -44.36 -10.44
CA ILE E 352 -32.21 -44.64 -10.04
C ILE E 352 -31.29 -43.46 -10.27
N VAL E 353 -31.37 -42.86 -11.45
CA VAL E 353 -30.57 -41.69 -11.76
C VAL E 353 -30.83 -40.62 -10.71
N ARG E 354 -32.10 -40.32 -10.49
CA ARG E 354 -32.50 -39.32 -9.49
C ARG E 354 -31.94 -39.62 -8.09
N GLU E 355 -31.94 -40.89 -7.71
CA GLU E 355 -31.33 -41.30 -6.45
C GLU E 355 -29.82 -41.01 -6.45
N ILE E 356 -29.18 -41.26 -7.60
CA ILE E 356 -27.76 -40.98 -7.74
C ILE E 356 -27.47 -39.49 -7.65
N GLY E 357 -28.40 -38.69 -8.14
CA GLY E 357 -28.25 -37.24 -8.14
C GLY E 357 -28.44 -36.66 -6.77
N GLU E 358 -29.46 -37.14 -6.06
CA GLU E 358 -29.68 -36.73 -4.69
C GLU E 358 -28.45 -37.11 -3.87
N ARG E 359 -28.04 -38.37 -3.97
CA ARG E 359 -26.91 -38.89 -3.21
C ARG E 359 -25.61 -38.09 -3.41
N LEU E 360 -25.25 -37.87 -4.67
CA LEU E 360 -23.96 -37.29 -5.03
C LEU E 360 -24.00 -35.76 -5.05
N ARG E 361 -25.13 -35.20 -4.62
CA ARG E 361 -25.33 -33.75 -4.50
C ARG E 361 -25.28 -32.95 -5.82
N TRP E 362 -25.77 -33.54 -6.90
CA TRP E 362 -25.82 -32.82 -8.17
C TRP E 362 -26.89 -31.74 -8.09
N GLY E 363 -27.02 -30.98 -9.16
CA GLY E 363 -28.10 -30.00 -9.24
C GLY E 363 -29.42 -30.74 -9.28
N ASP E 364 -30.46 -30.18 -8.67
CA ASP E 364 -31.78 -30.80 -8.78
C ASP E 364 -32.28 -30.64 -10.20
N GLU E 365 -31.94 -29.51 -10.81
CA GLU E 365 -32.24 -29.23 -12.21
C GLU E 365 -31.46 -30.14 -13.15
N ALA E 366 -30.17 -30.31 -12.87
CA ALA E 366 -29.32 -31.17 -13.68
C ALA E 366 -29.66 -32.64 -13.50
N THR E 367 -29.89 -33.06 -12.26
CA THR E 367 -30.24 -34.46 -12.01
C THR E 367 -31.63 -34.76 -12.57
N GLU E 368 -32.50 -33.75 -12.60
CA GLU E 368 -33.81 -33.93 -13.21
C GLU E 368 -33.68 -34.03 -14.72
N PHE E 369 -32.70 -33.29 -15.25
CA PHE E 369 -32.35 -33.34 -16.66
C PHE E 369 -31.91 -34.74 -17.05
N VAL E 370 -30.90 -35.26 -16.36
CA VAL E 370 -30.39 -36.59 -16.67
C VAL E 370 -31.47 -37.64 -16.49
N ALA E 371 -32.23 -37.54 -15.40
CA ALA E 371 -33.30 -38.49 -15.13
C ALA E 371 -34.40 -38.49 -16.21
N LYS E 372 -34.71 -37.30 -16.73
CA LYS E 372 -35.71 -37.18 -17.80
C LYS E 372 -35.13 -37.68 -19.12
N LEU E 373 -33.81 -37.58 -19.23
CA LEU E 373 -33.10 -38.04 -20.40
C LEU E 373 -33.09 -39.57 -20.45
N VAL E 374 -32.99 -40.22 -19.29
CA VAL E 374 -33.05 -41.68 -19.23
C VAL E 374 -34.50 -42.17 -19.30
N ARG E 375 -35.42 -41.34 -18.81
CA ARG E 375 -36.85 -41.63 -18.85
C ARG E 375 -37.40 -41.74 -20.29
N HIS E 376 -37.11 -40.74 -21.12
CA HIS E 376 -37.62 -40.72 -22.49
C HIS E 376 -36.63 -41.33 -23.47
N HIS E 377 -35.53 -41.88 -22.96
CA HIS E 377 -34.41 -42.30 -23.80
C HIS E 377 -34.79 -43.27 -24.92
N LEU E 378 -35.88 -44.00 -24.73
CA LEU E 378 -36.35 -44.96 -25.74
C LEU E 378 -37.44 -44.41 -26.66
N ARG E 379 -37.79 -43.13 -26.48
CA ARG E 379 -38.87 -42.51 -27.25
C ARG E 379 -38.61 -42.43 -28.78
N PRO E 380 -37.44 -41.93 -29.20
CA PRO E 380 -37.20 -41.87 -30.64
C PRO E 380 -37.21 -43.23 -31.34
N PHE E 381 -36.93 -44.31 -30.61
CA PHE E 381 -36.95 -45.64 -31.21
C PHE E 381 -38.36 -46.13 -31.49
N PHE E 382 -39.29 -45.74 -30.62
CA PHE E 382 -40.70 -46.06 -30.82
C PHE E 382 -41.29 -45.17 -31.91
N LEU E 383 -40.80 -43.94 -31.99
CA LEU E 383 -41.24 -43.06 -33.08
C LEU E 383 -40.72 -43.55 -34.44
N ARG E 384 -39.48 -44.05 -34.46
CA ARG E 384 -38.90 -44.59 -35.68
C ARG E 384 -39.60 -45.89 -36.07
N GLU E 385 -39.88 -46.73 -35.09
CA GLU E 385 -40.62 -47.96 -35.34
C GLU E 385 -42.03 -47.68 -35.85
N ALA E 386 -42.63 -46.58 -35.39
CA ALA E 386 -43.95 -46.17 -35.86
C ALA E 386 -43.87 -45.56 -37.27
N PHE E 387 -42.73 -44.95 -37.59
CA PHE E 387 -42.51 -44.35 -38.89
C PHE E 387 -42.22 -45.40 -39.97
N LYS E 388 -41.57 -46.50 -39.58
CA LYS E 388 -41.24 -47.57 -40.51
C LYS E 388 -42.49 -48.25 -41.04
N LYS E 389 -43.56 -48.19 -40.24
CA LYS E 389 -44.85 -48.68 -40.66
C LYS E 389 -45.66 -47.55 -41.27
N GLY E 390 -45.06 -46.37 -41.27
CA GLY E 390 -45.73 -45.17 -41.76
C GLY E 390 -46.90 -44.81 -40.88
N GLU E 391 -46.87 -45.27 -39.63
CA GLU E 391 -47.96 -45.02 -38.69
C GLU E 391 -47.70 -43.80 -37.80
N LEU E 392 -46.55 -43.15 -37.98
CA LEU E 392 -46.27 -41.91 -37.28
C LEU E 392 -47.15 -40.81 -37.86
N LYS E 393 -47.90 -40.12 -36.99
CA LYS E 393 -48.77 -39.04 -37.43
C LYS E 393 -48.62 -37.80 -36.55
N ARG E 394 -49.39 -36.76 -36.88
CA ARG E 394 -49.26 -35.46 -36.21
C ARG E 394 -49.44 -35.55 -34.70
N ARG E 395 -50.19 -36.55 -34.25
CA ARG E 395 -50.44 -36.76 -32.83
C ARG E 395 -49.16 -37.13 -32.07
N GLY E 396 -48.42 -38.09 -32.60
CA GLY E 396 -47.18 -38.53 -31.99
C GLY E 396 -46.13 -37.43 -31.93
N MET E 397 -46.11 -36.61 -32.98
CA MET E 397 -45.20 -35.47 -33.07
C MET E 397 -45.57 -34.38 -32.07
N ALA E 398 -46.85 -34.02 -32.04
CA ALA E 398 -47.35 -33.01 -31.11
C ALA E 398 -47.09 -33.43 -29.66
N ASN E 399 -47.36 -34.70 -29.36
CA ASN E 399 -47.03 -35.25 -28.05
C ASN E 399 -45.55 -35.14 -27.75
N PHE E 400 -44.73 -35.56 -28.72
CA PHE E 400 -43.28 -35.52 -28.61
C PHE E 400 -42.76 -34.14 -28.22
N TRP E 401 -43.19 -33.13 -28.96
CA TRP E 401 -42.69 -31.76 -28.74
C TRP E 401 -43.36 -31.04 -27.57
N ARG E 402 -44.58 -31.38 -27.22
CA ARG E 402 -45.11 -30.87 -25.96
C ARG E 402 -44.47 -31.53 -24.75
N GLU E 403 -44.40 -32.85 -24.77
CA GLU E 403 -43.94 -33.55 -23.60
C GLU E 403 -42.51 -33.21 -23.29
N CYS E 404 -41.63 -33.29 -24.29
CA CYS E 404 -40.24 -32.91 -24.12
C CYS E 404 -39.72 -32.27 -25.36
N GLY E 405 -39.62 -30.97 -25.39
CA GLY E 405 -39.07 -30.26 -26.51
C GLY E 405 -37.64 -29.85 -26.26
N ASP E 406 -37.29 -29.77 -24.99
CA ASP E 406 -35.99 -29.25 -24.57
C ASP E 406 -34.90 -30.31 -24.66
N ILE E 407 -35.24 -31.54 -24.32
CA ILE E 407 -34.24 -32.60 -24.36
C ILE E 407 -34.17 -33.25 -25.74
N ALA E 408 -34.95 -32.72 -26.68
CA ALA E 408 -35.03 -33.30 -28.02
C ALA E 408 -33.69 -33.58 -28.74
N PRO E 409 -32.82 -32.57 -28.88
CA PRO E 409 -31.56 -32.89 -29.58
C PRO E 409 -30.68 -33.87 -28.82
N HIS E 410 -30.61 -33.73 -27.50
CA HIS E 410 -29.86 -34.65 -26.66
C HIS E 410 -30.41 -36.06 -26.83
N LEU E 411 -31.73 -36.14 -26.85
CA LEU E 411 -32.42 -37.39 -27.05
C LEU E 411 -32.05 -37.99 -28.41
N PHE E 412 -32.00 -37.16 -29.44
CA PHE E 412 -31.70 -37.63 -30.80
C PHE E 412 -30.27 -38.14 -30.92
N LEU E 413 -29.32 -37.31 -30.48
CA LEU E 413 -27.92 -37.72 -30.47
C LEU E 413 -27.74 -39.03 -29.70
N LEU E 414 -28.33 -39.10 -28.52
CA LEU E 414 -28.21 -40.29 -27.69
C LEU E 414 -28.82 -41.50 -28.36
N SER E 415 -29.93 -41.31 -29.04
CA SER E 415 -30.57 -42.40 -29.75
C SER E 415 -29.73 -42.87 -30.95
N ILE E 416 -29.02 -41.94 -31.57
CA ILE E 416 -28.17 -42.27 -32.72
C ILE E 416 -26.88 -43.00 -32.29
N ALA E 417 -26.29 -42.56 -31.18
CA ALA E 417 -25.11 -43.21 -30.64
C ALA E 417 -25.45 -44.58 -30.07
N ASP E 418 -26.62 -44.68 -29.43
CA ASP E 418 -27.07 -45.98 -28.90
C ASP E 418 -27.39 -46.92 -30.06
N ALA E 419 -27.90 -46.38 -31.15
CA ALA E 419 -28.09 -47.19 -32.35
C ALA E 419 -26.75 -47.64 -32.95
N MET E 420 -25.73 -46.79 -32.85
CA MET E 420 -24.41 -47.14 -33.38
C MET E 420 -23.66 -48.13 -32.49
N ALA E 421 -23.98 -48.15 -31.21
CA ALA E 421 -23.40 -49.12 -30.29
C ALA E 421 -24.12 -50.45 -30.39
N SER E 422 -25.43 -50.41 -30.59
CA SER E 422 -26.21 -51.64 -30.77
C SER E 422 -25.89 -52.31 -32.11
N GLY E 423 -25.18 -51.60 -32.97
CA GLY E 423 -24.82 -52.12 -34.27
C GLY E 423 -26.02 -52.37 -35.14
N ASP E 424 -26.91 -51.37 -35.22
CA ASP E 424 -28.09 -51.47 -36.05
C ASP E 424 -27.69 -51.58 -37.52
N GLU E 425 -28.57 -52.18 -38.33
CA GLU E 425 -28.35 -52.25 -39.77
C GLU E 425 -28.40 -50.83 -40.32
N GLU E 426 -27.67 -50.58 -41.40
CA GLU E 426 -27.59 -49.24 -41.97
C GLU E 426 -28.96 -48.68 -42.37
N GLU E 427 -29.85 -49.56 -42.83
CA GLU E 427 -31.19 -49.17 -43.25
C GLU E 427 -31.99 -48.66 -42.07
N ASP E 428 -31.83 -49.35 -40.94
CA ASP E 428 -32.53 -49.02 -39.71
C ASP E 428 -32.11 -47.65 -39.21
N ILE E 429 -30.81 -47.39 -39.21
CA ILE E 429 -30.23 -46.10 -38.83
C ILE E 429 -30.69 -44.98 -39.76
N LYS E 430 -30.69 -45.27 -41.07
CA LYS E 430 -31.16 -44.31 -42.06
C LYS E 430 -32.62 -43.94 -41.77
N ALA E 431 -33.43 -44.96 -41.49
CA ALA E 431 -34.82 -44.74 -41.09
C ALA E 431 -34.88 -43.83 -39.86
N LEU E 432 -33.98 -44.06 -38.91
CA LEU E 432 -33.93 -43.26 -37.69
C LEU E 432 -33.67 -41.79 -37.99
N MET E 433 -32.62 -41.50 -38.74
CA MET E 433 -32.27 -40.12 -39.09
C MET E 433 -33.35 -39.45 -39.94
N GLU E 434 -34.06 -40.27 -40.71
CA GLU E 434 -35.22 -39.79 -41.48
C GLU E 434 -36.37 -39.42 -40.56
N THR E 435 -36.60 -40.21 -39.51
CA THR E 435 -37.63 -39.92 -38.51
C THR E 435 -37.31 -38.61 -37.83
N ILE E 436 -36.05 -38.50 -37.41
CA ILE E 436 -35.55 -37.30 -36.78
C ILE E 436 -35.80 -36.12 -37.70
N ALA E 437 -35.52 -36.32 -38.99
CA ALA E 437 -35.74 -35.29 -39.99
C ALA E 437 -37.19 -34.85 -40.02
N GLU E 438 -38.09 -35.83 -39.94
CA GLU E 438 -39.53 -35.59 -39.94
C GLU E 438 -39.95 -34.73 -38.75
N LEU E 439 -39.55 -35.14 -37.55
CA LEU E 439 -39.87 -34.40 -36.35
C LEU E 439 -39.33 -32.97 -36.42
N GLU E 440 -38.04 -32.87 -36.74
CA GLU E 440 -37.36 -31.58 -36.87
C GLU E 440 -38.13 -30.65 -37.80
N SER E 441 -38.50 -31.15 -38.97
CA SER E 441 -39.21 -30.36 -39.97
C SER E 441 -40.65 -30.04 -39.51
N PHE E 442 -41.20 -30.89 -38.64
CA PHE E 442 -42.53 -30.66 -38.09
C PHE E 442 -42.53 -29.50 -37.12
N ASN E 443 -41.53 -29.49 -36.23
CA ASN E 443 -41.39 -28.44 -35.24
C ASN E 443 -40.97 -27.16 -35.94
N ARG E 444 -40.24 -27.33 -37.02
CA ARG E 444 -39.58 -26.26 -37.69
C ARG E 444 -40.70 -25.31 -37.98
N ASN E 445 -41.61 -25.74 -38.83
CA ASN E 445 -42.65 -24.86 -39.35
C ASN E 445 -44.07 -25.10 -38.91
N GLU E 446 -44.45 -26.35 -38.94
CA GLU E 446 -45.81 -26.70 -38.73
C GLU E 446 -46.07 -26.42 -37.29
N MET E 447 -45.03 -26.11 -36.55
CA MET E 447 -45.20 -25.67 -35.17
C MET E 447 -44.91 -24.17 -34.98
N LYS E 448 -45.96 -23.40 -34.73
CA LYS E 448 -45.85 -21.95 -34.56
C LYS E 448 -46.27 -21.53 -33.16
N UNK E 472 -64.76 -21.79 -10.19
CA UNK E 472 -64.66 -22.95 -11.07
C UNK E 472 -63.31 -23.03 -11.75
N UNK E 473 -62.34 -23.61 -11.05
CA UNK E 473 -60.97 -23.72 -11.57
C UNK E 473 -60.91 -24.56 -12.84
N UNK E 474 -61.69 -25.63 -12.88
CA UNK E 474 -61.68 -26.56 -14.01
C UNK E 474 -62.12 -25.89 -15.31
N UNK E 475 -63.13 -25.03 -15.23
CA UNK E 475 -63.70 -24.40 -16.42
C UNK E 475 -62.68 -23.55 -17.18
N UNK E 476 -61.85 -22.80 -16.45
CA UNK E 476 -60.82 -21.98 -17.08
C UNK E 476 -59.81 -22.85 -17.82
N UNK E 477 -59.47 -23.98 -17.20
CA UNK E 477 -58.53 -24.94 -17.78
C UNK E 477 -59.05 -25.49 -19.11
N UNK E 478 -60.29 -25.96 -19.11
CA UNK E 478 -60.92 -26.46 -20.33
C UNK E 478 -61.15 -25.33 -21.33
N UNK E 479 -61.31 -24.11 -20.81
CA UNK E 479 -61.49 -22.93 -21.67
C UNK E 479 -60.21 -22.63 -22.46
N UNK E 480 -59.09 -22.62 -21.77
CA UNK E 480 -57.79 -22.42 -22.42
C UNK E 480 -57.47 -23.58 -23.36
N UNK E 481 -57.79 -24.80 -22.93
CA UNK E 481 -57.52 -25.99 -23.74
C UNK E 481 -58.30 -25.98 -25.06
N UNK E 482 -59.60 -25.69 -24.96
CA UNK E 482 -60.45 -25.63 -26.15
C UNK E 482 -60.14 -24.42 -27.02
N UNK E 483 -59.70 -23.34 -26.40
CA UNK E 483 -59.25 -22.16 -27.16
C UNK E 483 -58.01 -22.50 -27.96
N UNK E 484 -57.12 -23.28 -27.35
CA UNK E 484 -55.90 -23.74 -28.00
C UNK E 484 -56.21 -24.74 -29.11
N UNK E 485 -57.25 -25.55 -28.91
CA UNK E 485 -57.66 -26.50 -29.93
C UNK E 485 -58.35 -25.79 -31.10
N UNK E 486 -58.97 -24.66 -30.80
CA UNK E 486 -59.66 -23.86 -31.82
C UNK E 486 -58.69 -23.01 -32.63
N UNK E 487 -57.62 -22.56 -31.99
CA UNK E 487 -56.59 -21.76 -32.66
C UNK E 487 -55.88 -22.57 -33.74
N UNK E 488 -55.83 -23.88 -33.56
CA UNK E 488 -55.17 -24.77 -34.51
C UNK E 488 -55.98 -24.93 -35.79
N UNK E 491 -63.88 -14.36 -29.94
CA UNK E 491 -65.25 -14.70 -30.32
C UNK E 491 -66.08 -15.06 -29.09
N UNK E 492 -67.01 -14.19 -28.72
CA UNK E 492 -67.86 -14.38 -27.55
C UNK E 492 -68.85 -15.53 -27.76
N UNK E 493 -69.22 -15.76 -29.01
CA UNK E 493 -70.09 -16.87 -29.37
C UNK E 493 -69.36 -18.20 -29.19
N UNK E 494 -68.05 -18.18 -29.41
CA UNK E 494 -67.22 -19.37 -29.23
C UNK E 494 -67.13 -19.70 -27.74
N UNK E 495 -67.03 -18.65 -26.93
CA UNK E 495 -66.95 -18.80 -25.48
C UNK E 495 -68.27 -19.31 -24.92
N UNK E 496 -69.37 -18.72 -25.37
CA UNK E 496 -70.70 -19.16 -24.95
C UNK E 496 -70.96 -20.60 -25.37
N UNK E 497 -70.53 -20.96 -26.58
CA UNK E 497 -70.69 -22.31 -27.08
C UNK E 497 -69.84 -23.29 -26.29
N UNK E 498 -68.66 -22.84 -25.87
CA UNK E 498 -67.78 -23.64 -25.04
C UNK E 498 -68.43 -23.89 -23.68
N UNK E 499 -69.04 -22.85 -23.15
CA UNK E 499 -69.72 -22.92 -21.85
C UNK E 499 -70.91 -23.87 -21.93
N UNK E 500 -71.63 -23.83 -23.05
CA UNK E 500 -72.78 -24.70 -23.27
C UNK E 500 -72.35 -26.14 -23.44
N UNK E 501 -71.23 -26.36 -24.14
CA UNK E 501 -70.71 -27.70 -24.35
C UNK E 501 -70.18 -28.30 -23.06
N UNK E 502 -69.64 -27.45 -22.19
CA UNK E 502 -69.09 -27.90 -20.91
C UNK E 502 -70.17 -28.17 -19.87
N UNK E 503 -71.19 -27.31 -19.84
CA UNK E 503 -72.27 -27.46 -18.87
C UNK E 503 -73.19 -28.63 -19.22
N UNK E 504 -73.43 -28.82 -20.52
CA UNK E 504 -74.29 -29.91 -20.99
C UNK E 504 -73.48 -31.17 -21.25
N UNK F 5 -12.09 -42.35 -61.39
CA UNK F 5 -12.98 -42.97 -60.41
C UNK F 5 -12.21 -43.81 -59.39
N UNK F 6 -12.64 -43.73 -58.12
CA UNK F 6 -12.07 -44.53 -57.02
C UNK F 6 -13.14 -44.80 -55.96
N UNK F 7 -12.90 -45.77 -55.09
CA UNK F 7 -13.89 -46.14 -54.07
C UNK F 7 -13.74 -45.36 -52.76
N LEU F 17 -22.88 -42.11 -45.37
CA LEU F 17 -22.61 -42.09 -43.93
C LEU F 17 -21.25 -41.47 -43.63
N ASN F 18 -20.35 -41.50 -44.61
CA ASN F 18 -19.06 -40.85 -44.47
C ASN F 18 -19.20 -39.36 -44.74
N PHE F 19 -19.84 -39.04 -45.86
CA PHE F 19 -20.01 -37.65 -46.27
C PHE F 19 -21.36 -37.10 -45.81
N TYR F 20 -22.07 -37.90 -45.05
CA TYR F 20 -23.45 -37.57 -44.66
C TYR F 20 -23.60 -36.21 -44.05
N LEU F 21 -24.62 -35.49 -44.52
CA LEU F 21 -25.06 -34.27 -43.88
C LEU F 21 -26.56 -34.37 -43.74
N SER F 22 -27.07 -33.82 -42.66
CA SER F 22 -28.49 -33.92 -42.31
C SER F 22 -29.36 -33.35 -43.42
N TYR F 23 -28.89 -32.26 -44.03
CA TYR F 23 -29.66 -31.50 -45.01
C TYR F 23 -29.67 -32.11 -46.41
N PHE F 24 -28.73 -33.01 -46.68
CA PHE F 24 -28.72 -33.70 -47.96
C PHE F 24 -29.99 -34.53 -48.13
N ASP F 25 -30.65 -34.87 -47.02
CA ASP F 25 -31.93 -35.57 -47.07
C ASP F 25 -33.04 -34.63 -47.53
N ASP F 26 -32.97 -33.37 -47.09
CA ASP F 26 -33.90 -32.35 -47.56
C ASP F 26 -33.69 -32.03 -49.04
N VAL F 27 -32.42 -31.95 -49.44
CA VAL F 27 -32.07 -31.71 -50.84
C VAL F 27 -32.50 -32.87 -51.75
N ALA F 28 -32.24 -34.09 -51.32
CA ALA F 28 -32.70 -35.26 -52.06
C ALA F 28 -34.23 -35.30 -52.10
N LYS F 29 -34.87 -34.81 -51.05
CA LYS F 29 -36.34 -34.80 -51.01
C LYS F 29 -36.95 -33.70 -51.89
N VAL F 30 -36.19 -32.64 -52.14
CA VAL F 30 -36.58 -31.60 -53.09
C VAL F 30 -36.39 -32.10 -54.52
N LEU F 31 -35.14 -32.42 -54.84
CA LEU F 31 -34.72 -32.84 -56.17
C LEU F 31 -35.57 -33.92 -56.79
N PRO F 32 -36.00 -33.71 -58.06
CA PRO F 32 -36.79 -34.70 -58.78
C PRO F 32 -36.07 -36.04 -58.89
N ARG F 33 -36.84 -37.11 -59.10
CA ARG F 33 -36.29 -38.47 -59.13
C ARG F 33 -35.61 -38.78 -60.46
N GLU F 34 -35.92 -37.98 -61.47
CA GLU F 34 -35.27 -38.12 -62.76
C GLU F 34 -34.00 -37.28 -62.86
N HIS F 35 -33.83 -36.34 -61.93
CA HIS F 35 -32.68 -35.44 -61.94
C HIS F 35 -31.61 -35.88 -60.96
N TYR F 36 -30.36 -35.65 -61.34
CA TYR F 36 -29.21 -36.08 -60.53
C TYR F 36 -28.43 -34.88 -60.00
N CYS F 37 -27.92 -35.01 -58.78
CA CYS F 37 -27.15 -33.94 -58.16
C CYS F 37 -25.88 -34.48 -57.52
N PHE F 38 -24.77 -33.77 -57.70
CA PHE F 38 -23.50 -34.20 -57.15
C PHE F 38 -22.95 -33.19 -56.16
N ILE F 39 -22.06 -33.67 -55.30
CA ILE F 39 -21.42 -32.82 -54.31
C ILE F 39 -19.95 -32.73 -54.65
N VAL F 40 -19.45 -31.50 -54.82
CA VAL F 40 -18.07 -31.35 -55.27
C VAL F 40 -17.27 -30.43 -54.36
N GLY F 41 -15.96 -30.61 -54.38
CA GLY F 41 -15.03 -29.68 -53.78
C GLY F 41 -14.96 -29.66 -52.25
N GLY F 42 -14.99 -28.46 -51.69
CA GLY F 42 -14.59 -28.23 -50.31
C GLY F 42 -15.19 -29.15 -49.28
N TRP F 43 -16.42 -29.58 -49.49
CA TRP F 43 -17.04 -30.50 -48.54
C TRP F 43 -16.31 -31.82 -48.56
N VAL F 44 -16.17 -32.37 -49.75
CA VAL F 44 -15.55 -33.67 -49.89
C VAL F 44 -14.09 -33.57 -49.47
N ARG F 45 -13.44 -32.46 -49.82
CA ARG F 45 -12.02 -32.26 -49.53
C ARG F 45 -11.73 -32.12 -48.03
N ASP F 46 -12.47 -31.25 -47.33
CA ASP F 46 -12.34 -31.15 -45.88
C ASP F 46 -12.68 -32.47 -45.20
N ARG F 47 -13.57 -33.25 -45.80
CA ARG F 47 -13.95 -34.51 -45.19
C ARG F 47 -12.93 -35.62 -45.37
N ILE F 48 -12.28 -35.67 -46.53
CA ILE F 48 -11.20 -36.62 -46.77
C ILE F 48 -10.03 -36.27 -45.88
N LEU F 49 -9.79 -34.97 -45.70
CA LEU F 49 -8.64 -34.50 -44.92
C LEU F 49 -8.72 -34.91 -43.46
N GLY F 50 -9.92 -35.29 -43.02
CA GLY F 50 -10.13 -35.74 -41.65
C GLY F 50 -10.54 -34.60 -40.75
N GLU F 51 -10.65 -33.42 -41.34
CA GLU F 51 -11.02 -32.23 -40.59
C GLU F 51 -12.42 -32.33 -40.03
N PRO F 52 -12.56 -32.00 -38.74
CA PRO F 52 -13.87 -32.03 -38.09
C PRO F 52 -14.79 -30.98 -38.68
N VAL F 53 -16.07 -31.32 -38.79
CA VAL F 53 -17.06 -30.40 -39.31
C VAL F 53 -17.26 -29.28 -38.29
N GLY F 54 -17.06 -28.06 -38.75
CA GLY F 54 -17.04 -26.90 -37.87
C GLY F 54 -18.33 -26.10 -37.92
N TYR F 55 -18.27 -24.87 -37.46
CA TYR F 55 -19.46 -24.05 -37.34
C TYR F 55 -19.88 -23.45 -38.68
N ASN F 56 -18.90 -23.33 -39.59
CA ASN F 56 -19.15 -22.89 -40.94
C ASN F 56 -19.16 -24.07 -41.91
N ILE F 57 -20.33 -24.37 -42.45
CA ILE F 57 -20.46 -25.48 -43.39
C ILE F 57 -20.75 -24.99 -44.79
N ASP F 58 -19.83 -25.25 -45.69
CA ASP F 58 -19.97 -24.82 -47.07
C ASP F 58 -20.15 -26.06 -47.97
N VAL F 59 -21.26 -26.13 -48.70
CA VAL F 59 -21.50 -27.26 -49.60
C VAL F 59 -21.71 -26.85 -51.05
N ASP F 60 -21.02 -27.51 -51.98
CA ASP F 60 -21.15 -27.21 -53.41
C ASP F 60 -21.83 -28.32 -54.23
N PHE F 61 -22.76 -27.91 -55.09
CA PHE F 61 -23.59 -28.85 -55.86
C PHE F 61 -23.58 -28.67 -57.37
N LEU F 62 -23.63 -29.80 -58.08
CA LEU F 62 -23.86 -29.81 -59.52
C LEU F 62 -25.11 -30.60 -59.86
N THR F 63 -26.17 -29.91 -60.28
CA THR F 63 -27.47 -30.54 -60.52
C THR F 63 -27.94 -30.46 -61.97
N THR F 64 -28.63 -31.50 -62.41
CA THR F 64 -29.15 -31.55 -63.77
C THR F 64 -30.44 -30.75 -63.87
N ALA F 65 -31.04 -30.48 -62.73
CA ALA F 65 -32.29 -29.73 -62.67
C ALA F 65 -32.05 -28.23 -62.66
N ASP F 66 -33.11 -27.47 -62.40
CA ASP F 66 -33.03 -26.02 -62.29
C ASP F 66 -32.58 -25.62 -60.89
N PRO F 67 -31.37 -25.03 -60.79
CA PRO F 67 -30.77 -24.60 -59.52
C PRO F 67 -31.63 -23.59 -58.78
N VAL F 68 -32.24 -22.66 -59.52
CA VAL F 68 -33.05 -21.60 -58.91
C VAL F 68 -34.28 -22.17 -58.23
N GLU F 69 -35.07 -22.92 -58.99
CA GLU F 69 -36.26 -23.57 -58.47
C GLU F 69 -35.91 -24.52 -57.33
N LEU F 70 -34.94 -25.40 -57.58
CA LEU F 70 -34.50 -26.41 -56.60
C LEU F 70 -34.12 -25.74 -55.29
N ALA F 71 -33.16 -24.82 -55.34
CA ALA F 71 -32.70 -24.10 -54.18
C ALA F 71 -33.84 -23.35 -53.50
N LYS F 72 -34.82 -22.90 -54.28
CA LYS F 72 -35.96 -22.21 -53.71
C LYS F 72 -36.81 -23.16 -52.87
N ASN F 73 -37.03 -24.37 -53.37
CA ASN F 73 -37.78 -25.38 -52.63
C ASN F 73 -37.04 -25.87 -51.38
N PHE F 74 -35.73 -26.00 -51.51
CA PHE F 74 -34.88 -26.44 -50.40
C PHE F 74 -34.91 -25.39 -49.29
N ALA F 75 -34.68 -24.14 -49.66
CA ALA F 75 -34.74 -23.03 -48.71
C ALA F 75 -36.15 -22.85 -48.13
N LYS F 76 -37.15 -23.31 -48.88
CA LYS F 76 -38.53 -23.26 -48.41
C LYS F 76 -38.80 -24.38 -47.41
N ARG F 77 -38.11 -25.50 -47.57
CA ARG F 77 -38.25 -26.64 -46.66
C ARG F 77 -37.62 -26.38 -45.29
N ILE F 78 -36.36 -25.95 -45.31
CA ILE F 78 -35.60 -25.74 -44.09
C ILE F 78 -35.78 -24.32 -43.58
N GLY F 79 -36.59 -23.53 -44.29
CA GLY F 79 -36.78 -22.14 -43.94
C GLY F 79 -35.47 -21.38 -44.03
N GLY F 80 -34.71 -21.65 -45.10
CA GLY F 80 -33.49 -20.93 -45.38
C GLY F 80 -33.71 -19.76 -46.33
N HIS F 81 -32.85 -18.75 -46.22
CA HIS F 81 -32.90 -17.61 -47.13
C HIS F 81 -32.33 -18.03 -48.47
N PHE F 82 -32.83 -17.46 -49.55
CA PHE F 82 -32.40 -17.90 -50.88
C PHE F 82 -32.06 -16.73 -51.81
N PHE F 83 -30.99 -16.88 -52.59
CA PHE F 83 -30.63 -15.82 -53.54
C PHE F 83 -29.93 -16.36 -54.79
N VAL F 84 -30.05 -15.65 -55.91
CA VAL F 84 -29.35 -16.04 -57.14
C VAL F 84 -28.26 -15.05 -57.58
N PHE F 85 -27.23 -15.57 -58.24
CA PHE F 85 -26.18 -14.72 -58.80
C PHE F 85 -25.41 -15.41 -59.94
N GLU F 86 -24.76 -14.61 -60.79
CA GLU F 86 -23.99 -15.14 -61.92
C GLU F 86 -22.51 -15.32 -61.57
N PRO F 95 -21.56 -19.53 -64.86
CA PRO F 95 -22.96 -19.39 -65.27
C PRO F 95 -23.83 -18.86 -64.15
N THR F 96 -25.15 -18.85 -64.35
CA THR F 96 -26.08 -18.40 -63.33
C THR F 96 -26.30 -19.51 -62.29
N ILE F 97 -25.93 -19.23 -61.05
CA ILE F 97 -26.08 -20.20 -59.97
C ILE F 97 -26.93 -19.70 -58.80
N ALA F 98 -27.39 -20.64 -57.97
CA ALA F 98 -28.33 -20.35 -56.89
C ALA F 98 -27.71 -20.67 -55.54
N SER F 99 -28.24 -20.07 -54.48
CA SER F 99 -27.67 -20.27 -53.15
C SER F 99 -28.72 -20.26 -52.06
N VAL F 100 -28.45 -21.04 -51.03
CA VAL F 100 -29.29 -21.06 -49.84
C VAL F 100 -28.42 -20.83 -48.61
N VAL F 101 -28.71 -19.76 -47.89
CA VAL F 101 -27.97 -19.41 -46.69
C VAL F 101 -28.83 -19.61 -45.45
N LEU F 102 -28.27 -20.28 -44.45
CA LEU F 102 -28.92 -20.39 -43.15
C LEU F 102 -27.97 -19.88 -42.08
N HIS F 103 -28.44 -18.93 -41.27
CA HIS F 103 -27.63 -18.32 -40.25
C HIS F 103 -28.35 -18.20 -38.90
N LEU F 104 -27.84 -18.91 -37.89
CA LEU F 104 -28.17 -18.62 -36.49
C LEU F 104 -26.84 -18.52 -35.73
N PRO F 105 -26.87 -18.20 -34.42
CA PRO F 105 -25.53 -17.95 -33.84
C PRO F 105 -24.51 -19.09 -33.91
N PRO F 106 -24.87 -20.34 -33.55
CA PRO F 106 -23.77 -21.33 -33.54
C PRO F 106 -23.24 -21.78 -34.91
N TYR F 107 -24.06 -21.79 -35.95
CA TYR F 107 -23.66 -22.40 -37.23
C TYR F 107 -24.10 -21.62 -38.47
N ARG F 108 -23.28 -21.64 -39.50
CA ARG F 108 -23.60 -20.96 -40.77
C ARG F 108 -23.48 -21.90 -41.98
N TYR F 109 -24.62 -22.21 -42.59
CA TYR F 109 -24.68 -23.11 -43.74
C TYR F 109 -24.82 -22.35 -45.06
N ARG F 110 -23.95 -22.65 -46.01
CA ARG F 110 -24.09 -22.08 -47.34
C ARG F 110 -24.15 -23.19 -48.39
N PHE F 111 -25.27 -23.31 -49.08
CA PHE F 111 -25.43 -24.31 -50.14
C PHE F 111 -25.43 -23.66 -51.52
N ASP F 112 -24.41 -23.96 -52.31
CA ASP F 112 -24.30 -23.39 -53.65
C ASP F 112 -24.74 -24.39 -54.73
N PHE F 113 -25.87 -24.12 -55.38
CA PHE F 113 -26.38 -24.97 -56.44
C PHE F 113 -26.02 -24.48 -57.84
N SER F 114 -25.25 -25.31 -58.55
CA SER F 114 -24.78 -24.99 -59.89
C SER F 114 -25.38 -25.98 -60.89
N PRO F 115 -25.63 -25.52 -62.14
CA PRO F 115 -26.21 -26.35 -63.21
C PRO F 115 -25.22 -27.34 -63.79
N LEU F 116 -25.70 -28.54 -64.08
CA LEU F 116 -24.90 -29.56 -64.73
C LEU F 116 -25.73 -30.20 -65.82
N LYS F 117 -25.31 -30.03 -67.06
CA LYS F 117 -26.12 -30.43 -68.19
C LYS F 117 -25.25 -31.08 -69.24
N GLY F 118 -25.80 -32.09 -69.91
CA GLY F 118 -25.09 -32.73 -70.99
C GLY F 118 -25.82 -33.89 -71.62
N LYS F 119 -25.42 -34.23 -72.84
CA LYS F 119 -25.95 -35.40 -73.53
C LYS F 119 -25.36 -36.66 -72.90
N ASP F 120 -24.33 -36.46 -72.09
CA ASP F 120 -23.76 -37.54 -71.29
C ASP F 120 -23.44 -36.99 -69.91
N LEU F 121 -24.02 -37.60 -68.88
CA LEU F 121 -23.88 -37.10 -67.52
C LEU F 121 -22.45 -37.20 -66.98
N GLU F 122 -21.89 -38.41 -66.96
CA GLU F 122 -20.55 -38.63 -66.42
C GLU F 122 -19.48 -37.90 -67.24
N LYS F 123 -19.75 -37.74 -68.53
CA LYS F 123 -18.87 -37.00 -69.43
C LYS F 123 -18.83 -35.52 -69.04
N ALA F 124 -20.00 -34.95 -68.75
CA ALA F 124 -20.11 -33.54 -68.38
C ALA F 124 -19.63 -33.29 -66.96
N LEU F 125 -19.75 -34.31 -66.13
CA LEU F 125 -19.16 -34.28 -64.80
C LEU F 125 -17.65 -34.20 -64.92
N ILE F 126 -17.05 -35.13 -65.67
CA ILE F 126 -15.60 -35.14 -65.85
C ILE F 126 -15.09 -33.83 -66.47
N GLU F 127 -15.76 -33.41 -67.54
CA GLU F 127 -15.47 -32.15 -68.20
C GLU F 127 -15.49 -30.98 -67.21
N ASP F 128 -16.48 -30.97 -66.32
CA ASP F 128 -16.55 -29.92 -65.29
C ASP F 128 -15.41 -30.01 -64.26
N LEU F 129 -15.10 -31.21 -63.82
CA LEU F 129 -14.08 -31.42 -62.79
C LEU F 129 -12.67 -31.14 -63.30
N LYS F 130 -12.49 -31.25 -64.61
CA LYS F 130 -11.17 -31.03 -65.20
C LYS F 130 -10.86 -29.54 -65.30
N GLU F 131 -11.90 -28.71 -65.24
CA GLU F 131 -11.74 -27.28 -65.38
C GLU F 131 -11.54 -26.60 -64.04
N ARG F 132 -11.68 -27.35 -62.96
CA ARG F 132 -11.61 -26.79 -61.62
C ARG F 132 -10.19 -26.48 -61.15
N ASP F 133 -10.10 -25.59 -60.16
CA ASP F 133 -8.81 -25.02 -59.78
C ASP F 133 -7.79 -26.06 -59.31
N PHE F 134 -8.11 -26.75 -58.22
CA PHE F 134 -7.14 -27.59 -57.52
C PHE F 134 -7.64 -29.01 -57.32
N THR F 135 -6.74 -29.98 -57.45
CA THR F 135 -7.11 -31.39 -57.36
C THR F 135 -7.96 -31.64 -56.13
N ALA F 136 -7.66 -30.93 -55.05
CA ALA F 136 -8.47 -31.00 -53.85
C ALA F 136 -9.93 -30.61 -54.11
N ASN F 137 -10.16 -29.66 -55.01
CA ASN F 137 -11.52 -29.23 -55.33
C ASN F 137 -12.21 -30.10 -56.39
N ALA F 138 -11.44 -30.94 -57.07
CA ALA F 138 -11.94 -31.64 -58.25
C ALA F 138 -12.57 -33.01 -57.96
N ILE F 139 -12.62 -33.38 -56.68
CA ILE F 139 -13.20 -34.63 -56.24
C ILE F 139 -14.70 -34.47 -56.06
N ALA F 140 -15.50 -35.24 -56.80
CA ALA F 140 -16.95 -35.16 -56.69
C ALA F 140 -17.57 -36.48 -56.22
N VAL F 141 -18.74 -36.42 -55.62
CA VAL F 141 -19.46 -37.61 -55.19
C VAL F 141 -20.93 -37.49 -55.54
N ASN F 142 -21.66 -38.59 -55.38
CA ASN F 142 -23.07 -38.60 -55.75
C ASN F 142 -24.03 -38.45 -54.58
N LEU F 143 -25.09 -37.68 -54.80
CA LEU F 143 -26.09 -37.40 -53.78
C LEU F 143 -26.78 -38.65 -53.24
N ASP F 144 -26.92 -39.68 -54.09
CA ASP F 144 -27.54 -40.92 -53.63
C ASP F 144 -26.58 -41.73 -52.76
N ASP F 145 -25.30 -41.65 -53.08
CA ASP F 145 -24.29 -42.50 -52.42
C ASP F 145 -23.86 -41.96 -51.06
N VAL F 146 -24.24 -40.72 -50.78
CA VAL F 146 -23.87 -40.07 -49.53
C VAL F 146 -24.71 -40.50 -48.33
N LEU F 147 -26.03 -40.50 -48.52
CA LEU F 147 -26.97 -40.68 -47.41
C LEU F 147 -26.88 -42.07 -46.78
N THR F 154 -19.75 -45.70 -51.52
CA THR F 154 -19.21 -44.37 -51.75
C THR F 154 -18.29 -44.33 -52.97
N ILE F 155 -18.90 -44.08 -54.13
CA ILE F 155 -18.16 -43.93 -55.37
C ILE F 155 -17.92 -42.45 -55.69
N VAL F 156 -16.65 -42.11 -55.92
CA VAL F 156 -16.26 -40.73 -56.15
C VAL F 156 -15.72 -40.58 -57.56
N TYR F 157 -15.75 -39.36 -58.08
CA TYR F 157 -15.14 -39.05 -59.37
C TYR F 157 -14.00 -38.08 -59.17
N ASP F 158 -12.76 -38.52 -59.40
CA ASP F 158 -11.65 -37.58 -59.39
C ASP F 158 -10.74 -37.82 -60.60
N PRO F 159 -11.08 -37.19 -61.73
CA PRO F 159 -10.28 -37.29 -62.96
C PRO F 159 -8.95 -36.58 -62.79
N THR F 160 -8.87 -35.71 -61.80
CA THR F 160 -7.62 -35.01 -61.50
C THR F 160 -6.82 -35.77 -60.45
N GLY F 161 -7.42 -36.80 -59.88
CA GLY F 161 -6.74 -37.59 -58.87
C GLY F 161 -6.46 -36.77 -57.63
N GLY F 162 -7.52 -36.22 -57.06
CA GLY F 162 -7.40 -35.45 -55.85
C GLY F 162 -6.85 -36.30 -54.73
N ILE F 163 -7.34 -37.52 -54.61
CA ILE F 163 -7.04 -38.37 -53.48
C ILE F 163 -5.55 -38.70 -53.38
N LYS F 164 -4.95 -38.98 -54.53
CA LYS F 164 -3.53 -39.27 -54.59
C LYS F 164 -2.72 -38.10 -54.04
N ASP F 165 -3.12 -36.90 -54.43
CA ASP F 165 -2.46 -35.69 -53.95
C ASP F 165 -2.64 -35.50 -52.43
N LEU F 166 -3.89 -35.57 -51.99
CA LEU F 166 -4.21 -35.34 -50.58
C LEU F 166 -3.48 -36.31 -49.67
N GLU F 167 -3.42 -37.57 -50.09
CA GLU F 167 -2.76 -38.60 -49.29
C GLU F 167 -1.26 -38.36 -49.15
N GLN F 168 -0.68 -37.69 -50.14
CA GLN F 168 0.73 -37.31 -50.05
C GLN F 168 0.85 -35.97 -49.33
N GLY F 169 -0.29 -35.33 -49.11
CA GLY F 169 -0.31 -34.03 -48.46
C GLY F 169 0.33 -32.98 -49.35
N LEU F 170 -0.09 -32.94 -50.60
CA LEU F 170 0.41 -31.96 -51.55
C LEU F 170 -0.73 -31.33 -52.32
N LEU F 171 -0.68 -30.01 -52.45
CA LEU F 171 -1.72 -29.28 -53.15
C LEU F 171 -1.24 -28.92 -54.55
N ARG F 172 -1.78 -29.65 -55.52
CA ARG F 172 -1.39 -29.50 -56.90
C ARG F 172 -2.57 -29.02 -57.73
N PRO F 173 -2.43 -27.85 -58.36
CA PRO F 173 -3.47 -27.31 -59.24
C PRO F 173 -3.70 -28.28 -60.38
N VAL F 174 -4.90 -28.30 -60.95
CA VAL F 174 -5.16 -29.23 -62.03
C VAL F 174 -4.30 -28.88 -63.23
N SER F 175 -4.37 -27.63 -63.66
CA SER F 175 -3.56 -27.16 -64.76
C SER F 175 -3.22 -25.70 -64.58
N ILE F 176 -2.04 -25.31 -65.02
CA ILE F 176 -1.62 -23.92 -64.94
C ILE F 176 -2.56 -23.02 -65.76
N GLU F 177 -3.20 -23.59 -66.79
CA GLU F 177 -4.17 -22.84 -67.59
C GLU F 177 -5.44 -22.45 -66.81
N ASN F 178 -5.87 -23.31 -65.90
CA ASN F 178 -7.00 -23.00 -65.04
C ASN F 178 -6.63 -21.95 -64.01
N LEU F 179 -5.33 -21.81 -63.77
CA LEU F 179 -4.81 -20.76 -62.90
C LEU F 179 -4.73 -19.42 -63.64
N LYS F 180 -4.30 -19.43 -64.90
CA LYS F 180 -4.28 -18.21 -65.68
C LYS F 180 -5.69 -17.82 -66.13
N ARG F 181 -6.62 -18.76 -65.99
CA ARG F 181 -8.01 -18.53 -66.35
C ARG F 181 -8.61 -17.56 -65.35
N ASP F 182 -8.49 -17.90 -64.07
CA ASP F 182 -8.99 -17.08 -62.99
C ASP F 182 -7.86 -16.87 -61.98
N PRO F 183 -7.04 -15.84 -62.24
CA PRO F 183 -5.77 -15.55 -61.56
C PRO F 183 -5.85 -15.44 -60.04
N VAL F 184 -6.97 -14.98 -59.47
CA VAL F 184 -7.08 -14.83 -58.01
C VAL F 184 -6.82 -16.16 -57.32
N ARG F 185 -6.98 -17.25 -58.05
CA ARG F 185 -6.74 -18.59 -57.55
C ARG F 185 -5.30 -18.77 -57.04
N VAL F 186 -4.35 -18.06 -57.63
CA VAL F 186 -2.96 -18.12 -57.19
C VAL F 186 -2.80 -17.59 -55.77
N LEU F 187 -3.80 -16.88 -55.26
CA LEU F 187 -3.84 -16.55 -53.85
C LEU F 187 -4.40 -17.72 -53.02
N ARG F 188 -5.50 -18.29 -53.49
CA ARG F 188 -6.15 -19.39 -52.79
C ARG F 188 -5.16 -20.52 -52.60
N GLY F 189 -4.39 -20.77 -53.65
CA GLY F 189 -3.37 -21.79 -53.63
C GLY F 189 -2.49 -21.67 -52.40
N PHE F 190 -2.13 -20.45 -52.03
CA PHE F 190 -1.35 -20.27 -50.82
C PHE F 190 -2.21 -20.60 -49.62
N ARG F 191 -3.35 -19.90 -49.52
CA ARG F 191 -4.21 -19.96 -48.32
C ARG F 191 -4.64 -21.38 -47.95
N ILE F 192 -5.28 -22.07 -48.88
CA ILE F 192 -5.70 -23.44 -48.67
C ILE F 192 -4.51 -24.24 -48.17
N ALA F 193 -3.36 -24.08 -48.85
CA ALA F 193 -2.16 -24.85 -48.52
C ALA F 193 -1.75 -24.64 -47.08
N ILE F 194 -1.93 -23.42 -46.59
CA ILE F 194 -1.58 -23.14 -45.22
C ILE F 194 -2.70 -23.59 -44.30
N GLU F 195 -3.94 -23.36 -44.74
CA GLU F 195 -5.13 -23.59 -43.94
C GLU F 195 -5.32 -25.06 -43.63
N LYS F 196 -5.18 -25.90 -44.65
CA LYS F 196 -5.31 -27.34 -44.49
C LYS F 196 -3.96 -27.98 -44.20
N ASN F 197 -2.94 -27.15 -44.05
CA ASN F 197 -1.55 -27.58 -43.85
C ASN F 197 -1.06 -28.53 -44.94
N LEU F 198 -0.98 -27.98 -46.15
CA LEU F 198 -0.53 -28.73 -47.32
C LEU F 198 0.68 -28.03 -47.91
N GLN F 199 1.41 -28.76 -48.74
CA GLN F 199 2.56 -28.20 -49.41
C GLN F 199 2.28 -28.03 -50.89
N LEU F 200 2.50 -26.83 -51.41
CA LEU F 200 2.31 -26.57 -52.83
C LEU F 200 3.34 -27.31 -53.68
N THR F 201 2.91 -27.74 -54.87
CA THR F 201 3.79 -28.46 -55.77
C THR F 201 4.75 -27.51 -56.48
N GLU F 202 5.65 -28.07 -57.28
CA GLU F 202 6.71 -27.28 -57.91
C GLU F 202 6.22 -26.44 -59.09
N ASP F 203 5.29 -26.99 -59.87
CA ASP F 203 4.74 -26.29 -61.03
C ASP F 203 4.05 -24.99 -60.64
N PHE F 204 3.39 -25.00 -59.49
CA PHE F 204 2.70 -23.81 -59.00
C PHE F 204 3.71 -22.72 -58.68
N TYR F 205 4.71 -23.06 -57.87
CA TYR F 205 5.77 -22.12 -57.52
C TYR F 205 6.44 -21.57 -58.77
N GLU F 206 6.60 -22.44 -59.76
CA GLU F 206 7.17 -22.02 -61.03
C GLU F 206 6.28 -20.97 -61.69
N PHE F 207 4.99 -21.27 -61.81
CA PHE F 207 4.05 -20.32 -62.41
C PHE F 207 3.98 -19.00 -61.66
N VAL F 208 4.17 -19.02 -60.34
CA VAL F 208 4.21 -17.75 -59.63
C VAL F 208 5.46 -17.02 -60.06
N LYS F 209 6.57 -17.75 -60.17
CA LYS F 209 7.81 -17.11 -60.63
C LYS F 209 7.73 -16.53 -62.05
N GLU F 210 6.89 -17.12 -62.90
CA GLU F 210 6.70 -16.64 -64.26
C GLU F 210 6.21 -15.19 -64.31
N ASP F 211 4.97 -14.98 -63.89
CA ASP F 211 4.41 -13.63 -63.83
C ASP F 211 3.64 -13.40 -62.53
N PRO F 212 4.35 -12.95 -61.49
CA PRO F 212 3.79 -12.62 -60.18
C PRO F 212 2.67 -11.58 -60.20
N ARG F 213 2.59 -10.79 -61.27
CA ARG F 213 1.65 -9.68 -61.33
C ARG F 213 0.24 -10.11 -61.78
N ILE F 214 0.12 -11.35 -62.26
CA ILE F 214 -1.13 -11.87 -62.83
C ILE F 214 -2.32 -11.67 -61.89
N VAL F 215 -2.03 -11.68 -60.60
CA VAL F 215 -3.02 -11.52 -59.55
C VAL F 215 -3.93 -10.32 -59.80
N LEU F 216 -3.37 -9.24 -60.36
CA LEU F 216 -4.11 -8.00 -60.57
C LEU F 216 -5.20 -8.03 -61.64
N LYS F 217 -5.23 -9.11 -62.44
CA LYS F 217 -6.18 -9.21 -63.53
C LYS F 217 -7.60 -9.47 -63.02
N SER F 218 -7.69 -10.28 -61.96
CA SER F 218 -8.96 -10.56 -61.27
C SER F 218 -9.36 -9.45 -60.30
N ALA F 219 -10.66 -9.38 -59.99
CA ALA F 219 -11.23 -8.23 -59.30
C ALA F 219 -10.57 -7.97 -57.95
N VAL F 220 -10.61 -6.70 -57.54
CA VAL F 220 -9.87 -6.24 -56.38
C VAL F 220 -10.43 -6.79 -55.08
N GLU F 221 -11.74 -6.69 -54.91
CA GLU F 221 -12.38 -7.11 -53.67
C GLU F 221 -12.14 -8.59 -53.34
N ARG F 222 -11.91 -9.42 -54.36
CA ARG F 222 -11.57 -10.81 -54.14
C ARG F 222 -10.11 -10.96 -53.69
N ILE F 223 -9.27 -9.99 -54.01
CA ILE F 223 -7.89 -9.97 -53.52
C ILE F 223 -7.87 -9.50 -52.07
N THR F 224 -8.72 -8.52 -51.76
CA THR F 224 -8.90 -8.08 -50.40
C THR F 224 -9.37 -9.27 -49.57
N HIS F 225 -10.50 -9.83 -49.99
CA HIS F 225 -11.15 -10.94 -49.30
C HIS F 225 -10.24 -12.15 -49.10
N GLU F 226 -9.48 -12.51 -50.13
CA GLU F 226 -8.59 -13.65 -49.97
C GLU F 226 -7.39 -13.29 -49.10
N LEU F 227 -6.90 -12.05 -49.19
CA LEU F 227 -5.81 -11.62 -48.32
C LEU F 227 -6.21 -11.73 -46.85
N PHE F 228 -7.39 -11.19 -46.52
CA PHE F 228 -7.89 -11.25 -45.15
C PHE F 228 -8.11 -12.66 -44.71
N LYS F 229 -8.71 -13.46 -45.58
CA LYS F 229 -8.83 -14.87 -45.28
C LYS F 229 -7.47 -15.48 -44.98
N ILE F 230 -6.40 -14.94 -45.55
CA ILE F 230 -5.06 -15.44 -45.21
C ILE F 230 -4.60 -14.92 -43.86
N MET F 231 -4.98 -13.69 -43.53
CA MET F 231 -4.60 -13.10 -42.26
C MET F 231 -5.42 -13.68 -41.11
N LYS F 232 -6.45 -14.45 -41.46
CA LYS F 232 -7.33 -15.03 -40.46
C LYS F 232 -6.53 -15.99 -39.61
N GLU F 233 -5.97 -17.01 -40.25
CA GLU F 233 -5.29 -18.09 -39.53
C GLU F 233 -3.92 -17.70 -38.98
N LYS F 234 -3.50 -18.39 -37.92
CA LYS F 234 -2.34 -18.00 -37.11
C LYS F 234 -0.97 -18.16 -37.75
N THR F 235 -0.91 -18.92 -38.83
CA THR F 235 0.35 -19.24 -39.48
C THR F 235 0.67 -18.26 -40.59
N ALA F 236 -0.14 -17.22 -40.67
CA ALA F 236 -0.13 -16.29 -41.80
C ALA F 236 1.19 -15.58 -42.12
N HIS F 237 2.12 -15.53 -41.19
CA HIS F 237 3.36 -14.80 -41.47
C HIS F 237 4.22 -15.52 -42.50
N LYS F 238 4.10 -16.84 -42.56
CA LYS F 238 4.83 -17.63 -43.58
C LYS F 238 4.20 -17.47 -44.97
N VAL F 239 2.89 -17.23 -44.99
CA VAL F 239 2.19 -16.94 -46.23
C VAL F 239 2.49 -15.51 -46.69
N ILE F 240 2.78 -14.64 -45.73
CA ILE F 240 3.15 -13.28 -46.08
C ILE F 240 4.58 -13.22 -46.58
N ARG F 241 5.45 -14.04 -46.00
CA ARG F 241 6.82 -14.11 -46.50
C ARG F 241 6.89 -14.82 -47.85
N GLU F 242 6.00 -15.80 -48.05
CA GLU F 242 5.88 -16.44 -49.35
C GLU F 242 5.35 -15.45 -50.40
N LEU F 243 4.27 -14.75 -50.09
CA LEU F 243 3.72 -13.75 -51.03
C LEU F 243 4.72 -12.64 -51.34
N TYR F 244 5.51 -12.26 -50.35
CA TYR F 244 6.46 -11.17 -50.51
C TYR F 244 7.68 -11.58 -51.34
N GLU F 245 8.25 -12.73 -51.02
CA GLU F 245 9.49 -13.19 -51.68
C GLU F 245 9.31 -13.60 -53.14
N TYR F 246 8.07 -13.89 -53.53
CA TYR F 246 7.74 -14.15 -54.92
C TYR F 246 7.17 -12.90 -55.58
N GLY F 247 7.04 -11.84 -54.79
CA GLY F 247 6.66 -10.54 -55.31
C GLY F 247 5.19 -10.30 -55.56
N VAL F 248 4.35 -11.28 -55.21
CA VAL F 248 2.91 -11.15 -55.35
C VAL F 248 2.40 -10.00 -54.48
N LEU F 249 3.00 -9.88 -53.29
CA LEU F 249 2.63 -8.84 -52.33
C LEU F 249 2.86 -7.46 -52.95
N GLU F 250 4.04 -7.26 -53.52
CA GLU F 250 4.36 -5.99 -54.16
C GLU F 250 3.42 -5.70 -55.33
N ALA F 251 3.04 -6.72 -56.09
CA ALA F 251 2.12 -6.53 -57.20
C ALA F 251 0.77 -6.04 -56.66
N ILE F 252 0.36 -6.60 -55.52
CA ILE F 252 -0.88 -6.23 -54.87
C ILE F 252 -0.76 -4.91 -54.09
N ILE F 253 0.31 -4.81 -53.30
CA ILE F 253 0.61 -3.63 -52.53
C ILE F 253 2.06 -3.21 -52.78
N PRO F 254 2.28 -2.35 -53.77
CA PRO F 254 3.63 -1.90 -54.13
C PRO F 254 4.29 -1.14 -53.00
N GLU F 255 3.49 -0.54 -52.12
CA GLU F 255 4.02 0.31 -51.06
C GLU F 255 5.04 -0.46 -50.21
N ILE F 256 4.71 -1.71 -49.89
CA ILE F 256 5.59 -2.59 -49.13
C ILE F 256 6.95 -2.69 -49.78
N GLY F 257 6.95 -2.75 -51.11
CA GLY F 257 8.18 -2.78 -51.87
C GLY F 257 9.12 -1.64 -51.52
N ARG F 258 8.56 -0.45 -51.28
CA ARG F 258 9.34 0.74 -50.90
C ARG F 258 10.09 0.60 -49.57
N LEU F 259 9.76 -0.40 -48.76
CA LEU F 259 10.46 -0.64 -47.50
C LEU F 259 11.91 -1.07 -47.76
N ARG F 260 12.17 -1.58 -48.96
CA ARG F 260 13.45 -2.16 -49.28
C ARG F 260 14.52 -1.09 -49.54
N GLU F 261 14.10 0.09 -50.00
CA GLU F 261 15.02 1.13 -50.46
C GLU F 261 15.76 1.86 -49.32
N VAL F 262 15.36 1.59 -48.09
CA VAL F 262 16.04 2.17 -46.94
C VAL F 262 16.95 1.12 -46.29
N LYS F 263 18.20 1.48 -46.01
CA LYS F 263 19.14 0.56 -45.38
C LYS F 263 19.18 0.74 -43.86
N ASP F 264 18.70 -0.27 -43.14
CA ASP F 264 18.63 -0.20 -41.67
C ASP F 264 19.91 -0.72 -41.02
N PRO F 272 17.69 -3.74 -42.68
CA PRO F 272 16.65 -4.33 -43.52
C PRO F 272 15.24 -4.08 -42.96
N LEU F 273 14.51 -3.12 -43.52
CA LEU F 273 13.19 -2.79 -42.96
C LEU F 273 12.11 -3.81 -43.32
N ASP F 274 12.24 -4.43 -44.48
CA ASP F 274 11.32 -5.49 -44.90
C ASP F 274 11.33 -6.69 -43.95
N GLU F 275 12.51 -7.26 -43.74
CA GLU F 275 12.69 -8.39 -42.83
C GLU F 275 12.16 -8.02 -41.45
N HIS F 276 12.32 -6.75 -41.09
CA HIS F 276 11.89 -6.26 -39.79
C HIS F 276 10.38 -6.24 -39.65
N THR F 277 9.69 -5.84 -40.71
CA THR F 277 8.23 -5.86 -40.68
C THR F 277 7.74 -7.30 -40.69
N LEU F 278 8.46 -8.17 -41.39
CA LEU F 278 8.12 -9.60 -41.39
C LEU F 278 8.19 -10.20 -39.98
N LYS F 279 9.35 -10.03 -39.33
CA LYS F 279 9.54 -10.49 -37.97
C LYS F 279 8.55 -9.84 -37.02
N THR F 280 8.19 -8.61 -37.33
CA THR F 280 7.19 -7.89 -36.54
C THR F 280 5.83 -8.56 -36.63
N LEU F 281 5.46 -9.04 -37.82
CA LEU F 281 4.19 -9.75 -37.97
C LEU F 281 4.22 -11.14 -37.32
N GLU F 282 5.35 -11.82 -37.47
CA GLU F 282 5.51 -13.14 -36.88
C GLU F 282 5.41 -13.09 -35.36
N TYR F 283 6.24 -12.24 -34.76
CA TYR F 283 6.20 -12.05 -33.32
C TYR F 283 4.85 -11.55 -32.87
N LEU F 284 4.23 -10.68 -33.68
CA LEU F 284 2.87 -10.24 -33.35
C LEU F 284 1.95 -11.45 -33.21
N GLU F 285 2.10 -12.44 -34.07
CA GLU F 285 1.24 -13.62 -33.98
C GLU F 285 1.53 -14.45 -32.74
N GLN F 286 2.83 -14.71 -32.52
CA GLN F 286 3.26 -15.44 -31.34
C GLN F 286 2.73 -14.79 -30.07
N VAL F 287 2.61 -13.47 -30.11
CA VAL F 287 2.11 -12.68 -28.98
C VAL F 287 0.59 -12.68 -28.86
N ILE F 288 -0.13 -12.54 -29.97
CA ILE F 288 -1.59 -12.58 -29.93
C ILE F 288 -2.06 -13.93 -29.42
N GLU F 289 -1.29 -14.99 -29.68
CA GLU F 289 -1.60 -16.29 -29.07
C GLU F 289 -1.42 -16.28 -27.55
N ASP F 290 -0.38 -15.61 -27.11
CA ASP F 290 -0.02 -15.50 -25.69
C ASP F 290 -0.66 -14.27 -25.06
N ARG F 291 -1.56 -13.64 -25.80
CA ARG F 291 -2.13 -12.34 -25.46
C ARG F 291 -2.67 -12.21 -24.04
N ALA F 292 -3.10 -13.30 -23.42
CA ALA F 292 -3.73 -13.21 -22.11
C ALA F 292 -2.73 -12.88 -21.01
N LYS F 293 -1.46 -13.16 -21.26
CA LYS F 293 -0.42 -12.87 -20.26
C LYS F 293 0.32 -11.54 -20.42
N TYR F 294 -0.16 -10.68 -21.31
CA TYR F 294 0.36 -9.32 -21.42
C TYR F 294 -0.71 -8.28 -21.07
N LEU F 295 -1.80 -8.28 -21.83
CA LEU F 295 -2.89 -7.35 -21.59
C LEU F 295 -3.55 -7.56 -20.23
N SER F 296 -4.26 -6.54 -19.75
CA SER F 296 -5.05 -6.68 -18.53
C SER F 296 -6.42 -7.27 -18.82
N ALA F 297 -7.19 -7.49 -17.77
CA ALA F 297 -8.50 -8.10 -17.91
C ALA F 297 -9.42 -7.20 -18.71
N GLU F 298 -9.54 -5.95 -18.29
CA GLU F 298 -10.46 -5.02 -18.92
C GLU F 298 -10.08 -4.75 -20.38
N LEU F 299 -8.80 -4.90 -20.70
CA LEU F 299 -8.36 -4.69 -22.06
C LEU F 299 -8.67 -5.88 -22.95
N LEU F 300 -8.75 -7.06 -22.36
CA LEU F 300 -9.00 -8.29 -23.10
C LEU F 300 -10.47 -8.48 -23.43
N GLU F 301 -11.33 -7.77 -22.73
CA GLU F 301 -12.76 -8.01 -22.81
C GLU F 301 -13.34 -7.89 -24.21
N ASN F 302 -13.17 -6.75 -24.84
CA ASN F 302 -13.79 -6.51 -26.15
C ASN F 302 -12.87 -6.83 -27.32
N PHE F 303 -11.68 -7.32 -27.02
CA PHE F 303 -10.69 -7.69 -28.05
C PHE F 303 -11.22 -8.77 -28.98
N GLY F 304 -11.14 -8.53 -30.27
CA GLY F 304 -11.52 -9.52 -31.26
C GLY F 304 -13.00 -9.56 -31.59
N LYS F 305 -13.75 -8.62 -31.02
CA LYS F 305 -15.19 -8.60 -31.20
C LYS F 305 -15.64 -7.67 -32.33
N LYS F 306 -14.68 -7.06 -33.01
CA LYS F 306 -14.99 -6.10 -34.08
C LYS F 306 -15.09 -6.80 -35.43
N ARG F 307 -16.27 -6.80 -36.02
CA ARG F 307 -16.46 -7.51 -37.28
C ARG F 307 -16.22 -6.61 -38.49
N VAL F 308 -15.15 -6.92 -39.20
CA VAL F 308 -14.77 -6.21 -40.42
C VAL F 308 -15.16 -7.03 -41.62
N LEU F 309 -16.10 -6.51 -42.39
CA LEU F 309 -16.63 -7.17 -43.57
C LEU F 309 -17.35 -8.47 -43.21
N GLY F 310 -17.73 -8.57 -41.94
CA GLY F 310 -18.69 -9.55 -41.48
C GLY F 310 -18.10 -10.91 -41.13
N GLU F 311 -17.01 -11.29 -41.80
CA GLU F 311 -16.28 -12.49 -41.43
C GLU F 311 -14.94 -12.31 -40.70
N PHE F 312 -14.52 -11.06 -40.48
CA PHE F 312 -13.19 -10.84 -39.93
C PHE F 312 -13.23 -10.05 -38.63
N THR F 313 -12.25 -10.30 -37.76
CA THR F 313 -12.12 -9.56 -36.51
C THR F 313 -11.12 -8.43 -36.66
N ASP F 314 -10.86 -7.74 -35.56
CA ASP F 314 -9.84 -6.71 -35.55
C ASP F 314 -8.46 -7.29 -35.26
N VAL F 315 -8.37 -8.62 -35.16
CA VAL F 315 -7.07 -9.26 -35.12
C VAL F 315 -6.46 -9.25 -36.52
N GLU F 316 -7.31 -9.36 -37.54
CA GLU F 316 -6.82 -9.19 -38.90
C GLU F 316 -6.28 -7.77 -39.04
N LEU F 317 -7.13 -6.79 -38.72
CA LEU F 317 -6.73 -5.40 -38.77
C LEU F 317 -5.41 -5.19 -38.05
N LEU F 318 -5.28 -5.75 -36.85
CA LEU F 318 -4.03 -5.64 -36.11
C LEU F 318 -2.85 -6.20 -36.90
N LYS F 319 -3.01 -7.37 -37.51
CA LYS F 319 -1.93 -7.92 -38.31
C LYS F 319 -1.55 -6.97 -39.45
N TRP F 320 -2.56 -6.44 -40.13
CA TRP F 320 -2.33 -5.47 -41.19
C TRP F 320 -1.50 -4.29 -40.68
N GLY F 321 -1.91 -3.76 -39.54
CA GLY F 321 -1.16 -2.69 -38.89
C GLY F 321 0.26 -3.12 -38.57
N ALA F 322 0.48 -4.42 -38.44
CA ALA F 322 1.84 -4.88 -38.22
C ALA F 322 2.65 -4.85 -39.51
N LEU F 323 2.01 -5.22 -40.63
CA LEU F 323 2.72 -5.25 -41.91
C LEU F 323 3.12 -3.86 -42.38
N PHE F 324 2.22 -2.92 -42.18
CA PHE F 324 2.40 -1.54 -42.60
C PHE F 324 2.98 -0.70 -41.48
N HIS F 325 3.36 -1.33 -40.38
CA HIS F 325 3.72 -0.62 -39.15
C HIS F 325 4.68 0.54 -39.41
N ASP F 326 5.76 0.30 -40.17
CA ASP F 326 6.45 1.43 -40.79
C ASP F 326 6.32 1.31 -42.29
N ILE F 327 5.38 2.05 -42.87
CA ILE F 327 5.28 2.15 -44.32
C ILE F 327 5.84 3.49 -44.77
N GLY F 328 6.23 4.32 -43.80
CA GLY F 328 6.55 5.71 -44.09
C GLY F 328 8.02 6.05 -44.13
N LYS F 329 8.87 5.11 -43.71
CA LYS F 329 10.30 5.37 -43.62
C LYS F 329 11.01 5.73 -44.94
N PRO F 330 10.67 5.05 -46.06
CA PRO F 330 11.25 5.51 -47.33
C PRO F 330 10.77 6.90 -47.76
N GLN F 331 9.63 7.34 -47.22
CA GLN F 331 9.08 8.66 -47.57
C GLN F 331 9.80 9.78 -46.85
N THR F 332 10.00 9.60 -45.54
CA THR F 332 10.72 10.58 -44.73
C THR F 332 11.98 9.98 -44.09
N PHE F 333 13.16 10.41 -44.54
CA PHE F 333 14.42 10.01 -43.93
C PHE F 333 15.43 11.15 -44.01
N ALA F 334 16.60 10.96 -43.41
CA ALA F 334 17.59 12.03 -43.34
C ALA F 334 19.03 11.52 -43.19
N PHE F 342 12.86 10.43 -40.00
CA PHE F 342 11.54 9.78 -40.02
C PHE F 342 10.64 10.44 -39.01
N TYR F 343 10.65 11.77 -38.96
CA TYR F 343 9.93 12.48 -37.90
C TYR F 343 8.43 12.31 -37.95
N GLU F 344 7.84 12.62 -39.10
CA GLU F 344 6.39 12.57 -39.24
C GLU F 344 5.89 11.25 -39.85
N HIS F 345 6.80 10.30 -40.03
CA HIS F 345 6.50 9.09 -40.81
C HIS F 345 5.31 8.28 -40.28
N ASP F 346 4.87 8.58 -39.07
CA ASP F 346 3.66 7.95 -38.54
C ASP F 346 2.41 8.50 -39.24
N LYS F 347 2.34 9.82 -39.39
CA LYS F 347 1.29 10.46 -40.16
C LYS F 347 1.29 9.90 -41.58
N VAL F 348 2.48 9.89 -42.19
CA VAL F 348 2.67 9.38 -43.54
C VAL F 348 2.10 7.96 -43.62
N GLY F 349 2.46 7.14 -42.65
CA GLY F 349 1.99 5.78 -42.55
C GLY F 349 0.48 5.73 -42.58
N ALA F 350 -0.16 6.56 -41.75
CA ALA F 350 -1.60 6.66 -41.75
C ALA F 350 -2.13 6.90 -43.16
N GLN F 351 -1.63 7.95 -43.81
CA GLN F 351 -2.18 8.35 -45.10
C GLN F 351 -2.00 7.29 -46.19
N ILE F 352 -0.81 6.72 -46.24
CA ILE F 352 -0.54 5.60 -47.12
C ILE F 352 -1.56 4.50 -46.89
N VAL F 353 -1.73 4.10 -45.64
CA VAL F 353 -2.68 3.05 -45.28
C VAL F 353 -4.06 3.36 -45.84
N ARG F 354 -4.55 4.55 -45.53
CA ARG F 354 -5.86 4.98 -46.03
C ARG F 354 -5.91 4.86 -47.54
N GLU F 355 -4.79 5.12 -48.21
CA GLU F 355 -4.74 5.00 -49.66
C GLU F 355 -4.90 3.56 -50.13
N ILE F 356 -4.21 2.63 -49.46
CA ILE F 356 -4.31 1.21 -49.82
C ILE F 356 -5.72 0.71 -49.54
N GLY F 357 -6.34 1.30 -48.53
CA GLY F 357 -7.72 0.99 -48.21
C GLY F 357 -8.66 1.42 -49.31
N GLU F 358 -8.49 2.65 -49.78
CA GLU F 358 -9.31 3.15 -50.88
C GLU F 358 -9.07 2.30 -52.11
N ARG F 359 -7.83 1.85 -52.27
CA ARG F 359 -7.44 1.09 -53.45
C ARG F 359 -7.86 -0.39 -53.40
N LEU F 360 -7.72 -1.01 -52.22
CA LEU F 360 -8.04 -2.42 -52.01
C LEU F 360 -9.48 -2.63 -51.58
N ARG F 361 -10.26 -1.56 -51.62
CA ARG F 361 -11.70 -1.62 -51.36
C ARG F 361 -12.02 -2.29 -50.04
N TRP F 362 -11.35 -1.86 -48.98
CA TRP F 362 -11.72 -2.26 -47.64
C TRP F 362 -12.82 -1.31 -47.21
N GLY F 363 -13.40 -1.54 -46.04
CA GLY F 363 -14.41 -0.64 -45.54
C GLY F 363 -13.79 0.68 -45.14
N ASP F 364 -14.62 1.67 -44.87
CA ASP F 364 -14.13 2.92 -44.31
C ASP F 364 -13.65 2.61 -42.91
N GLU F 365 -14.45 1.81 -42.19
CA GLU F 365 -14.16 1.48 -40.81
C GLU F 365 -12.85 0.72 -40.65
N ALA F 366 -12.65 -0.29 -41.49
CA ALA F 366 -11.45 -1.11 -41.40
C ALA F 366 -10.21 -0.28 -41.69
N THR F 367 -10.26 0.45 -42.80
CA THR F 367 -9.09 1.19 -43.25
C THR F 367 -8.77 2.31 -42.27
N GLU F 368 -9.81 2.94 -41.72
CA GLU F 368 -9.62 3.96 -40.69
C GLU F 368 -8.96 3.33 -39.48
N PHE F 369 -9.41 2.13 -39.11
CA PHE F 369 -8.82 1.42 -37.98
C PHE F 369 -7.33 1.21 -38.20
N VAL F 370 -6.97 0.55 -39.28
CA VAL F 370 -5.56 0.27 -39.55
C VAL F 370 -4.73 1.55 -39.63
N ALA F 371 -5.32 2.60 -40.19
CA ALA F 371 -4.66 3.89 -40.28
C ALA F 371 -4.34 4.42 -38.90
N LYS F 372 -5.34 4.42 -38.03
CA LYS F 372 -5.19 4.89 -36.66
C LYS F 372 -4.14 4.07 -35.94
N LEU F 373 -4.03 2.81 -36.35
CA LEU F 373 -3.12 1.87 -35.73
C LEU F 373 -1.67 2.12 -36.14
N VAL F 374 -1.47 2.59 -37.36
CA VAL F 374 -0.12 2.97 -37.80
C VAL F 374 0.26 4.36 -37.29
N ARG F 375 -0.72 5.26 -37.20
CA ARG F 375 -0.50 6.65 -36.79
C ARG F 375 0.06 6.78 -35.38
N HIS F 376 -0.56 6.05 -34.44
CA HIS F 376 -0.20 6.14 -33.04
C HIS F 376 0.81 5.05 -32.66
N HIS F 377 1.27 4.29 -33.65
CA HIS F 377 2.11 3.12 -33.39
C HIS F 377 3.29 3.44 -32.47
N LEU F 378 3.86 4.63 -32.64
CA LEU F 378 5.03 5.01 -31.88
C LEU F 378 4.68 5.54 -30.50
N ARG F 379 3.38 5.67 -30.23
CA ARG F 379 2.93 6.24 -28.96
C ARG F 379 3.45 5.51 -27.72
N PRO F 380 3.29 4.18 -27.64
CA PRO F 380 3.71 3.57 -26.37
C PRO F 380 5.21 3.59 -26.18
N PHE F 381 5.98 3.69 -27.27
CA PHE F 381 7.42 3.77 -27.15
C PHE F 381 7.83 5.13 -26.59
N PHE F 382 7.08 6.17 -26.96
CA PHE F 382 7.31 7.51 -26.42
C PHE F 382 6.90 7.60 -24.96
N LEU F 383 5.70 7.11 -24.64
CA LEU F 383 5.27 7.09 -23.25
C LEU F 383 6.26 6.33 -22.41
N ARG F 384 6.77 5.21 -22.93
CA ARG F 384 7.82 4.46 -22.25
C ARG F 384 9.03 5.35 -22.01
N GLU F 385 9.49 6.00 -23.08
CA GLU F 385 10.67 6.84 -23.02
C GLU F 385 10.50 7.95 -21.98
N ALA F 386 9.27 8.38 -21.76
CA ALA F 386 8.96 9.36 -20.72
C ALA F 386 8.86 8.69 -19.34
N PHE F 387 8.57 7.39 -19.34
CA PHE F 387 8.40 6.65 -18.10
C PHE F 387 9.77 6.44 -17.46
N LYS F 388 10.76 6.10 -18.29
CA LYS F 388 12.11 5.86 -17.79
C LYS F 388 12.82 7.10 -17.20
N LYS F 389 12.37 8.29 -17.57
CA LYS F 389 12.86 9.50 -16.94
C LYS F 389 11.94 9.84 -15.78
N GLY F 390 10.90 9.03 -15.62
CA GLY F 390 9.90 9.28 -14.60
C GLY F 390 9.18 10.58 -14.89
N GLU F 391 9.16 10.96 -16.16
CA GLU F 391 8.47 12.18 -16.57
C GLU F 391 7.04 11.87 -16.99
N LEU F 392 6.64 10.60 -16.90
CA LEU F 392 5.26 10.23 -17.22
C LEU F 392 4.30 10.74 -16.15
N LYS F 393 3.33 11.57 -16.57
CA LYS F 393 2.38 12.16 -15.63
C LYS F 393 0.94 11.93 -16.04
N ARG F 394 0.03 12.14 -15.10
CA ARG F 394 -1.40 11.89 -15.30
C ARG F 394 -1.92 12.55 -16.58
N ARG F 395 -1.31 13.67 -16.94
CA ARG F 395 -1.70 14.40 -18.13
C ARG F 395 -1.51 13.57 -19.39
N GLY F 396 -0.33 12.97 -19.54
CA GLY F 396 -0.04 12.15 -20.71
C GLY F 396 -0.88 10.89 -20.77
N MET F 397 -1.19 10.36 -19.60
CA MET F 397 -2.03 9.17 -19.47
C MET F 397 -3.45 9.46 -19.97
N ALA F 398 -4.04 10.50 -19.38
CA ALA F 398 -5.35 10.96 -19.80
C ALA F 398 -5.38 11.26 -21.30
N ASN F 399 -4.38 11.99 -21.79
CA ASN F 399 -4.31 12.31 -23.22
C ASN F 399 -4.33 11.05 -24.06
N PHE F 400 -3.52 10.09 -23.66
CA PHE F 400 -3.46 8.81 -24.34
C PHE F 400 -4.82 8.13 -24.40
N TRP F 401 -5.43 7.91 -23.24
CA TRP F 401 -6.70 7.19 -23.17
C TRP F 401 -7.86 7.91 -23.85
N ARG F 402 -7.83 9.23 -23.83
CA ARG F 402 -8.85 10.00 -24.51
C ARG F 402 -8.69 9.82 -26.00
N GLU F 403 -7.50 10.15 -26.49
CA GLU F 403 -7.23 10.15 -27.93
C GLU F 403 -7.49 8.79 -28.58
N CYS F 404 -6.68 7.81 -28.22
CA CYS F 404 -6.93 6.44 -28.63
C CYS F 404 -7.22 5.60 -27.40
N GLY F 405 -8.49 5.35 -27.11
CA GLY F 405 -8.82 4.45 -26.03
C GLY F 405 -9.30 3.16 -26.65
N ASP F 406 -9.62 3.26 -27.93
CA ASP F 406 -10.20 2.15 -28.67
C ASP F 406 -9.12 1.19 -29.12
N ILE F 407 -8.02 1.73 -29.62
CA ILE F 407 -6.95 0.91 -30.17
C ILE F 407 -5.91 0.55 -29.11
N ALA F 408 -6.19 0.95 -27.86
CA ALA F 408 -5.27 0.70 -26.75
C ALA F 408 -4.73 -0.74 -26.60
N PRO F 409 -5.61 -1.76 -26.56
CA PRO F 409 -5.09 -3.13 -26.40
C PRO F 409 -4.22 -3.54 -27.56
N HIS F 410 -4.72 -3.25 -28.76
CA HIS F 410 -4.09 -3.62 -30.01
C HIS F 410 -2.75 -2.93 -30.13
N LEU F 411 -2.77 -1.62 -29.93
CA LEU F 411 -1.57 -0.82 -29.95
C LEU F 411 -0.55 -1.38 -28.95
N PHE F 412 -1.04 -1.84 -27.79
CA PHE F 412 -0.16 -2.48 -26.81
C PHE F 412 0.53 -3.74 -27.38
N LEU F 413 -0.27 -4.72 -27.80
CA LEU F 413 0.26 -5.98 -28.34
C LEU F 413 1.25 -5.74 -29.48
N LEU F 414 0.95 -4.75 -30.32
CA LEU F 414 1.78 -4.44 -31.48
C LEU F 414 3.06 -3.70 -31.10
N SER F 415 2.99 -2.87 -30.06
CA SER F 415 4.18 -2.22 -29.55
C SER F 415 5.10 -3.26 -28.95
N ILE F 416 4.51 -4.25 -28.28
CA ILE F 416 5.29 -5.36 -27.75
C ILE F 416 5.93 -6.15 -28.89
N ALA F 417 5.14 -6.44 -29.93
CA ALA F 417 5.62 -7.19 -31.08
C ALA F 417 6.83 -6.51 -31.71
N ASP F 418 6.68 -5.22 -31.98
CA ASP F 418 7.77 -4.42 -32.52
C ASP F 418 8.97 -4.45 -31.58
N ALA F 419 8.69 -4.41 -30.28
CA ALA F 419 9.74 -4.41 -29.27
C ALA F 419 10.57 -5.68 -29.34
N MET F 420 9.91 -6.79 -29.60
CA MET F 420 10.58 -8.09 -29.67
C MET F 420 11.32 -8.26 -30.98
N ALA F 421 10.70 -7.78 -32.05
CA ALA F 421 11.31 -7.82 -33.37
C ALA F 421 12.60 -7.01 -33.41
N SER F 422 12.57 -5.85 -32.76
CA SER F 422 13.68 -4.90 -32.79
C SER F 422 14.89 -5.36 -31.98
N GLY F 423 14.69 -6.40 -31.16
CA GLY F 423 15.76 -6.92 -30.33
C GLY F 423 16.22 -5.97 -29.25
N ASP F 424 15.26 -5.29 -28.61
CA ASP F 424 15.57 -4.42 -27.48
C ASP F 424 16.12 -5.27 -26.34
N GLU F 425 16.87 -4.66 -25.44
CA GLU F 425 17.40 -5.37 -24.27
C GLU F 425 16.26 -5.77 -23.33
N GLU F 426 16.50 -6.75 -22.47
CA GLU F 426 15.47 -7.23 -21.55
C GLU F 426 14.93 -6.11 -20.66
N GLU F 427 15.83 -5.26 -20.18
CA GLU F 427 15.48 -4.14 -19.31
C GLU F 427 14.45 -3.22 -19.98
N ASP F 428 14.67 -2.97 -21.26
CA ASP F 428 13.79 -2.13 -22.06
C ASP F 428 12.41 -2.75 -22.17
N ILE F 429 12.38 -4.03 -22.55
CA ILE F 429 11.14 -4.80 -22.64
C ILE F 429 10.36 -4.63 -21.34
N LYS F 430 11.02 -4.88 -20.22
CA LYS F 430 10.38 -4.79 -18.92
C LYS F 430 9.84 -3.39 -18.64
N ALA F 431 10.63 -2.39 -19.00
CA ALA F 431 10.19 -1.01 -18.87
C ALA F 431 8.88 -0.83 -19.63
N LEU F 432 8.82 -1.40 -20.83
CA LEU F 432 7.62 -1.29 -21.66
C LEU F 432 6.41 -1.94 -21.00
N MET F 433 6.52 -3.24 -20.69
CA MET F 433 5.41 -3.97 -20.08
C MET F 433 4.93 -3.26 -18.82
N GLU F 434 5.88 -2.73 -18.04
CA GLU F 434 5.56 -1.96 -16.85
C GLU F 434 4.82 -0.66 -17.18
N THR F 435 5.21 0.01 -18.27
CA THR F 435 4.56 1.25 -18.68
C THR F 435 3.11 0.96 -19.05
N ILE F 436 2.92 -0.12 -19.79
CA ILE F 436 1.58 -0.57 -20.13
C ILE F 436 0.81 -0.79 -18.84
N ALA F 437 1.48 -1.35 -17.84
CA ALA F 437 0.85 -1.58 -16.53
C ALA F 437 0.41 -0.27 -15.87
N GLU F 438 1.27 0.74 -15.92
CA GLU F 438 0.94 2.03 -15.33
C GLU F 438 -0.32 2.61 -15.98
N LEU F 439 -0.35 2.60 -17.31
CA LEU F 439 -1.51 3.16 -18.02
C LEU F 439 -2.80 2.39 -17.78
N GLU F 440 -2.67 1.07 -17.68
CA GLU F 440 -3.82 0.22 -17.46
C GLU F 440 -4.39 0.46 -16.07
N SER F 441 -3.48 0.55 -15.10
CA SER F 441 -3.86 0.76 -13.71
C SER F 441 -4.46 2.14 -13.52
N PHE F 442 -3.96 3.10 -14.28
CA PHE F 442 -4.50 4.44 -14.29
C PHE F 442 -5.93 4.41 -14.80
N ASN F 443 -6.10 3.89 -16.02
CA ASN F 443 -7.41 3.81 -16.66
C ASN F 443 -8.45 3.05 -15.83
N ARG F 444 -8.04 1.92 -15.26
CA ARG F 444 -8.91 1.03 -14.50
C ARG F 444 -9.63 1.73 -13.36
N ASN F 445 -8.88 2.53 -12.60
CA ASN F 445 -9.43 3.18 -11.41
C ASN F 445 -9.57 4.70 -11.54
N GLU F 446 -8.46 5.40 -11.71
CA GLU F 446 -8.45 6.87 -11.69
C GLU F 446 -9.25 7.54 -12.82
N MET F 447 -9.74 6.74 -13.76
CA MET F 447 -10.69 7.21 -14.75
C MET F 447 -12.07 6.57 -14.53
N LYS F 448 -13.07 7.40 -14.25
CA LYS F 448 -14.44 6.91 -14.08
C LYS F 448 -15.40 7.62 -15.02
N UNK F 474 -20.30 27.60 -30.03
CA UNK F 474 -19.00 27.00 -29.81
C UNK F 474 -18.51 27.22 -28.40
N UNK F 475 -18.77 28.42 -27.88
CA UNK F 475 -18.34 28.78 -26.53
C UNK F 475 -19.02 27.91 -25.48
N UNK F 476 -20.28 27.56 -25.73
CA UNK F 476 -21.05 26.72 -24.82
C UNK F 476 -20.38 25.37 -24.62
N UNK F 477 -19.84 24.83 -25.70
CA UNK F 477 -19.13 23.55 -25.67
C UNK F 477 -17.87 23.63 -24.81
N UNK F 478 -17.08 24.69 -25.03
CA UNK F 478 -15.84 24.90 -24.28
C UNK F 478 -16.14 25.07 -22.80
N UNK F 479 -17.21 25.79 -22.51
CA UNK F 479 -17.65 26.03 -21.14
C UNK F 479 -18.07 24.73 -20.46
N UNK F 480 -18.89 23.94 -21.15
CA UNK F 480 -19.38 22.68 -20.60
C UNK F 480 -18.26 21.64 -20.41
N UNK F 481 -17.31 21.64 -21.33
CA UNK F 481 -16.18 20.71 -21.25
C UNK F 481 -15.24 21.10 -20.12
N UNK F 482 -14.96 22.40 -20.00
CA UNK F 482 -14.12 22.91 -18.92
C UNK F 482 -14.80 22.68 -17.56
N UNK F 483 -16.13 22.72 -17.56
CA UNK F 483 -16.90 22.47 -16.35
C UNK F 483 -16.91 20.99 -15.97
N UNK F 484 -16.92 20.12 -16.97
CA UNK F 484 -16.86 18.67 -16.74
C UNK F 484 -15.46 18.25 -16.30
N UNK F 485 -14.45 19.00 -16.74
CA UNK F 485 -13.06 18.76 -16.34
C UNK F 485 -12.76 19.32 -14.95
N UNK F 486 -13.42 20.41 -14.59
CA UNK F 486 -13.24 21.03 -13.28
C UNK F 486 -13.96 20.26 -12.18
N UNK F 487 -14.99 19.50 -12.55
CA UNK F 487 -15.73 18.68 -11.61
C UNK F 487 -14.84 17.56 -11.08
N UNK F 488 -13.81 17.22 -11.84
CA UNK F 488 -12.85 16.19 -11.46
C UNK F 488 -11.79 16.76 -10.52
N UNK F 491 -24.48 24.03 -7.87
CA UNK F 491 -23.14 24.38 -8.35
C UNK F 491 -23.14 25.76 -9.00
N UNK F 492 -23.72 26.74 -8.31
CA UNK F 492 -23.80 28.10 -8.84
C UNK F 492 -22.43 28.74 -8.96
N UNK F 493 -21.50 28.29 -8.10
CA UNK F 493 -20.12 28.78 -8.14
C UNK F 493 -19.45 28.38 -9.45
N UNK F 494 -19.81 27.20 -9.95
CA UNK F 494 -19.34 26.73 -11.25
C UNK F 494 -19.84 27.65 -12.35
N UNK F 495 -21.08 28.10 -12.20
CA UNK F 495 -21.68 29.02 -13.17
C UNK F 495 -21.01 30.39 -13.12
N UNK F 496 -20.62 30.82 -11.93
CA UNK F 496 -19.94 32.10 -11.75
C UNK F 496 -18.53 32.07 -12.33
N UNK F 497 -17.81 30.98 -12.08
CA UNK F 497 -16.49 30.78 -12.65
C UNK F 497 -16.60 30.68 -14.17
N UNK F 498 -17.68 30.07 -14.64
CA UNK F 498 -17.95 29.97 -16.07
C UNK F 498 -18.19 31.35 -16.66
N UNK F 499 -18.85 32.22 -15.89
CA UNK F 499 -19.10 33.58 -16.33
C UNK F 499 -17.78 34.34 -16.43
N UNK F 500 -16.94 34.19 -15.41
CA UNK F 500 -15.64 34.86 -15.38
C UNK F 500 -14.76 34.40 -16.54
N UNK F 501 -14.84 33.12 -16.87
CA UNK F 501 -14.10 32.58 -18.02
C UNK F 501 -14.69 33.10 -19.31
N UNK F 502 -16.00 33.34 -19.31
CA UNK F 502 -16.70 33.85 -20.48
C UNK F 502 -16.31 35.30 -20.75
N UNK F 503 -16.00 36.03 -19.69
CA UNK F 503 -15.57 37.42 -19.79
C UNK F 503 -14.19 37.54 -20.45
N UNK F 504 -13.47 36.42 -20.48
CA UNK F 504 -12.15 36.38 -21.10
C UNK F 504 -12.25 36.20 -22.61
N UNK G 5 35.54 31.57 58.87
CA UNK G 5 35.05 32.56 57.93
C UNK G 5 36.03 32.75 56.78
N UNK G 6 35.50 32.98 55.58
CA UNK G 6 36.32 33.25 54.41
C UNK G 6 35.75 34.42 53.62
N UNK G 7 36.54 34.95 52.68
CA UNK G 7 36.11 36.08 51.88
C UNK G 7 35.85 35.68 50.43
N LEU G 17 26.09 40.92 44.56
CA LEU G 17 25.97 40.73 43.12
C LEU G 17 26.04 39.25 42.73
N ASN G 18 26.90 38.50 43.41
CA ASN G 18 27.09 37.08 43.13
C ASN G 18 25.87 36.27 43.54
N PHE G 19 25.46 36.43 44.79
CA PHE G 19 24.37 35.65 45.37
C PHE G 19 23.02 36.35 45.26
N TYR G 20 22.97 37.45 44.53
CA TYR G 20 21.76 38.28 44.44
C TYR G 20 20.50 37.54 43.96
N LEU G 21 19.38 37.90 44.59
CA LEU G 21 18.05 37.46 44.17
C LEU G 21 17.13 38.68 44.23
N SER G 22 16.08 38.68 43.42
CA SER G 22 15.22 39.85 43.28
C SER G 22 14.27 40.02 44.46
N TYR G 23 14.06 38.95 45.19
CA TYR G 23 13.13 38.95 46.32
C TYR G 23 13.86 39.26 47.62
N PHE G 24 15.18 39.41 47.55
CA PHE G 24 15.98 39.79 48.71
C PHE G 24 15.70 41.24 49.13
N ASP G 25 15.38 42.08 48.15
CA ASP G 25 15.01 43.47 48.43
C ASP G 25 13.66 43.51 49.16
N ASP G 26 12.78 42.57 48.83
CA ASP G 26 11.48 42.47 49.48
C ASP G 26 11.61 42.02 50.93
N VAL G 27 12.58 41.14 51.20
CA VAL G 27 12.88 40.67 52.54
C VAL G 27 13.50 41.77 53.39
N ALA G 28 14.54 42.40 52.85
CA ALA G 28 15.22 43.48 53.55
C ALA G 28 14.28 44.65 53.86
N LYS G 29 13.27 44.84 53.02
CA LYS G 29 12.30 45.91 53.22
C LYS G 29 11.30 45.59 54.34
N VAL G 30 11.16 44.31 54.63
CA VAL G 30 10.30 43.84 55.71
C VAL G 30 11.05 43.85 57.05
N LEU G 31 12.10 43.04 57.13
CA LEU G 31 12.91 42.87 58.34
C LEU G 31 13.35 44.20 58.97
N PRO G 32 13.15 44.33 60.30
CA PRO G 32 13.52 45.54 61.04
C PRO G 32 15.00 45.88 60.92
N ARG G 33 15.32 47.16 61.02
CA ARG G 33 16.69 47.64 60.89
C ARG G 33 17.59 47.13 62.02
N GLU G 34 17.01 46.94 63.20
CA GLU G 34 17.77 46.44 64.34
C GLU G 34 17.96 44.94 64.26
N HIS G 35 17.10 44.27 63.50
CA HIS G 35 17.15 42.82 63.36
C HIS G 35 18.04 42.38 62.20
N TYR G 36 18.82 41.34 62.43
CA TYR G 36 19.76 40.82 61.43
C TYR G 36 19.31 39.47 60.89
N CYS G 37 19.65 39.19 59.64
CA CYS G 37 19.25 37.94 58.99
C CYS G 37 20.33 37.39 58.05
N PHE G 38 20.54 36.08 58.09
CA PHE G 38 21.55 35.43 57.26
C PHE G 38 20.94 34.47 56.25
N ILE G 39 21.65 34.25 55.16
CA ILE G 39 21.20 33.29 54.14
C ILE G 39 22.08 32.04 54.19
N VAL G 40 21.44 30.90 54.45
CA VAL G 40 22.17 29.64 54.61
C VAL G 40 21.55 28.56 53.72
N GLY G 41 22.27 27.47 53.56
CA GLY G 41 21.73 26.31 52.88
C GLY G 41 22.01 26.26 51.39
N GLY G 42 21.12 25.60 50.67
CA GLY G 42 21.33 25.25 49.29
C GLY G 42 21.50 26.39 48.31
N TRP G 43 21.02 27.58 48.66
CA TRP G 43 21.15 28.69 47.73
C TRP G 43 22.62 29.01 47.52
N VAL G 44 23.31 29.25 48.62
CA VAL G 44 24.74 29.54 48.60
C VAL G 44 25.53 28.37 48.01
N ARG G 45 25.11 27.16 48.34
CA ARG G 45 25.78 25.94 47.86
C ARG G 45 25.72 25.81 46.33
N ASP G 46 24.50 25.88 45.80
CA ASP G 46 24.27 25.79 44.36
C ASP G 46 24.94 26.95 43.61
N ARG G 47 24.90 28.13 44.19
CA ARG G 47 25.53 29.29 43.56
C ARG G 47 27.04 29.14 43.49
N ILE G 48 27.65 28.66 44.58
CA ILE G 48 29.09 28.42 44.62
C ILE G 48 29.50 27.31 43.65
N LEU G 49 28.63 26.31 43.51
CA LEU G 49 28.92 25.22 42.59
C LEU G 49 29.02 25.73 41.15
N GLY G 50 28.31 26.82 40.87
CA GLY G 50 28.35 27.43 39.55
C GLY G 50 27.14 27.04 38.71
N GLU G 51 26.35 26.11 39.23
CA GLU G 51 25.18 25.60 38.52
C GLU G 51 24.13 26.68 38.30
N PRO G 52 23.51 26.67 37.11
CA PRO G 52 22.50 27.66 36.73
C PRO G 52 21.31 27.68 37.69
N VAL G 53 20.58 28.78 37.71
CA VAL G 53 19.39 28.89 38.54
C VAL G 53 18.21 28.22 37.86
N GLY G 54 17.68 27.18 38.49
CA GLY G 54 16.62 26.36 37.92
C GLY G 54 15.25 26.95 38.13
N TYR G 55 14.22 26.19 37.79
CA TYR G 55 12.84 26.66 37.88
C TYR G 55 12.25 26.46 39.27
N ASN G 56 12.94 25.70 40.12
CA ASN G 56 12.55 25.57 41.52
C ASN G 56 13.60 26.18 42.43
N ILE G 57 13.25 27.27 43.09
CA ILE G 57 14.20 27.96 43.94
C ILE G 57 13.86 27.82 45.40
N ASP G 58 14.76 27.20 46.15
CA ASP G 58 14.57 27.04 47.57
C ASP G 58 15.62 27.84 48.33
N VAL G 59 15.17 28.83 49.10
CA VAL G 59 16.07 29.67 49.88
C VAL G 59 15.83 29.50 51.36
N ASP G 60 16.91 29.55 52.14
CA ASP G 60 16.82 29.37 53.58
C ASP G 60 17.47 30.51 54.36
N PHE G 61 16.79 30.91 55.43
CA PHE G 61 17.19 32.07 56.23
C PHE G 61 17.27 31.79 57.72
N LEU G 62 18.20 32.49 58.39
CA LEU G 62 18.27 32.52 59.86
C LEU G 62 18.09 33.96 60.35
N THR G 63 16.97 34.24 60.99
CA THR G 63 16.66 35.62 61.39
C THR G 63 16.55 35.85 62.90
N THR G 64 16.89 37.06 63.32
CA THR G 64 16.85 37.43 64.73
C THR G 64 15.48 37.97 65.11
N ALA G 65 14.61 38.15 64.12
CA ALA G 65 13.26 38.62 64.37
C ALA G 65 12.31 37.44 64.55
N ASP G 66 11.01 37.74 64.56
CA ASP G 66 9.99 36.70 64.62
C ASP G 66 9.69 36.22 63.20
N PRO G 67 10.04 34.96 62.90
CA PRO G 67 9.88 34.37 61.56
C PRO G 67 8.43 34.40 61.07
N VAL G 68 7.48 34.27 61.98
CA VAL G 68 6.07 34.26 61.62
C VAL G 68 5.59 35.60 61.03
N GLU G 69 5.80 36.67 61.79
CA GLU G 69 5.39 38.01 61.37
C GLU G 69 6.17 38.45 60.14
N LEU G 70 7.47 38.15 60.16
CA LEU G 70 8.38 38.45 59.06
C LEU G 70 7.90 37.83 57.76
N ALA G 71 7.72 36.50 57.79
CA ALA G 71 7.25 35.76 56.62
C ALA G 71 5.85 36.17 56.20
N LYS G 72 5.03 36.59 57.17
CA LYS G 72 3.67 37.05 56.86
C LYS G 72 3.70 38.35 56.06
N ASN G 73 4.48 39.31 56.52
CA ASN G 73 4.58 40.59 55.82
C ASN G 73 5.32 40.46 54.49
N PHE G 74 6.26 39.53 54.43
CA PHE G 74 6.97 39.25 53.18
C PHE G 74 6.06 38.64 52.13
N ALA G 75 5.30 37.61 52.52
CA ALA G 75 4.35 36.97 51.63
C ALA G 75 3.20 37.90 51.26
N LYS G 76 2.92 38.87 52.14
CA LYS G 76 1.91 39.88 51.87
C LYS G 76 2.43 40.87 50.82
N ARG G 77 3.72 41.19 50.92
CA ARG G 77 4.36 42.07 49.95
C ARG G 77 4.42 41.45 48.56
N ILE G 78 4.97 40.24 48.48
CA ILE G 78 5.18 39.60 47.19
C ILE G 78 3.90 38.98 46.62
N GLY G 79 2.85 38.93 47.44
CA GLY G 79 1.59 38.33 47.02
C GLY G 79 1.67 36.82 46.96
N GLY G 80 2.44 36.23 47.86
CA GLY G 80 2.57 34.79 47.93
C GLY G 80 1.85 34.15 49.10
N HIS G 81 1.83 32.82 49.12
CA HIS G 81 1.19 32.06 50.18
C HIS G 81 2.13 31.91 51.38
N PHE G 82 1.56 31.92 52.59
CA PHE G 82 2.35 31.88 53.82
C PHE G 82 1.85 30.79 54.78
N PHE G 83 2.77 29.99 55.32
CA PHE G 83 2.40 28.99 56.32
C PHE G 83 3.50 28.70 57.34
N VAL G 84 3.10 28.48 58.60
CA VAL G 84 4.04 28.21 59.69
C VAL G 84 3.90 26.79 60.22
N PHE G 85 5.03 26.21 60.63
CA PHE G 85 5.03 24.86 61.21
C PHE G 85 6.20 24.64 62.16
N GLU G 86 6.05 23.65 63.06
CA GLU G 86 7.09 23.36 64.04
C GLU G 86 8.09 22.33 63.54
N PRO G 95 12.91 24.14 66.25
CA PRO G 95 12.04 25.22 66.71
C PRO G 95 10.88 25.45 65.76
N THR G 96 10.11 26.51 66.01
CA THR G 96 9.02 26.88 65.13
C THR G 96 9.57 27.64 63.92
N ILE G 97 9.34 27.12 62.71
CA ILE G 97 9.81 27.79 61.47
C ILE G 97 8.69 28.17 60.51
N ALA G 98 8.97 29.16 59.64
CA ALA G 98 7.97 29.70 58.73
C ALA G 98 8.36 29.51 57.27
N SER G 99 7.37 29.55 56.37
CA SER G 99 7.62 29.34 54.95
C SER G 99 6.71 30.19 54.07
N VAL G 100 7.28 30.68 52.97
CA VAL G 100 6.53 31.45 51.97
C VAL G 100 6.67 30.81 50.59
N VAL G 101 5.54 30.49 49.97
CA VAL G 101 5.55 29.79 48.69
C VAL G 101 4.85 30.56 47.57
N LEU G 102 5.57 30.87 46.50
CA LEU G 102 5.00 31.53 45.33
C LEU G 102 5.04 30.60 44.12
N HIS G 103 3.86 30.23 43.62
CA HIS G 103 3.77 29.21 42.60
C HIS G 103 2.97 29.66 41.36
N LEU G 104 3.66 29.80 40.24
CA LEU G 104 3.01 29.99 38.94
C LEU G 104 3.55 28.89 38.00
N PRO G 105 3.05 28.80 36.76
CA PRO G 105 3.55 27.69 35.94
C PRO G 105 5.08 27.62 35.74
N PRO G 106 5.75 28.73 35.37
CA PRO G 106 7.19 28.53 35.10
C PRO G 106 8.05 28.24 36.32
N TYR G 107 7.76 28.91 37.44
CA TYR G 107 8.65 28.91 38.60
C TYR G 107 7.94 28.61 39.91
N ARG G 108 8.68 28.02 40.84
CA ARG G 108 8.21 27.83 42.20
C ARG G 108 9.24 28.35 43.19
N TYR G 109 8.83 29.31 44.01
CA TYR G 109 9.70 29.92 45.00
C TYR G 109 9.32 29.46 46.41
N ARG G 110 10.31 29.03 47.17
CA ARG G 110 10.06 28.69 48.58
C ARG G 110 11.10 29.29 49.53
N PHE G 111 10.62 30.13 50.45
CA PHE G 111 11.49 30.80 51.40
C PHE G 111 11.24 30.32 52.81
N ASP G 112 12.24 29.66 53.40
CA ASP G 112 12.13 29.18 54.79
C ASP G 112 12.81 30.13 55.78
N PHE G 113 12.02 30.70 56.68
CA PHE G 113 12.57 31.54 57.74
C PHE G 113 12.68 30.76 59.05
N SER G 114 13.90 30.71 59.59
CA SER G 114 14.13 30.03 60.86
C SER G 114 14.57 31.04 61.93
N PRO G 115 14.27 30.74 63.21
CA PRO G 115 14.68 31.60 64.32
C PRO G 115 16.18 31.56 64.58
N LEU G 116 16.76 32.73 64.85
CA LEU G 116 18.12 32.82 65.35
C LEU G 116 18.11 33.76 66.54
N LYS G 117 18.57 33.27 67.69
CA LYS G 117 18.58 34.07 68.91
C LYS G 117 19.78 33.72 69.78
N GLY G 118 20.34 34.71 70.46
CA GLY G 118 21.46 34.49 71.36
C GLY G 118 22.02 35.81 71.87
N LYS G 119 22.84 35.75 72.92
CA LYS G 119 23.45 36.97 73.44
C LYS G 119 24.55 37.47 72.50
N ASP G 120 25.02 36.59 71.64
CA ASP G 120 25.99 36.96 70.62
C ASP G 120 25.51 36.47 69.25
N LEU G 121 25.51 37.38 68.27
CA LEU G 121 25.02 37.06 66.94
C LEU G 121 25.89 36.01 66.24
N GLU G 122 27.18 36.30 66.11
CA GLU G 122 28.11 35.44 65.39
C GLU G 122 28.25 34.08 66.06
N LYS G 123 28.25 34.09 67.39
CA LYS G 123 28.35 32.88 68.19
C LYS G 123 27.13 31.97 67.99
N ALA G 124 25.95 32.57 67.97
CA ALA G 124 24.71 31.81 67.77
C ALA G 124 24.62 31.31 66.33
N LEU G 125 25.15 32.10 65.41
CA LEU G 125 25.22 31.72 64.01
C LEU G 125 26.06 30.44 63.86
N ILE G 126 27.31 30.50 64.34
CA ILE G 126 28.20 29.34 64.25
C ILE G 126 27.63 28.15 65.01
N GLU G 127 26.98 28.41 66.13
CA GLU G 127 26.35 27.35 66.92
C GLU G 127 25.25 26.68 66.11
N ASP G 128 24.56 27.45 65.26
CA ASP G 128 23.51 26.89 64.40
C ASP G 128 24.10 26.13 63.21
N LEU G 129 25.25 26.61 62.72
CA LEU G 129 25.89 26.02 61.55
C LEU G 129 26.59 24.69 61.81
N LYS G 130 27.03 24.48 63.05
CA LYS G 130 27.76 23.25 63.40
C LYS G 130 26.82 22.09 63.66
N GLU G 131 25.52 22.40 63.74
CA GLU G 131 24.50 21.40 63.97
C GLU G 131 23.90 20.88 62.67
N ARG G 132 24.29 21.51 61.56
CA ARG G 132 23.74 21.20 60.25
C ARG G 132 24.30 19.93 59.62
N ASP G 133 23.58 19.38 58.66
CA ASP G 133 23.89 18.07 58.08
C ASP G 133 25.22 17.98 57.32
N PHE G 134 25.42 18.88 56.35
CA PHE G 134 26.61 18.83 55.49
C PHE G 134 27.30 20.18 55.35
N THR G 135 28.62 20.13 55.13
CA THR G 135 29.44 21.32 55.06
C THR G 135 28.92 22.32 54.03
N ALA G 136 28.42 21.80 52.92
CA ALA G 136 27.90 22.64 51.84
C ALA G 136 26.61 23.36 52.23
N ASN G 137 25.95 22.85 53.26
CA ASN G 137 24.75 23.49 53.80
C ASN G 137 25.08 24.44 54.95
N ALA G 138 26.34 24.38 55.40
CA ALA G 138 26.77 25.12 56.58
C ALA G 138 27.35 26.49 56.25
N ILE G 139 27.35 26.85 54.97
CA ILE G 139 27.85 28.15 54.54
C ILE G 139 26.73 29.18 54.57
N ALA G 140 26.96 30.27 55.30
CA ALA G 140 25.97 31.33 55.44
C ALA G 140 26.59 32.68 55.10
N VAL G 141 25.77 33.59 54.59
CA VAL G 141 26.23 34.94 54.29
C VAL G 141 25.27 35.99 54.83
N ASN G 142 25.72 37.24 54.81
CA ASN G 142 24.91 38.34 55.30
C ASN G 142 23.86 38.76 54.27
N LEU G 143 22.67 39.10 54.74
CA LEU G 143 21.60 39.58 53.86
C LEU G 143 21.99 40.88 53.19
N ASP G 144 22.53 41.82 53.97
CA ASP G 144 22.89 43.13 53.47
C ASP G 144 24.12 43.10 52.56
N ASP G 145 24.88 42.00 52.60
CA ASP G 145 26.07 41.87 51.78
C ASP G 145 25.77 41.60 50.30
N VAL G 146 24.91 40.61 50.05
CA VAL G 146 24.59 40.17 48.69
C VAL G 146 23.71 41.15 47.94
N LEU G 147 23.02 42.01 48.67
CA LEU G 147 22.21 43.05 48.07
C LEU G 147 23.09 43.99 47.26
N SER G 148 22.71 44.23 46.02
CA SER G 148 23.44 45.13 45.14
C SER G 148 22.50 45.64 44.08
N THR G 154 31.41 40.26 49.97
CA THR G 154 30.53 39.20 50.45
C THR G 154 31.26 38.25 51.38
N ILE G 155 31.16 38.50 52.68
CA ILE G 155 31.75 37.60 53.67
C ILE G 155 30.88 36.35 53.86
N VAL G 156 31.53 35.19 53.90
CA VAL G 156 30.82 33.93 54.07
C VAL G 156 31.18 33.29 55.43
N TYR G 157 30.24 32.56 56.00
CA TYR G 157 30.49 31.87 57.26
C TYR G 157 30.54 30.37 57.05
N ASP G 158 31.73 29.79 57.18
CA ASP G 158 31.90 28.36 57.01
C ASP G 158 32.77 27.80 58.13
N PRO G 159 32.19 27.65 59.33
CA PRO G 159 32.96 27.13 60.47
C PRO G 159 33.35 25.68 60.21
N THR G 160 32.61 25.02 59.32
CA THR G 160 32.89 23.63 58.98
C THR G 160 33.76 23.53 57.72
N GLY G 161 34.15 24.67 57.17
CA GLY G 161 35.01 24.71 56.00
C GLY G 161 34.35 24.11 54.76
N GLY G 162 33.19 24.65 54.40
CA GLY G 162 32.41 24.11 53.30
C GLY G 162 33.01 24.35 51.93
N ILE G 163 33.59 25.53 51.74
CA ILE G 163 34.18 25.88 50.46
C ILE G 163 35.35 24.96 50.10
N LYS G 164 36.15 24.61 51.10
CA LYS G 164 37.31 23.74 50.89
C LYS G 164 36.88 22.35 50.41
N ASP G 165 35.79 21.85 50.99
CA ASP G 165 35.26 20.54 50.67
C ASP G 165 34.58 20.53 49.29
N LEU G 166 33.84 21.60 49.00
CA LEU G 166 33.21 21.72 47.68
C LEU G 166 34.26 21.82 46.59
N GLU G 167 35.37 22.50 46.90
CA GLU G 167 36.46 22.67 45.94
C GLU G 167 37.05 21.34 45.49
N GLN G 168 37.09 20.38 46.40
CA GLN G 168 37.61 19.06 46.10
C GLN G 168 36.53 18.18 45.51
N GLY G 169 35.33 18.76 45.36
CA GLY G 169 34.20 18.03 44.81
C GLY G 169 33.78 16.90 45.72
N LEU G 170 33.79 17.17 47.02
CA LEU G 170 33.47 16.15 48.01
C LEU G 170 32.33 16.59 48.92
N LEU G 171 31.42 15.67 49.23
CA LEU G 171 30.35 15.96 50.16
C LEU G 171 30.66 15.35 51.53
N ARG G 172 31.02 16.22 52.46
CA ARG G 172 31.42 15.80 53.81
C ARG G 172 30.50 16.38 54.88
N PRO G 173 29.77 15.51 55.59
CA PRO G 173 28.87 15.95 56.67
C PRO G 173 29.63 16.57 57.84
N VAL G 174 28.96 17.44 58.60
CA VAL G 174 29.61 18.13 59.70
C VAL G 174 30.02 17.17 60.80
N SER G 175 29.06 16.39 61.28
CA SER G 175 29.34 15.40 62.32
C SER G 175 28.38 14.24 62.16
N ILE G 176 28.85 13.04 62.51
CA ILE G 176 28.03 11.85 62.40
C ILE G 176 26.86 11.93 63.38
N GLU G 177 27.05 12.68 64.46
CA GLU G 177 26.01 12.87 65.46
C GLU G 177 24.85 13.70 64.91
N ASN G 178 25.15 14.64 64.02
CA ASN G 178 24.11 15.38 63.32
C ASN G 178 23.35 14.46 62.37
N LEU G 179 24.03 13.41 61.89
CA LEU G 179 23.41 12.45 61.00
C LEU G 179 22.47 11.54 61.77
N LYS G 180 22.92 11.08 62.93
CA LYS G 180 22.07 10.26 63.79
C LYS G 180 20.95 11.11 64.37
N ARG G 181 21.16 12.42 64.43
CA ARG G 181 20.17 13.36 64.95
C ARG G 181 18.86 13.24 64.17
N ASP G 182 18.95 13.40 62.84
CA ASP G 182 17.80 13.24 61.96
C ASP G 182 18.20 12.34 60.81
N PRO G 183 18.04 11.02 60.99
CA PRO G 183 18.53 9.96 60.09
C PRO G 183 18.13 10.10 58.61
N VAL G 184 17.03 10.78 58.31
CA VAL G 184 16.58 10.93 56.93
C VAL G 184 17.68 11.58 56.06
N ARG G 185 18.49 12.41 56.69
CA ARG G 185 19.59 13.08 56.03
C ARG G 185 20.56 12.12 55.36
N VAL G 186 20.66 10.88 55.88
CA VAL G 186 21.57 9.91 55.30
C VAL G 186 21.16 9.56 53.87
N LEU G 187 19.89 9.80 53.55
CA LEU G 187 19.40 9.67 52.18
C LEU G 187 19.79 10.90 51.36
N ARG G 188 19.61 12.07 51.96
CA ARG G 188 19.92 13.33 51.31
C ARG G 188 21.38 13.32 50.87
N GLY G 189 22.25 12.87 51.78
CA GLY G 189 23.66 12.73 51.49
C GLY G 189 23.96 11.91 50.25
N PHE G 190 23.12 10.93 49.95
CA PHE G 190 23.23 10.23 48.68
C PHE G 190 22.74 11.12 47.54
N ARG G 191 21.50 11.57 47.67
CA ARG G 191 20.82 12.28 46.59
C ARG G 191 21.64 13.48 46.12
N ILE G 192 21.91 14.37 47.07
CA ILE G 192 22.73 15.55 46.80
C ILE G 192 24.02 15.14 46.10
N ALA G 193 24.69 14.11 46.62
CA ALA G 193 25.97 13.69 46.07
C ALA G 193 25.88 13.33 44.59
N ILE G 194 24.76 12.72 44.20
CA ILE G 194 24.54 12.42 42.80
C ILE G 194 23.97 13.61 42.04
N GLU G 195 23.16 14.41 42.73
CA GLU G 195 22.48 15.52 42.09
C GLU G 195 23.44 16.63 41.66
N LYS G 196 24.34 16.98 42.57
CA LYS G 196 25.35 17.99 42.28
C LYS G 196 26.64 17.33 41.81
N ASN G 197 26.59 16.01 41.64
CA ASN G 197 27.75 15.22 41.25
C ASN G 197 28.95 15.41 42.17
N LEU G 198 28.82 14.91 43.40
CA LEU G 198 29.89 15.02 44.38
C LEU G 198 30.21 13.66 44.99
N GLN G 199 31.46 13.49 45.42
CA GLN G 199 31.90 12.24 46.02
C GLN G 199 31.78 12.29 47.54
N LEU G 200 31.04 11.33 48.09
CA LEU G 200 30.87 11.23 49.53
C LEU G 200 32.17 10.81 50.20
N THR G 201 32.36 11.23 51.45
CA THR G 201 33.59 10.93 52.17
C THR G 201 33.59 9.51 52.74
N GLU G 202 34.71 9.13 53.36
CA GLU G 202 34.91 7.77 53.83
C GLU G 202 34.09 7.47 55.07
N ASP G 203 34.12 8.39 56.03
CA ASP G 203 33.41 8.26 57.28
C ASP G 203 31.91 8.09 57.06
N PHE G 204 31.41 8.62 55.96
CA PHE G 204 30.00 8.51 55.65
C PHE G 204 29.62 7.08 55.28
N TYR G 205 30.37 6.50 54.33
CA TYR G 205 30.14 5.12 53.93
C TYR G 205 30.39 4.17 55.10
N GLU G 206 31.35 4.53 55.95
CA GLU G 206 31.62 3.77 57.16
C GLU G 206 30.39 3.76 58.06
N PHE G 207 29.91 4.95 58.41
CA PHE G 207 28.71 5.10 59.23
C PHE G 207 27.51 4.37 58.64
N VAL G 208 27.41 4.35 57.31
CA VAL G 208 26.34 3.61 56.66
C VAL G 208 26.53 2.10 56.88
N LYS G 209 27.77 1.68 56.79
CA LYS G 209 28.10 0.28 57.01
C LYS G 209 27.78 -0.11 58.44
N GLU G 210 28.00 0.81 59.37
CA GLU G 210 27.76 0.46 60.76
C GLU G 210 26.30 0.14 61.00
N ASP G 211 25.37 0.98 60.59
CA ASP G 211 23.95 0.69 60.83
C ASP G 211 23.01 1.28 59.83
N PRO G 212 22.72 0.49 58.83
CA PRO G 212 21.86 0.88 57.71
C PRO G 212 20.41 1.14 58.13
N ARG G 213 19.97 0.47 59.18
CA ARG G 213 18.57 0.52 59.58
C ARG G 213 18.16 1.86 60.20
N ILE G 214 19.15 2.70 60.52
CA ILE G 214 18.90 3.96 61.22
C ILE G 214 17.83 4.81 60.54
N VAL G 215 17.78 4.70 59.22
CA VAL G 215 16.84 5.45 58.40
C VAL G 215 15.39 5.30 58.86
N LEU G 216 15.07 4.14 59.43
CA LEU G 216 13.70 3.85 59.87
C LEU G 216 13.26 4.68 61.08
N LYS G 217 14.21 5.27 61.79
CA LYS G 217 13.89 6.04 62.99
C LYS G 217 13.17 7.34 62.61
N SER G 218 13.57 7.90 61.47
CA SER G 218 12.96 9.12 60.94
C SER G 218 11.60 8.83 60.32
N ALA G 219 10.76 9.86 60.23
CA ALA G 219 9.39 9.71 59.74
C ALA G 219 9.36 9.06 58.35
N VAL G 220 8.31 8.29 58.07
CA VAL G 220 8.20 7.57 56.82
C VAL G 220 8.08 8.50 55.61
N GLU G 221 7.22 9.50 55.73
CA GLU G 221 6.92 10.41 54.61
C GLU G 221 8.15 11.16 54.10
N ARG G 222 9.08 11.45 55.00
CA ARG G 222 10.33 12.10 54.60
C ARG G 222 11.17 11.13 53.77
N ILE G 223 11.07 9.84 54.10
CA ILE G 223 11.74 8.82 53.31
C ILE G 223 11.08 8.74 51.93
N THR G 224 9.75 8.87 51.90
CA THR G 224 9.02 8.85 50.63
C THR G 224 9.52 9.97 49.74
N HIS G 225 9.40 11.18 50.25
CA HIS G 225 9.77 12.40 49.54
C HIS G 225 11.21 12.36 49.07
N GLU G 226 12.11 11.90 49.95
CA GLU G 226 13.52 11.86 49.62
C GLU G 226 13.80 10.82 48.54
N LEU G 227 13.21 9.65 48.67
CA LEU G 227 13.40 8.60 47.68
C LEU G 227 12.91 9.04 46.30
N PHE G 228 11.71 9.61 46.23
CA PHE G 228 11.21 10.11 44.96
C PHE G 228 12.08 11.21 44.38
N LYS G 229 12.59 12.08 45.25
CA LYS G 229 13.58 13.04 44.83
C LYS G 229 14.81 12.34 44.24
N ILE G 230 15.13 11.15 44.75
CA ILE G 230 16.25 10.40 44.20
C ILE G 230 15.89 9.91 42.81
N MET G 231 14.65 9.45 42.64
CA MET G 231 14.18 8.95 41.35
C MET G 231 13.95 10.05 40.31
N LYS G 232 13.94 11.30 40.78
CA LYS G 232 13.67 12.45 39.92
C LYS G 232 14.72 12.57 38.83
N GLU G 233 15.99 12.59 39.24
CA GLU G 233 17.10 12.72 38.28
C GLU G 233 17.37 11.43 37.52
N LYS G 234 18.01 11.57 36.37
CA LYS G 234 18.19 10.48 35.40
C LYS G 234 19.35 9.55 35.75
N THR G 235 20.10 9.91 36.79
CA THR G 235 21.22 9.12 37.26
C THR G 235 20.83 8.20 38.41
N ALA G 236 19.55 8.16 38.70
CA ALA G 236 19.01 7.47 39.88
C ALA G 236 19.44 6.01 40.05
N HIS G 237 19.74 5.32 38.96
CA HIS G 237 20.08 3.90 39.07
C HIS G 237 21.36 3.64 39.85
N LYS G 238 22.30 4.57 39.78
CA LYS G 238 23.53 4.44 40.54
C LYS G 238 23.24 4.59 42.04
N VAL G 239 22.39 5.56 42.37
CA VAL G 239 21.98 5.77 43.76
C VAL G 239 21.22 4.57 44.29
N ILE G 240 20.40 3.96 43.45
CA ILE G 240 19.63 2.79 43.87
C ILE G 240 20.54 1.60 44.08
N ARG G 241 21.54 1.43 43.21
CA ARG G 241 22.53 0.39 43.43
C ARG G 241 23.27 0.61 44.74
N GLU G 242 23.63 1.87 45.02
CA GLU G 242 24.29 2.20 46.28
C GLU G 242 23.42 1.88 47.49
N LEU G 243 22.16 2.29 47.45
CA LEU G 243 21.24 2.05 48.55
C LEU G 243 20.98 0.56 48.76
N TYR G 244 21.01 -0.21 47.67
CA TYR G 244 20.77 -1.65 47.74
C TYR G 244 21.98 -2.40 48.32
N GLU G 245 23.17 -2.04 47.87
CA GLU G 245 24.41 -2.70 48.31
C GLU G 245 24.77 -2.41 49.78
N TYR G 246 24.36 -1.25 50.26
CA TYR G 246 24.54 -0.86 51.66
C TYR G 246 23.32 -1.21 52.49
N GLY G 247 22.34 -1.84 51.84
CA GLY G 247 21.18 -2.36 52.53
C GLY G 247 20.17 -1.36 53.06
N VAL G 248 20.36 -0.07 52.76
CA VAL G 248 19.43 0.96 53.21
C VAL G 248 18.07 0.78 52.56
N LEU G 249 18.09 0.46 51.28
CA LEU G 249 16.89 0.12 50.53
C LEU G 249 16.23 -1.09 51.17
N GLU G 250 17.04 -2.07 51.54
CA GLU G 250 16.54 -3.30 52.14
C GLU G 250 15.85 -3.03 53.48
N ALA G 251 16.34 -2.03 54.21
CA ALA G 251 15.77 -1.68 55.52
C ALA G 251 14.51 -0.87 55.37
N ILE G 252 14.47 -0.04 54.34
CA ILE G 252 13.29 0.74 54.02
C ILE G 252 12.25 -0.13 53.30
N ILE G 253 12.71 -0.90 52.32
CA ILE G 253 11.85 -1.80 51.59
C ILE G 253 12.41 -3.22 51.67
N PRO G 254 11.97 -3.99 52.67
CA PRO G 254 12.42 -5.37 52.87
C PRO G 254 12.11 -6.26 51.68
N GLU G 255 11.03 -5.94 50.97
CA GLU G 255 10.56 -6.75 49.85
C GLU G 255 11.65 -7.03 48.84
N ILE G 256 12.43 -6.00 48.50
CA ILE G 256 13.50 -6.10 47.52
C ILE G 256 14.55 -7.15 47.90
N GLY G 257 14.83 -7.25 49.19
CA GLY G 257 15.79 -8.22 49.69
C GLY G 257 15.41 -9.63 49.31
N ARG G 258 14.11 -9.86 49.11
CA ARG G 258 13.60 -11.18 48.78
C ARG G 258 14.02 -11.62 47.37
N LEU G 259 14.55 -10.69 46.59
CA LEU G 259 14.97 -11.00 45.23
C LEU G 259 16.27 -11.82 45.20
N ARG G 260 17.03 -11.74 46.28
CA ARG G 260 18.33 -12.40 46.33
C ARG G 260 18.20 -13.91 46.50
N GLU G 261 17.19 -14.34 47.27
CA GLU G 261 17.04 -15.74 47.64
C GLU G 261 16.80 -16.67 46.45
N VAL G 262 16.35 -16.10 45.33
CA VAL G 262 16.14 -16.86 44.11
C VAL G 262 17.36 -16.75 43.20
N LYS G 263 17.87 -17.90 42.74
CA LYS G 263 19.03 -17.93 41.86
C LYS G 263 18.66 -18.11 40.38
N ASP G 264 19.09 -17.19 39.53
CA ASP G 264 18.86 -17.32 38.09
C ASP G 264 20.13 -17.73 37.36
N PRO G 272 20.69 -14.41 39.10
CA PRO G 272 20.69 -13.16 39.88
C PRO G 272 19.52 -12.25 39.49
N LEU G 273 18.46 -12.28 40.29
CA LEU G 273 17.27 -11.48 39.98
C LEU G 273 17.43 -10.01 40.39
N ASP G 274 18.14 -9.78 41.48
CA ASP G 274 18.40 -8.43 41.95
C ASP G 274 19.17 -7.62 40.89
N GLU G 275 20.30 -8.17 40.45
CA GLU G 275 21.12 -7.51 39.43
C GLU G 275 20.30 -7.31 38.17
N HIS G 276 19.39 -8.24 37.92
CA HIS G 276 18.48 -8.13 36.79
C HIS G 276 17.57 -6.90 36.92
N THR G 277 17.03 -6.67 38.12
CA THR G 277 16.17 -5.50 38.33
C THR G 277 16.96 -4.19 38.30
N LEU G 278 18.21 -4.24 38.76
CA LEU G 278 19.07 -3.05 38.69
C LEU G 278 19.40 -2.68 37.23
N LYS G 279 19.82 -3.68 36.46
CA LYS G 279 20.08 -3.46 35.04
C LYS G 279 18.82 -3.01 34.33
N THR G 280 17.69 -3.56 34.75
CA THR G 280 16.40 -3.13 34.23
C THR G 280 16.17 -1.65 34.48
N LEU G 281 16.50 -1.19 35.68
CA LEU G 281 16.35 0.23 36.00
C LEU G 281 17.26 1.10 35.15
N GLU G 282 18.55 0.74 35.10
CA GLU G 282 19.53 1.49 34.31
C GLU G 282 19.13 1.61 32.85
N TYR G 283 18.73 0.48 32.26
CA TYR G 283 18.31 0.46 30.87
C TYR G 283 17.01 1.21 30.66
N LEU G 284 16.14 1.22 31.68
CA LEU G 284 14.91 1.99 31.59
C LEU G 284 15.25 3.47 31.57
N GLU G 285 16.32 3.85 32.25
CA GLU G 285 16.75 5.23 32.20
C GLU G 285 17.33 5.58 30.85
N GLN G 286 18.31 4.82 30.40
CA GLN G 286 18.95 5.09 29.11
C GLN G 286 17.92 5.15 28.00
N VAL G 287 16.99 4.20 28.03
CA VAL G 287 15.87 4.19 27.10
C VAL G 287 15.02 5.45 27.26
N ILE G 288 14.71 5.84 28.50
CA ILE G 288 13.91 7.04 28.72
C ILE G 288 14.58 8.26 28.09
N GLU G 289 15.90 8.30 28.12
CA GLU G 289 16.65 9.36 27.45
C GLU G 289 16.46 9.32 25.93
N ASP G 290 16.39 8.11 25.39
CA ASP G 290 16.24 7.89 23.96
C ASP G 290 14.77 7.69 23.55
N ARG G 291 13.87 7.95 24.51
CA ARG G 291 12.46 7.63 24.37
C ARG G 291 11.75 8.28 23.20
N ALA G 292 12.40 9.22 22.52
CA ALA G 292 11.80 9.88 21.37
C ALA G 292 11.80 8.97 20.14
N LYS G 293 12.77 8.08 20.08
CA LYS G 293 12.93 7.19 18.97
C LYS G 293 12.40 5.80 19.17
N TYR G 294 11.69 5.53 20.24
CA TYR G 294 11.15 4.20 20.46
C TYR G 294 9.66 4.19 20.30
N LEU G 295 9.07 5.36 20.36
CA LEU G 295 7.67 5.49 20.68
C LEU G 295 6.94 6.41 19.74
N SER G 296 5.65 6.26 19.64
CA SER G 296 5.00 7.14 18.68
C SER G 296 4.84 8.52 19.26
N ALA G 297 4.27 9.42 18.46
CA ALA G 297 4.13 10.82 18.80
C ALA G 297 2.93 11.13 19.71
N GLU G 298 1.80 10.48 19.43
CA GLU G 298 0.62 10.61 20.26
C GLU G 298 0.85 9.96 21.63
N LEU G 299 1.77 9.01 21.67
CA LEU G 299 2.14 8.38 22.94
C LEU G 299 3.08 9.27 23.75
N LEU G 300 4.01 9.94 23.06
CA LEU G 300 4.92 10.87 23.73
C LEU G 300 4.23 12.17 24.09
N GLU G 301 3.02 12.38 23.57
CA GLU G 301 2.31 13.63 23.84
C GLU G 301 2.08 13.91 25.31
N ASN G 302 1.43 12.98 26.00
CA ASN G 302 1.05 13.21 27.39
C ASN G 302 2.05 12.66 28.40
N PHE G 303 3.14 12.10 27.88
CA PHE G 303 4.17 11.49 28.71
C PHE G 303 4.82 12.49 29.65
N GLY G 304 4.88 12.15 30.93
CA GLY G 304 5.58 12.97 31.91
C GLY G 304 4.78 14.14 32.46
N LYS G 305 3.53 14.26 32.04
CA LYS G 305 2.70 15.36 32.51
C LYS G 305 1.93 15.06 33.79
N LYS G 306 1.90 13.78 34.20
CA LYS G 306 1.12 13.36 35.35
C LYS G 306 1.80 13.72 36.65
N ARG G 307 1.13 14.53 37.47
CA ARG G 307 1.74 15.08 38.68
C ARG G 307 1.44 14.24 39.92
N VAL G 308 2.51 13.80 40.59
CA VAL G 308 2.38 12.96 41.78
C VAL G 308 3.00 13.64 42.99
N LEU G 309 2.15 13.94 43.97
CA LEU G 309 2.50 14.73 45.15
C LEU G 309 2.97 16.14 44.76
N GLY G 310 2.64 16.51 43.53
CA GLY G 310 2.72 17.87 43.03
C GLY G 310 4.08 18.29 42.52
N GLU G 311 5.15 17.72 43.08
CA GLU G 311 6.50 18.00 42.59
C GLU G 311 7.12 16.89 41.74
N PHE G 312 6.37 15.83 41.51
CA PHE G 312 6.91 14.70 40.75
C PHE G 312 6.06 14.38 39.53
N THR G 313 6.67 13.74 38.54
CA THR G 313 5.97 13.27 37.36
C THR G 313 5.81 11.76 37.46
N ASP G 314 5.27 11.15 36.40
CA ASP G 314 5.11 9.70 36.36
C ASP G 314 6.37 9.00 35.88
N VAL G 315 7.42 9.77 35.60
CA VAL G 315 8.72 9.21 35.25
C VAL G 315 9.26 8.42 36.43
N GLU G 316 9.20 9.04 37.61
CA GLU G 316 9.64 8.40 38.84
C GLU G 316 8.83 7.14 39.12
N LEU G 317 7.52 7.24 38.93
CA LEU G 317 6.64 6.10 39.09
C LEU G 317 7.08 4.97 38.18
N LEU G 318 7.41 5.32 36.93
CA LEU G 318 7.89 4.35 35.97
C LEU G 318 9.17 3.68 36.45
N LYS G 319 10.08 4.46 37.02
CA LYS G 319 11.33 3.90 37.53
C LYS G 319 11.06 2.92 38.67
N TRP G 320 10.13 3.32 39.53
CA TRP G 320 9.69 2.47 40.63
C TRP G 320 9.12 1.16 40.10
N GLY G 321 8.39 1.25 38.99
CA GLY G 321 7.86 0.08 38.32
C GLY G 321 8.97 -0.79 37.78
N ALA G 322 10.09 -0.18 37.40
CA ALA G 322 11.23 -0.94 36.92
C ALA G 322 11.88 -1.71 38.07
N LEU G 323 11.96 -1.09 39.24
CA LEU G 323 12.54 -1.74 40.42
C LEU G 323 11.69 -2.94 40.90
N PHE G 324 10.37 -2.75 40.86
CA PHE G 324 9.41 -3.72 41.37
C PHE G 324 8.93 -4.65 40.27
N HIS G 325 9.53 -4.54 39.07
CA HIS G 325 9.02 -5.24 37.90
C HIS G 325 8.84 -6.75 38.11
N ASP G 326 9.83 -7.44 38.67
CA ASP G 326 9.56 -8.75 39.25
C ASP G 326 9.82 -8.70 40.73
N ILE G 327 8.77 -8.51 41.52
CA ILE G 327 8.88 -8.63 42.97
C ILE G 327 8.28 -9.96 43.41
N GLY G 328 7.68 -10.67 42.47
CA GLY G 328 6.88 -11.84 42.78
C GLY G 328 7.54 -13.17 42.53
N LYS G 329 8.72 -13.14 41.93
CA LYS G 329 9.46 -14.36 41.61
C LYS G 329 9.90 -15.20 42.83
N PRO G 330 10.32 -14.56 43.94
CA PRO G 330 10.57 -15.38 45.13
C PRO G 330 9.27 -15.92 45.75
N GLN G 331 8.18 -15.21 45.53
CA GLN G 331 6.89 -15.62 46.10
C GLN G 331 6.38 -16.89 45.46
N THR G 332 6.31 -16.90 44.13
CA THR G 332 5.77 -18.04 43.40
C THR G 332 6.79 -18.69 42.46
N PHE G 333 7.23 -19.90 42.79
CA PHE G 333 8.17 -20.65 41.93
C PHE G 333 8.01 -22.17 42.08
N ALA G 334 8.80 -22.93 41.32
CA ALA G 334 8.71 -24.39 41.34
C ALA G 334 10.05 -25.06 41.02
N PHE G 342 6.74 -19.20 38.22
CA PHE G 342 6.27 -17.84 38.45
C PHE G 342 5.08 -17.51 37.56
N TYR G 343 4.02 -18.31 37.64
CA TYR G 343 2.87 -18.09 36.76
C TYR G 343 2.04 -16.86 37.11
N GLU G 344 1.62 -16.77 38.36
CA GLU G 344 0.79 -15.67 38.82
C GLU G 344 1.59 -14.53 39.47
N HIS G 345 2.92 -14.61 39.37
CA HIS G 345 3.80 -13.64 40.03
C HIS G 345 3.52 -12.16 39.68
N ASP G 346 2.82 -11.90 38.59
CA ASP G 346 2.48 -10.52 38.25
C ASP G 346 1.38 -9.94 39.16
N LYS G 347 0.32 -10.73 39.38
CA LYS G 347 -0.71 -10.34 40.34
C LYS G 347 -0.05 -10.15 41.70
N VAL G 348 0.80 -11.10 42.08
CA VAL G 348 1.57 -11.05 43.32
C VAL G 348 2.35 -9.75 43.41
N GLY G 349 2.96 -9.36 42.31
CA GLY G 349 3.68 -8.11 42.22
C GLY G 349 2.77 -6.95 42.52
N ALA G 350 1.60 -6.95 41.88
CA ALA G 350 0.62 -5.87 42.07
C ALA G 350 0.24 -5.71 43.54
N GLN G 351 -0.05 -6.82 44.20
CA GLN G 351 -0.43 -6.76 45.61
C GLN G 351 0.73 -6.27 46.48
N ILE G 352 1.90 -6.87 46.31
CA ILE G 352 3.08 -6.47 47.08
C ILE G 352 3.35 -4.97 46.96
N VAL G 353 3.32 -4.47 45.73
CA VAL G 353 3.54 -3.05 45.48
C VAL G 353 2.44 -2.21 46.13
N ARG G 354 1.19 -2.68 46.05
CA ARG G 354 0.08 -1.97 46.68
C ARG G 354 0.31 -1.83 48.19
N GLU G 355 0.84 -2.88 48.81
CA GLU G 355 1.15 -2.85 50.23
C GLU G 355 2.36 -1.94 50.54
N ILE G 356 3.33 -1.90 49.63
CA ILE G 356 4.49 -1.01 49.78
C ILE G 356 4.05 0.45 49.68
N GLY G 357 2.99 0.70 48.92
CA GLY G 357 2.43 2.03 48.79
C GLY G 357 1.59 2.36 50.00
N GLU G 358 1.02 1.33 50.61
CA GLU G 358 0.30 1.50 51.86
C GLU G 358 1.26 1.93 52.99
N ARG G 359 2.36 1.20 53.12
CA ARG G 359 3.35 1.45 54.17
C ARG G 359 4.15 2.75 53.99
N LEU G 360 4.54 3.04 52.74
CA LEU G 360 5.47 4.14 52.46
C LEU G 360 4.74 5.46 52.28
N ARG G 361 3.44 5.44 52.49
CA ARG G 361 2.63 6.65 52.51
C ARG G 361 2.69 7.43 51.20
N TRP G 362 2.67 6.69 50.08
CA TRP G 362 2.52 7.30 48.76
C TRP G 362 1.06 7.67 48.55
N GLY G 363 0.77 8.31 47.42
CA GLY G 363 -0.60 8.61 47.10
C GLY G 363 -1.31 7.34 46.69
N ASP G 364 -2.63 7.30 46.88
CA ASP G 364 -3.42 6.16 46.41
C ASP G 364 -3.27 6.04 44.90
N GLU G 365 -3.45 7.16 44.21
CA GLU G 365 -3.31 7.19 42.76
C GLU G 365 -1.92 6.74 42.29
N ALA G 366 -0.89 7.18 43.01
CA ALA G 366 0.49 6.86 42.62
C ALA G 366 0.81 5.37 42.80
N THR G 367 0.50 4.84 43.98
CA THR G 367 0.74 3.43 44.25
C THR G 367 -0.14 2.57 43.34
N GLU G 368 -1.34 3.03 43.03
CA GLU G 368 -2.22 2.28 42.15
C GLU G 368 -1.64 2.28 40.75
N PHE G 369 -0.97 3.38 40.39
CA PHE G 369 -0.32 3.47 39.09
C PHE G 369 0.83 2.48 39.00
N VAL G 370 1.72 2.51 39.99
CA VAL G 370 2.88 1.63 39.99
C VAL G 370 2.46 0.17 40.00
N ALA G 371 1.49 -0.16 40.85
CA ALA G 371 0.96 -1.52 40.93
C ALA G 371 0.38 -1.93 39.59
N LYS G 372 -0.44 -1.06 39.02
CA LYS G 372 -1.07 -1.32 37.72
C LYS G 372 0.00 -1.61 36.68
N LEU G 373 1.12 -0.91 36.80
CA LEU G 373 2.24 -1.09 35.88
C LEU G 373 2.95 -2.43 36.10
N VAL G 374 3.04 -2.86 37.36
CA VAL G 374 3.70 -4.13 37.65
C VAL G 374 2.84 -5.30 37.18
N ARG G 375 1.53 -5.20 37.40
CA ARG G 375 0.59 -6.26 37.04
C ARG G 375 0.59 -6.53 35.54
N HIS G 376 0.60 -5.47 34.73
CA HIS G 376 0.52 -5.60 33.29
C HIS G 376 1.91 -5.67 32.66
N HIS G 377 2.95 -5.65 33.49
CA HIS G 377 4.33 -5.52 33.01
C HIS G 377 4.73 -6.55 31.96
N LEU G 378 4.13 -7.73 32.00
CA LEU G 378 4.50 -8.81 31.09
C LEU G 378 3.63 -8.83 29.83
N ARG G 379 2.64 -7.96 29.79
CA ARG G 379 1.71 -7.89 28.65
C ARG G 379 2.36 -7.78 27.28
N PRO G 380 3.38 -6.90 27.14
CA PRO G 380 3.96 -6.82 25.80
C PRO G 380 4.75 -8.06 25.43
N PHE G 381 5.18 -8.84 26.41
CA PHE G 381 5.90 -10.08 26.11
C PHE G 381 4.96 -11.14 25.54
N PHE G 382 3.79 -11.28 26.15
CA PHE G 382 2.78 -12.18 25.63
C PHE G 382 2.30 -11.72 24.27
N LEU G 383 2.05 -10.42 24.12
CA LEU G 383 1.60 -9.89 22.84
C LEU G 383 2.64 -10.11 21.74
N ARG G 384 3.90 -9.89 22.09
CA ARG G 384 5.01 -10.10 21.16
C ARG G 384 5.06 -11.56 20.75
N GLU G 385 4.98 -12.44 21.73
CA GLU G 385 5.03 -13.87 21.47
C GLU G 385 3.82 -14.33 20.64
N ALA G 386 2.74 -13.54 20.70
CA ALA G 386 1.55 -13.79 19.89
C ALA G 386 1.74 -13.26 18.47
N PHE G 387 2.58 -12.24 18.33
CA PHE G 387 2.87 -11.65 17.04
C PHE G 387 3.79 -12.58 16.25
N LYS G 388 4.83 -13.09 16.92
CA LYS G 388 5.82 -13.95 16.27
C LYS G 388 5.22 -15.18 15.58
N LYS G 389 4.10 -15.69 16.13
CA LYS G 389 3.41 -16.84 15.57
C LYS G 389 2.29 -16.40 14.63
N GLY G 390 2.19 -15.09 14.43
CA GLY G 390 1.20 -14.53 13.52
C GLY G 390 -0.21 -14.66 14.05
N GLU G 391 -0.33 -15.04 15.32
CA GLU G 391 -1.62 -15.25 15.95
C GLU G 391 -2.17 -13.96 16.55
N LEU G 392 -1.40 -12.88 16.42
CA LEU G 392 -1.82 -11.59 16.99
C LEU G 392 -2.91 -10.97 16.13
N LYS G 393 -4.07 -10.73 16.74
CA LYS G 393 -5.22 -10.24 16.00
C LYS G 393 -5.84 -8.99 16.64
N ARG G 394 -6.87 -8.46 16.00
CA ARG G 394 -7.54 -7.24 16.45
C ARG G 394 -8.17 -7.44 17.82
N ARG G 395 -8.53 -8.68 18.11
CA ARG G 395 -9.11 -9.03 19.40
C ARG G 395 -8.18 -8.61 20.54
N GLY G 396 -6.96 -9.12 20.50
CA GLY G 396 -5.98 -8.85 21.54
C GLY G 396 -5.55 -7.40 21.60
N MET G 397 -5.49 -6.75 20.45
CA MET G 397 -5.17 -5.33 20.38
C MET G 397 -6.23 -4.51 21.11
N ALA G 398 -7.49 -4.69 20.72
CA ALA G 398 -8.61 -4.00 21.34
C ALA G 398 -8.68 -4.27 22.83
N ASN G 399 -8.42 -5.52 23.22
CA ASN G 399 -8.39 -5.89 24.64
C ASN G 399 -7.30 -5.15 25.41
N PHE G 400 -6.11 -5.10 24.81
CA PHE G 400 -4.95 -4.44 25.40
C PHE G 400 -5.21 -2.97 25.63
N TRP G 401 -5.77 -2.29 24.63
CA TRP G 401 -6.01 -0.85 24.74
C TRP G 401 -7.19 -0.51 25.64
N ARG G 402 -8.23 -1.34 25.60
CA ARG G 402 -9.37 -1.18 26.48
C ARG G 402 -8.95 -1.30 27.94
N GLU G 403 -8.34 -2.42 28.28
CA GLU G 403 -7.92 -2.68 29.66
C GLU G 403 -7.00 -1.58 30.15
N CYS G 404 -5.80 -1.51 29.60
CA CYS G 404 -4.89 -0.41 29.89
C CYS G 404 -4.46 0.35 28.63
N GLY G 405 -4.99 1.55 28.45
CA GLY G 405 -4.48 2.46 27.45
C GLY G 405 -3.70 3.62 28.04
N ASP G 406 -3.87 3.81 29.35
CA ASP G 406 -3.28 4.96 30.03
C ASP G 406 -1.81 4.71 30.37
N ILE G 407 -1.49 3.48 30.71
CA ILE G 407 -0.13 3.12 31.09
C ILE G 407 0.63 2.55 29.89
N ALA G 408 -0.02 2.54 28.73
CA ALA G 408 0.57 2.00 27.51
C ALA G 408 2.00 2.48 27.18
N PRO G 409 2.24 3.80 27.16
CA PRO G 409 3.59 4.27 26.82
C PRO G 409 4.66 3.76 27.80
N HIS G 410 4.34 3.87 29.08
CA HIS G 410 5.24 3.50 30.15
C HIS G 410 5.47 2.00 30.09
N LEU G 411 4.40 1.27 29.77
CA LEU G 411 4.47 -0.17 29.63
C LEU G 411 5.40 -0.55 28.48
N PHE G 412 5.38 0.21 27.39
CA PHE G 412 6.22 -0.07 26.24
C PHE G 412 7.69 0.21 26.53
N LEU G 413 7.96 1.39 27.07
CA LEU G 413 9.32 1.73 27.48
C LEU G 413 9.86 0.66 28.40
N LEU G 414 9.04 0.29 29.39
CA LEU G 414 9.46 -0.68 30.40
C LEU G 414 9.73 -2.07 29.82
N SER G 415 8.85 -2.52 28.92
CA SER G 415 9.05 -3.82 28.29
C SER G 415 10.33 -3.80 27.47
N ILE G 416 10.60 -2.67 26.83
CA ILE G 416 11.88 -2.48 26.14
C ILE G 416 13.03 -2.65 27.13
N ALA G 417 12.90 -1.98 28.26
CA ALA G 417 13.92 -2.01 29.31
C ALA G 417 14.23 -3.43 29.71
N ASP G 418 13.19 -4.19 30.08
CA ASP G 418 13.38 -5.57 30.52
C ASP G 418 13.97 -6.42 29.41
N ALA G 419 13.48 -6.22 28.19
CA ALA G 419 13.91 -7.00 27.03
C ALA G 419 15.40 -6.83 26.77
N MET G 420 15.91 -5.62 26.94
CA MET G 420 17.34 -5.40 26.82
C MET G 420 18.06 -5.92 28.07
N ALA G 421 17.36 -5.88 29.19
CA ALA G 421 17.93 -6.32 30.46
C ALA G 421 18.17 -7.83 30.46
N SER G 422 17.24 -8.57 29.85
CA SER G 422 17.36 -10.02 29.79
C SER G 422 18.45 -10.45 28.81
N GLY G 423 18.85 -9.52 27.95
CA GLY G 423 19.81 -9.83 26.90
C GLY G 423 19.19 -10.70 25.81
N ASP G 424 18.07 -10.26 25.28
CA ASP G 424 17.41 -10.96 24.19
C ASP G 424 18.27 -10.88 22.93
N GLU G 425 18.04 -11.79 22.00
CA GLU G 425 18.70 -11.74 20.71
C GLU G 425 18.15 -10.54 19.95
N GLU G 426 18.93 -10.02 18.99
CA GLU G 426 18.50 -8.86 18.23
C GLU G 426 17.11 -9.05 17.60
N GLU G 427 16.87 -10.26 17.09
CA GLU G 427 15.64 -10.56 16.38
C GLU G 427 14.43 -10.43 17.31
N ASP G 428 14.60 -10.86 18.55
CA ASP G 428 13.54 -10.78 19.55
C ASP G 428 13.21 -9.32 19.85
N ILE G 429 14.26 -8.51 20.00
CA ILE G 429 14.09 -7.09 20.26
C ILE G 429 13.34 -6.42 19.12
N LYS G 430 13.85 -6.61 17.90
CA LYS G 430 13.21 -6.07 16.70
C LYS G 430 11.76 -6.52 16.63
N ALA G 431 11.50 -7.78 16.97
CA ALA G 431 10.14 -8.30 17.02
C ALA G 431 9.27 -7.51 17.99
N LEU G 432 9.80 -7.28 19.20
CA LEU G 432 9.11 -6.50 20.20
C LEU G 432 8.74 -5.12 19.66
N MET G 433 9.75 -4.38 19.21
CA MET G 433 9.53 -3.04 18.69
C MET G 433 8.52 -3.01 17.54
N GLU G 434 8.58 -4.03 16.70
CA GLU G 434 7.62 -4.17 15.61
C GLU G 434 6.20 -4.36 16.15
N THR G 435 6.08 -5.14 17.23
CA THR G 435 4.78 -5.37 17.85
C THR G 435 4.22 -4.08 18.41
N ILE G 436 5.05 -3.33 19.12
CA ILE G 436 4.63 -2.07 19.72
C ILE G 436 4.17 -1.14 18.62
N ALA G 437 4.93 -1.10 17.54
CA ALA G 437 4.53 -0.36 16.34
C ALA G 437 3.13 -0.77 15.92
N GLU G 438 2.91 -2.08 15.81
CA GLU G 438 1.61 -2.62 15.42
C GLU G 438 0.50 -2.06 16.31
N LEU G 439 0.76 -2.05 17.62
CA LEU G 439 -0.24 -1.61 18.58
C LEU G 439 -0.55 -0.11 18.50
N GLU G 440 0.51 0.69 18.34
CA GLU G 440 0.36 2.14 18.23
C GLU G 440 -0.39 2.50 16.96
N SER G 441 -0.12 1.74 15.90
CA SER G 441 -0.74 1.97 14.61
C SER G 441 -2.20 1.54 14.64
N PHE G 442 -2.50 0.46 15.36
CA PHE G 442 -3.88 -0.01 15.50
C PHE G 442 -4.72 0.96 16.33
N ASN G 443 -4.13 1.46 17.41
CA ASN G 443 -4.83 2.40 18.27
C ASN G 443 -4.96 3.78 17.61
N ARG G 444 -4.00 4.13 16.76
CA ARG G 444 -3.96 5.44 16.11
C ARG G 444 -5.11 5.62 15.11
N ASN G 445 -5.38 4.60 14.31
CA ASN G 445 -6.39 4.67 13.25
C ASN G 445 -7.60 3.76 13.45
N GLU G 446 -7.35 2.45 13.51
CA GLU G 446 -8.42 1.46 13.54
C GLU G 446 -9.41 1.53 14.71
N MET G 447 -9.09 2.34 15.73
CA MET G 447 -10.04 2.62 16.80
C MET G 447 -10.57 4.04 16.68
N LYS G 448 -11.89 4.18 16.52
CA LYS G 448 -12.50 5.51 16.44
C LYS G 448 -13.73 5.65 17.35
N UNK G 472 -33.67 -1.39 31.19
CA UNK G 472 -33.43 -2.22 32.35
C UNK G 472 -31.97 -2.15 32.69
N UNK G 473 -31.63 -2.51 33.91
CA UNK G 473 -30.28 -2.29 34.42
C UNK G 473 -29.21 -3.03 33.64
N UNK G 474 -29.34 -4.34 33.61
CA UNK G 474 -28.43 -5.20 32.86
C UNK G 474 -28.60 -5.14 31.36
N UNK G 475 -29.83 -5.23 30.93
CA UNK G 475 -30.13 -5.46 29.52
C UNK G 475 -29.63 -4.33 28.67
N UNK G 476 -29.77 -3.11 29.14
CA UNK G 476 -29.13 -2.01 28.48
C UNK G 476 -27.65 -2.28 28.61
N UNK G 477 -27.25 -2.78 29.76
CA UNK G 477 -25.81 -3.02 29.97
C UNK G 477 -25.24 -3.85 28.82
N UNK G 478 -25.88 -4.97 28.52
CA UNK G 478 -25.47 -5.86 27.45
C UNK G 478 -25.83 -5.28 26.09
N UNK G 479 -26.68 -4.26 26.08
CA UNK G 479 -26.98 -3.51 24.87
C UNK G 479 -25.80 -2.61 24.52
N UNK G 480 -25.25 -1.94 25.54
CA UNK G 480 -24.04 -1.16 25.37
C UNK G 480 -22.86 -2.08 25.06
N UNK G 481 -22.85 -3.27 25.66
CA UNK G 481 -21.81 -4.25 25.42
C UNK G 481 -21.84 -4.79 24.00
N UNK G 482 -23.05 -4.99 23.48
CA UNK G 482 -23.24 -5.40 22.09
C UNK G 482 -22.84 -4.29 21.13
N UNK G 483 -23.15 -3.05 21.51
CA UNK G 483 -22.72 -1.89 20.74
C UNK G 483 -21.20 -1.83 20.67
N UNK G 484 -20.54 -2.11 21.79
CA UNK G 484 -19.08 -2.13 21.84
C UNK G 484 -18.53 -3.26 20.96
N UNK G 485 -19.17 -4.43 21.01
CA UNK G 485 -18.75 -5.56 20.20
C UNK G 485 -18.92 -5.27 18.71
N UNK G 486 -19.90 -4.42 18.39
CA UNK G 486 -20.13 -3.98 17.01
C UNK G 486 -19.17 -2.87 16.59
N UNK G 487 -18.62 -2.17 17.58
CA UNK G 487 -17.62 -1.14 17.33
C UNK G 487 -16.28 -1.76 16.91
N UNK G 488 -15.94 -2.90 17.53
CA UNK G 488 -14.75 -3.64 17.16
C UNK G 488 -14.92 -5.13 17.46
N UNK G 491 -26.58 -1.07 12.23
CA UNK G 491 -26.33 -1.59 13.57
C UNK G 491 -27.63 -1.74 14.35
N UNK G 492 -28.69 -1.09 13.87
CA UNK G 492 -30.00 -1.15 14.52
C UNK G 492 -30.62 -2.55 14.39
N UNK G 493 -30.26 -3.27 13.33
CA UNK G 493 -30.74 -4.63 13.14
C UNK G 493 -30.08 -5.56 14.15
N UNK G 494 -28.83 -5.27 14.44
CA UNK G 494 -28.07 -6.01 15.45
C UNK G 494 -28.68 -5.77 16.83
N UNK G 495 -29.10 -4.54 17.07
CA UNK G 495 -29.73 -4.16 18.33
C UNK G 495 -31.12 -4.80 18.46
N UNK G 496 -31.81 -4.94 17.33
CA UNK G 496 -33.13 -5.54 17.31
C UNK G 496 -33.07 -7.05 17.54
N UNK G 497 -32.12 -7.72 16.88
CA UNK G 497 -31.92 -9.15 17.05
C UNK G 497 -31.42 -9.46 18.47
N UNK G 498 -30.56 -8.58 18.98
CA UNK G 498 -30.06 -8.73 20.34
C UNK G 498 -31.17 -8.49 21.36
N UNK G 499 -32.11 -7.60 21.03
CA UNK G 499 -33.26 -7.36 21.89
C UNK G 499 -34.22 -8.54 21.84
N UNK G 500 -34.32 -9.17 20.68
CA UNK G 500 -35.18 -10.33 20.50
C UNK G 500 -34.60 -11.53 21.24
N UNK G 501 -33.27 -11.56 21.34
CA UNK G 501 -32.59 -12.57 22.14
C UNK G 501 -32.64 -12.19 23.62
N UNK G 502 -32.90 -10.91 23.87
CA UNK G 502 -32.99 -10.38 25.24
C UNK G 502 -34.35 -10.67 25.87
N UNK G 503 -35.39 -10.70 25.04
CA UNK G 503 -36.74 -11.01 25.52
C UNK G 503 -36.86 -12.47 25.94
N UNK G 504 -36.06 -13.33 25.29
CA UNK G 504 -36.06 -14.75 25.58
C UNK G 504 -35.07 -15.10 26.69
N UNK H 5 33.02 3.88 1.79
CA UNK H 5 32.01 2.98 2.34
C UNK H 5 32.44 2.39 3.68
N UNK H 6 32.87 3.25 4.60
CA UNK H 6 33.35 2.82 5.92
C UNK H 6 32.25 2.22 6.80
N UNK H 7 32.62 1.22 7.59
CA UNK H 7 31.68 0.58 8.51
C UNK H 7 32.19 0.65 9.96
N UNK H 8 31.41 1.31 10.81
CA UNK H 8 31.78 1.47 12.22
C UNK H 8 30.57 1.29 13.13
N GLY H 16 16.83 -1.56 18.46
CA GLY H 16 17.78 -2.66 18.50
C GLY H 16 19.14 -2.18 18.04
N LEU H 17 19.14 -1.23 17.12
CA LEU H 17 20.38 -0.72 16.56
C LEU H 17 20.59 0.74 16.96
N ASN H 18 21.66 1.34 16.46
CA ASN H 18 22.01 2.70 16.86
C ASN H 18 21.17 3.77 16.17
N PHE H 19 20.98 3.61 14.86
CA PHE H 19 20.37 4.63 14.03
C PHE H 19 18.85 4.57 14.00
N TYR H 20 18.27 3.67 14.78
CA TYR H 20 16.83 3.38 14.68
C TYR H 20 15.95 4.58 15.01
N LEU H 21 14.77 4.57 14.41
CA LEU H 21 13.71 5.50 14.74
C LEU H 21 12.40 4.76 14.60
N SER H 22 11.41 5.15 15.40
CA SER H 22 10.13 4.47 15.47
C SER H 22 9.37 4.44 14.15
N TYR H 23 9.57 5.47 13.34
CA TYR H 23 8.79 5.62 12.10
C TYR H 23 9.43 4.99 10.87
N PHE H 24 10.67 4.54 11.00
CA PHE H 24 11.35 3.93 9.87
C PHE H 24 10.67 2.63 9.48
N ASP H 25 10.15 1.93 10.48
CA ASP H 25 9.33 0.75 10.22
C ASP H 25 8.16 1.13 9.32
N ASP H 26 7.67 2.37 9.46
CA ASP H 26 6.58 2.85 8.64
C ASP H 26 7.05 3.31 7.26
N VAL H 27 8.33 3.59 7.11
CA VAL H 27 8.89 3.92 5.80
C VAL H 27 9.12 2.67 4.95
N ALA H 28 9.74 1.66 5.54
CA ALA H 28 10.13 0.46 4.81
C ALA H 28 8.93 -0.26 4.20
N LYS H 29 7.88 -0.45 4.99
CA LYS H 29 6.70 -1.19 4.54
C LYS H 29 6.05 -0.55 3.32
N VAL H 30 6.17 0.77 3.22
CA VAL H 30 5.65 1.51 2.07
C VAL H 30 6.56 1.25 0.86
N LEU H 31 7.84 1.59 0.98
CA LEU H 31 8.81 1.49 -0.11
C LEU H 31 8.75 0.15 -0.81
N PRO H 32 8.54 0.17 -2.14
CA PRO H 32 8.45 -1.04 -2.97
C PRO H 32 9.71 -1.89 -2.91
N ARG H 33 9.55 -3.20 -3.11
CA ARG H 33 10.63 -4.17 -2.98
C ARG H 33 11.83 -3.84 -3.85
N GLU H 34 11.56 -3.38 -5.07
CA GLU H 34 12.59 -3.13 -6.06
C GLU H 34 13.40 -1.90 -5.71
N HIS H 35 12.77 -0.93 -5.05
CA HIS H 35 13.38 0.36 -4.78
C HIS H 35 14.14 0.39 -3.47
N TYR H 36 15.23 1.15 -3.45
CA TYR H 36 16.05 1.31 -2.25
C TYR H 36 15.92 2.70 -1.67
N CYS H 37 16.10 2.83 -0.36
CA CYS H 37 16.04 4.13 0.28
C CYS H 37 17.18 4.35 1.27
N PHE H 38 17.65 5.58 1.33
CA PHE H 38 18.80 5.93 2.15
C PHE H 38 18.44 7.05 3.11
N ILE H 39 19.16 7.10 4.22
CA ILE H 39 19.00 8.19 5.18
C ILE H 39 20.28 9.02 5.18
N VAL H 40 20.12 10.31 4.92
CA VAL H 40 21.26 11.22 4.85
C VAL H 40 20.89 12.48 5.59
N GLY H 41 21.88 13.33 5.83
CA GLY H 41 21.63 14.60 6.46
C GLY H 41 21.87 14.61 7.95
N GLY H 42 21.15 15.48 8.64
CA GLY H 42 21.40 15.77 10.04
C GLY H 42 21.16 14.63 11.00
N TRP H 43 20.31 13.70 10.61
CA TRP H 43 20.01 12.59 11.48
C TRP H 43 21.29 11.78 11.79
N VAL H 44 21.93 11.25 10.75
CA VAL H 44 23.14 10.45 10.91
C VAL H 44 24.28 11.24 11.56
N ARG H 45 24.35 12.54 11.29
CA ARG H 45 25.33 13.40 11.95
C ARG H 45 25.11 13.46 13.47
N ASP H 46 23.91 13.87 13.87
CA ASP H 46 23.58 13.99 15.29
C ASP H 46 23.74 12.66 16.03
N ARG H 47 23.45 11.56 15.35
CA ARG H 47 23.63 10.26 15.97
C ARG H 47 25.10 9.87 16.06
N ILE H 48 25.90 10.33 15.10
CA ILE H 48 27.33 10.07 15.14
C ILE H 48 28.01 10.85 16.26
N LEU H 49 27.66 12.12 16.40
CA LEU H 49 28.21 12.97 17.45
C LEU H 49 27.82 12.46 18.82
N GLY H 50 26.74 11.67 18.86
CA GLY H 50 26.26 11.08 20.10
C GLY H 50 25.23 11.93 20.80
N GLU H 51 24.88 13.05 20.20
CA GLU H 51 23.90 13.97 20.76
C GLU H 51 22.53 13.30 20.86
N PRO H 52 21.88 13.41 22.03
CA PRO H 52 20.56 12.81 22.26
C PRO H 52 19.51 13.28 21.27
N VAL H 53 18.50 12.46 20.99
CA VAL H 53 17.42 12.82 20.07
C VAL H 53 16.53 13.92 20.66
N GLY H 54 16.43 15.04 19.94
CA GLY H 54 15.75 16.22 20.45
C GLY H 54 14.25 16.17 20.37
N TYR H 55 13.62 17.30 20.70
CA TYR H 55 12.18 17.45 20.56
C TYR H 55 11.82 17.82 19.13
N ASN H 56 12.82 18.24 18.36
CA ASN H 56 12.64 18.50 16.94
C ASN H 56 13.42 17.50 16.09
N ILE H 57 12.70 16.69 15.33
CA ILE H 57 13.30 15.67 14.47
C ILE H 57 13.18 16.05 12.99
N ASP H 58 14.31 16.06 12.30
CA ASP H 58 14.34 16.27 10.86
C ASP H 58 15.13 15.15 10.19
N VAL H 59 14.48 14.42 9.29
CA VAL H 59 15.15 13.33 8.57
C VAL H 59 15.03 13.50 7.05
N ASP H 60 16.17 13.39 6.37
CA ASP H 60 16.23 13.49 4.90
C ASP H 60 16.51 12.14 4.24
N PHE H 61 15.68 11.77 3.27
CA PHE H 61 15.77 10.48 2.60
C PHE H 61 16.12 10.57 1.12
N LEU H 62 16.95 9.63 0.65
CA LEU H 62 17.22 9.51 -0.78
C LEU H 62 16.63 8.21 -1.31
N THR H 63 15.57 8.30 -2.10
CA THR H 63 14.91 7.09 -2.56
C THR H 63 14.90 6.99 -4.08
N THR H 64 14.84 5.77 -4.60
CA THR H 64 14.78 5.56 -6.04
C THR H 64 13.35 5.47 -6.56
N ALA H 65 12.38 5.39 -5.66
CA ALA H 65 10.98 5.32 -6.06
C ALA H 65 10.43 6.73 -6.30
N ASP H 66 9.13 6.86 -6.45
CA ASP H 66 8.50 8.16 -6.60
C ASP H 66 8.30 8.77 -5.22
N PRO H 67 9.08 9.79 -4.89
CA PRO H 67 9.10 10.35 -3.53
C PRO H 67 7.75 10.90 -3.10
N VAL H 68 6.98 11.44 -4.04
CA VAL H 68 5.69 12.04 -3.73
C VAL H 68 4.67 11.00 -3.29
N GLU H 69 4.56 9.90 -4.04
CA GLU H 69 3.66 8.81 -3.67
C GLU H 69 4.10 8.18 -2.34
N LEU H 70 5.41 7.93 -2.22
CA LEU H 70 6.00 7.39 -1.00
C LEU H 70 5.59 8.21 0.21
N ALA H 71 5.82 9.51 0.14
CA ALA H 71 5.47 10.42 1.21
C ALA H 71 3.96 10.50 1.41
N LYS H 72 3.21 10.23 0.36
CA LYS H 72 1.74 10.25 0.47
C LYS H 72 1.24 9.08 1.32
N ASN H 73 1.69 7.87 0.98
CA ASN H 73 1.35 6.68 1.76
C ASN H 73 1.93 6.72 3.18
N PHE H 74 3.16 7.21 3.30
CA PHE H 74 3.83 7.32 4.58
C PHE H 74 3.05 8.25 5.50
N ALA H 75 2.71 9.42 4.97
CA ALA H 75 1.89 10.38 5.71
C ALA H 75 0.50 9.82 6.01
N LYS H 76 0.01 8.93 5.16
CA LYS H 76 -1.28 8.28 5.40
C LYS H 76 -1.16 7.30 6.58
N ARG H 77 0.00 6.67 6.71
CA ARG H 77 0.26 5.73 7.79
C ARG H 77 0.44 6.41 9.15
N ILE H 78 1.35 7.39 9.20
CA ILE H 78 1.62 8.08 10.46
C ILE H 78 0.64 9.22 10.69
N GLY H 79 -0.26 9.43 9.75
CA GLY H 79 -1.26 10.48 9.86
C GLY H 79 -0.66 11.86 9.83
N GLY H 80 0.48 11.99 9.14
CA GLY H 80 1.18 13.26 9.06
C GLY H 80 0.72 14.14 7.91
N HIS H 81 0.86 15.44 8.07
CA HIS H 81 0.58 16.38 7.00
C HIS H 81 1.55 16.07 5.86
N PHE H 82 1.07 16.17 4.63
CA PHE H 82 1.90 15.90 3.46
C PHE H 82 1.87 17.05 2.47
N PHE H 83 3.02 17.40 1.92
CA PHE H 83 3.07 18.43 0.89
C PHE H 83 4.29 18.29 0.00
N VAL H 84 4.25 18.91 -1.19
CA VAL H 84 5.35 18.83 -2.14
C VAL H 84 5.88 20.21 -2.53
N PHE H 85 7.19 20.30 -2.78
CA PHE H 85 7.81 21.56 -3.21
C PHE H 85 9.13 21.35 -3.96
N GLU H 86 9.60 22.37 -4.66
CA GLU H 86 10.81 22.28 -5.48
C GLU H 86 12.00 22.96 -4.82
N PRO H 95 15.33 19.35 -8.41
CA PRO H 95 14.15 18.55 -8.75
C PRO H 95 13.00 18.81 -7.78
N THR H 96 12.00 17.94 -7.83
CA THR H 96 10.84 18.03 -6.95
C THR H 96 11.03 17.11 -5.75
N ILE H 97 10.79 17.63 -4.54
CA ILE H 97 10.90 16.83 -3.33
C ILE H 97 9.65 16.92 -2.45
N ALA H 98 9.45 15.86 -1.67
CA ALA H 98 8.23 15.73 -0.87
C ALA H 98 8.53 15.82 0.62
N SER H 99 7.54 16.25 1.40
CA SER H 99 7.72 16.39 2.84
C SER H 99 6.51 15.97 3.65
N VAL H 100 6.78 15.30 4.76
CA VAL H 100 5.75 14.91 5.71
C VAL H 100 6.00 15.58 7.06
N VAL H 101 4.96 16.22 7.59
CA VAL H 101 5.10 16.93 8.86
C VAL H 101 4.10 16.46 9.90
N LEU H 102 4.59 15.89 10.99
CA LEU H 102 3.73 15.47 12.08
C LEU H 102 4.02 16.33 13.31
N HIS H 103 3.03 17.12 13.73
CA HIS H 103 3.26 18.09 14.80
C HIS H 103 2.22 18.00 15.92
N LEU H 104 2.69 17.72 17.14
CA LEU H 104 1.87 17.85 18.36
C LEU H 104 2.61 18.80 19.30
N PRO H 105 2.03 19.13 20.47
CA PRO H 105 2.80 20.09 21.27
C PRO H 105 4.22 19.68 21.67
N PRO H 106 4.44 18.46 22.21
CA PRO H 106 5.81 18.22 22.67
C PRO H 106 6.85 18.01 21.57
N TYR H 107 6.44 17.43 20.44
CA TYR H 107 7.40 17.00 19.41
C TYR H 107 7.04 17.44 17.99
N ARG H 108 8.06 17.69 17.18
CA ARG H 108 7.88 18.08 15.79
C ARG H 108 8.66 17.16 14.85
N TYR H 109 7.95 16.60 13.87
CA TYR H 109 8.55 15.69 12.92
C TYR H 109 8.50 16.25 11.50
N ARG H 110 9.66 16.26 10.84
CA ARG H 110 9.72 16.58 9.41
C ARG H 110 10.56 15.57 8.62
N PHE H 111 9.94 14.97 7.61
CA PHE H 111 10.62 14.00 6.76
C PHE H 111 10.67 14.52 5.31
N ASP H 112 11.87 14.78 4.81
CA ASP H 112 12.03 15.25 3.43
C ASP H 112 12.57 14.16 2.51
N PHE H 113 11.73 13.71 1.57
CA PHE H 113 12.08 12.68 0.60
C PHE H 113 12.49 13.25 -0.76
N SER H 114 13.70 12.89 -1.18
CA SER H 114 14.26 13.32 -2.45
C SER H 114 14.49 12.12 -3.35
N PRO H 115 14.34 12.33 -4.67
CA PRO H 115 14.58 11.31 -5.68
C PRO H 115 16.07 11.08 -5.89
N LEU H 116 16.43 9.82 -6.09
CA LEU H 116 17.79 9.47 -6.41
C LEU H 116 17.75 8.53 -7.60
N LYS H 117 18.28 8.97 -8.72
CA LYS H 117 18.20 8.17 -9.93
C LYS H 117 19.56 7.98 -10.57
N GLY H 118 19.91 6.73 -10.84
CA GLY H 118 21.14 6.42 -11.53
C GLY H 118 21.17 5.00 -12.05
N LYS H 119 21.95 4.78 -13.10
CA LYS H 119 22.15 3.45 -13.63
C LYS H 119 22.95 2.65 -12.61
N ASP H 120 23.72 3.39 -11.82
CA ASP H 120 24.47 2.82 -10.72
C ASP H 120 23.99 3.50 -9.45
N LEU H 121 23.50 2.71 -8.51
CA LEU H 121 22.96 3.24 -7.26
C LEU H 121 24.01 3.91 -6.38
N GLU H 122 25.11 3.20 -6.14
CA GLU H 122 26.18 3.70 -5.28
C GLU H 122 26.91 4.89 -5.91
N LYS H 123 27.11 4.84 -7.22
CA LYS H 123 27.74 5.94 -7.93
C LYS H 123 26.88 7.20 -7.81
N ALA H 124 25.58 7.04 -7.99
CA ALA H 124 24.64 8.14 -7.87
C ALA H 124 24.62 8.66 -6.44
N LEU H 125 24.69 7.75 -5.49
CA LEU H 125 24.68 8.11 -4.08
C LEU H 125 25.88 9.00 -3.77
N ILE H 126 27.08 8.49 -4.06
CA ILE H 126 28.31 9.24 -3.81
C ILE H 126 28.31 10.59 -4.52
N GLU H 127 27.86 10.59 -5.77
CA GLU H 127 27.77 11.81 -6.58
C GLU H 127 26.86 12.84 -5.92
N ASP H 128 25.78 12.38 -5.30
CA ASP H 128 24.86 13.28 -4.61
C ASP H 128 25.43 13.71 -3.25
N LEU H 129 26.31 12.90 -2.69
CA LEU H 129 26.90 13.22 -1.39
C LEU H 129 28.01 14.25 -1.53
N LYS H 130 28.70 14.23 -2.66
CA LYS H 130 29.78 15.17 -2.93
C LYS H 130 29.23 16.57 -3.19
N GLU H 131 27.98 16.63 -3.63
CA GLU H 131 27.34 17.90 -3.94
C GLU H 131 26.90 18.62 -2.69
N ARG H 132 26.89 17.91 -1.58
CA ARG H 132 26.46 18.50 -0.32
C ARG H 132 27.49 19.46 0.26
N ASP H 133 27.03 20.35 1.13
CA ASP H 133 27.86 21.43 1.68
C ASP H 133 29.03 20.98 2.54
N PHE H 134 28.75 20.26 3.62
CA PHE H 134 29.78 19.93 4.60
C PHE H 134 29.94 18.42 4.78
N THR H 135 31.17 18.00 5.06
CA THR H 135 31.50 16.59 5.27
C THR H 135 30.65 15.95 6.38
N ALA H 136 30.29 16.75 7.38
CA ALA H 136 29.46 16.27 8.49
C ALA H 136 28.05 15.96 8.00
N ASN H 137 27.59 16.71 7.00
CA ASN H 137 26.28 16.48 6.40
C ASN H 137 26.37 15.57 5.18
N ALA H 138 27.58 15.06 4.91
CA ALA H 138 27.87 14.25 3.72
C ALA H 138 27.82 12.74 3.96
N ILE H 139 27.41 12.34 5.14
CA ILE H 139 27.33 10.93 5.48
C ILE H 139 25.91 10.40 5.29
N ALA H 140 25.81 9.21 4.70
CA ALA H 140 24.53 8.56 4.41
C ALA H 140 24.60 7.10 4.81
N VAL H 141 23.44 6.52 5.13
CA VAL H 141 23.34 5.11 5.51
C VAL H 141 22.20 4.46 4.74
N ASN H 142 22.25 3.13 4.63
CA ASN H 142 21.17 2.41 3.97
C ASN H 142 20.03 2.14 4.93
N LEU H 143 18.79 2.29 4.46
CA LEU H 143 17.61 2.12 5.30
C LEU H 143 17.51 0.72 5.90
N ASP H 144 17.99 -0.27 5.15
CA ASP H 144 17.94 -1.67 5.59
C ASP H 144 18.87 -1.92 6.77
N ASP H 145 20.08 -1.38 6.69
CA ASP H 145 21.07 -1.56 7.75
C ASP H 145 20.69 -0.81 9.02
N VAL H 146 19.75 0.11 8.90
CA VAL H 146 19.27 0.90 10.03
C VAL H 146 18.35 0.07 10.91
N LEU H 147 17.43 -0.64 10.26
CA LEU H 147 16.46 -1.48 10.96
C LEU H 147 17.16 -2.60 11.72
N GLN H 153 28.38 -3.57 13.16
CA GLN H 153 26.95 -3.58 13.40
C GLN H 153 26.21 -2.69 12.41
N THR H 154 26.90 -1.68 11.90
CA THR H 154 26.30 -0.83 10.87
C THR H 154 27.34 -0.48 9.80
N ILE H 155 26.86 -0.03 8.64
CA ILE H 155 27.76 0.39 7.55
C ILE H 155 27.28 1.70 6.93
N VAL H 156 28.19 2.65 6.78
CA VAL H 156 27.81 3.97 6.28
C VAL H 156 28.58 4.35 5.02
N TYR H 157 28.10 5.36 4.33
CA TYR H 157 28.81 5.93 3.20
C TYR H 157 29.29 7.33 3.57
N ASP H 158 30.60 7.56 3.56
CA ASP H 158 31.12 8.91 3.79
C ASP H 158 32.28 9.22 2.86
N PRO H 159 31.99 9.40 1.56
CA PRO H 159 33.02 9.58 0.54
C PRO H 159 33.88 10.83 0.79
N THR H 160 33.33 11.79 1.53
CA THR H 160 34.06 13.02 1.82
C THR H 160 34.85 12.89 3.12
N GLY H 161 34.73 11.75 3.79
CA GLY H 161 35.40 11.56 5.06
C GLY H 161 34.83 12.48 6.12
N GLY H 162 33.53 12.38 6.34
CA GLY H 162 32.86 13.16 7.37
C GLY H 162 33.19 12.62 8.75
N ILE H 163 33.29 11.30 8.86
CA ILE H 163 33.61 10.65 10.12
C ILE H 163 34.97 11.09 10.65
N LYS H 164 35.98 11.06 9.78
CA LYS H 164 37.33 11.45 10.16
C LYS H 164 37.38 12.87 10.70
N ASP H 165 36.58 13.75 10.09
CA ASP H 165 36.50 15.14 10.54
C ASP H 165 35.74 15.22 11.86
N LEU H 166 34.73 14.36 12.01
CA LEU H 166 33.91 14.36 13.21
C LEU H 166 34.66 13.81 14.42
N GLU H 167 35.65 12.97 14.17
CA GLU H 167 36.47 12.42 15.24
C GLU H 167 37.41 13.48 15.79
N GLN H 168 37.84 14.40 14.92
CA GLN H 168 38.65 15.53 15.35
C GLN H 168 37.77 16.71 15.72
N GLY H 169 36.48 16.59 15.45
CA GLY H 169 35.52 17.60 15.84
C GLY H 169 35.53 18.85 14.98
N LEU H 170 35.87 18.69 13.71
CA LEU H 170 35.96 19.83 12.81
C LEU H 170 34.92 19.77 11.70
N LEU H 171 34.33 20.91 11.38
CA LEU H 171 33.31 21.00 10.34
C LEU H 171 33.97 21.52 9.08
N ARG H 172 34.19 20.62 8.13
CA ARG H 172 34.92 20.97 6.91
C ARG H 172 34.06 20.81 5.65
N PRO H 173 33.85 21.91 4.92
CA PRO H 173 33.06 21.86 3.68
C PRO H 173 33.71 20.96 2.64
N VAL H 174 32.88 20.27 1.87
CA VAL H 174 33.36 19.36 0.83
C VAL H 174 34.15 20.11 -0.24
N SER H 175 33.56 21.17 -0.78
CA SER H 175 34.27 22.06 -1.71
C SER H 175 33.73 23.49 -1.65
N ILE H 176 34.61 24.45 -1.89
CA ILE H 176 34.22 25.84 -1.85
C ILE H 176 33.15 26.13 -2.92
N GLU H 177 33.26 25.46 -4.06
CA GLU H 177 32.29 25.61 -5.13
C GLU H 177 30.87 25.21 -4.69
N ASN H 178 30.80 24.35 -3.69
CA ASN H 178 29.50 23.97 -3.14
C ASN H 178 28.98 25.04 -2.19
N LEU H 179 29.89 25.87 -1.69
CA LEU H 179 29.52 27.01 -0.85
C LEU H 179 29.05 28.17 -1.71
N LYS H 180 29.75 28.41 -2.81
CA LYS H 180 29.31 29.40 -3.77
C LYS H 180 28.02 28.95 -4.45
N ARG H 181 27.84 27.63 -4.57
CA ARG H 181 26.65 27.08 -5.24
C ARG H 181 25.37 27.59 -4.56
N ASP H 182 25.39 27.58 -3.23
CA ASP H 182 24.31 28.09 -2.40
C ASP H 182 24.93 28.96 -1.32
N PRO H 183 25.04 30.27 -1.58
CA PRO H 183 25.72 31.20 -0.67
C PRO H 183 25.17 31.21 0.76
N VAL H 184 23.87 30.96 0.95
CA VAL H 184 23.29 30.91 2.29
C VAL H 184 24.04 29.91 3.20
N ARG H 185 24.62 28.89 2.57
CA ARG H 185 25.37 27.87 3.31
C ARG H 185 26.50 28.46 4.15
N VAL H 186 27.03 29.60 3.72
CA VAL H 186 28.12 30.26 4.44
C VAL H 186 27.68 30.64 5.86
N LEU H 187 26.39 30.82 6.06
CA LEU H 187 25.84 31.08 7.38
C LEU H 187 25.70 29.77 8.16
N ARG H 188 25.23 28.74 7.48
CA ARG H 188 25.00 27.44 8.13
C ARG H 188 26.28 26.96 8.80
N GLY H 189 27.37 26.99 8.05
CA GLY H 189 28.68 26.64 8.55
C GLY H 189 29.04 27.29 9.87
N PHE H 190 28.66 28.56 10.05
CA PHE H 190 28.88 29.19 11.34
C PHE H 190 27.94 28.58 12.36
N ARG H 191 26.64 28.64 12.10
CA ARG H 191 25.63 28.21 13.06
C ARG H 191 25.93 26.79 13.54
N ILE H 192 26.05 25.88 12.58
CA ILE H 192 26.38 24.49 12.85
C ILE H 192 27.60 24.38 13.76
N ALA H 193 28.68 25.07 13.39
CA ALA H 193 29.93 25.00 14.14
C ALA H 193 29.70 25.42 15.60
N ILE H 194 28.83 26.39 15.81
CA ILE H 194 28.53 26.85 17.16
C ILE H 194 27.53 25.92 17.83
N GLU H 195 26.59 25.39 17.04
CA GLU H 195 25.52 24.58 17.59
C GLU H 195 26.02 23.22 18.00
N LYS H 196 26.79 22.59 17.11
CA LYS H 196 27.33 21.26 17.37
C LYS H 196 28.69 21.35 18.07
N ASN H 197 29.14 22.58 18.34
CA ASN H 197 30.43 22.85 18.97
C ASN H 197 31.60 22.28 18.17
N LEU H 198 31.74 22.73 16.93
CA LEU H 198 32.83 22.29 16.08
C LEU H 198 33.65 23.49 15.63
N GLN H 199 34.89 23.24 15.25
CA GLN H 199 35.78 24.29 14.80
C GLN H 199 35.92 24.22 13.29
N LEU H 200 35.51 25.30 12.61
CA LEU H 200 35.59 25.39 11.15
C LEU H 200 37.04 25.33 10.69
N THR H 201 37.23 24.83 9.47
CA THR H 201 38.58 24.74 8.93
C THR H 201 39.10 26.10 8.45
N GLU H 202 40.33 26.10 7.95
CA GLU H 202 40.96 27.34 7.52
C GLU H 202 40.33 27.88 6.25
N ASP H 203 40.15 27.00 5.26
CA ASP H 203 39.66 27.41 3.95
C ASP H 203 38.30 28.09 3.99
N PHE H 204 37.45 27.69 4.92
CA PHE H 204 36.14 28.32 5.06
C PHE H 204 36.30 29.78 5.48
N TYR H 205 37.06 30.00 6.55
CA TYR H 205 37.35 31.35 7.04
C TYR H 205 38.00 32.22 5.97
N GLU H 206 38.92 31.60 5.22
CA GLU H 206 39.59 32.31 4.13
C GLU H 206 38.57 32.75 3.09
N PHE H 207 37.67 31.84 2.74
CA PHE H 207 36.61 32.14 1.79
C PHE H 207 35.72 33.29 2.28
N VAL H 208 35.40 33.28 3.57
CA VAL H 208 34.60 34.35 4.15
C VAL H 208 35.33 35.68 4.01
N LYS H 209 36.64 35.68 4.25
CA LYS H 209 37.44 36.87 4.05
C LYS H 209 37.44 37.31 2.59
N GLU H 210 37.35 36.35 1.68
CA GLU H 210 37.37 36.67 0.25
C GLU H 210 36.24 37.64 -0.15
N ASP H 211 35.01 37.15 -0.13
CA ASP H 211 33.87 37.95 -0.58
C ASP H 211 32.67 37.87 0.36
N PRO H 212 32.71 38.64 1.46
CA PRO H 212 31.63 38.68 2.45
C PRO H 212 30.28 39.11 1.87
N ARG H 213 30.28 39.68 0.68
CA ARG H 213 29.02 40.12 0.07
C ARG H 213 28.21 38.94 -0.48
N ILE H 214 28.86 37.79 -0.65
CA ILE H 214 28.26 36.65 -1.35
C ILE H 214 26.90 36.25 -0.77
N VAL H 215 26.68 36.58 0.49
CA VAL H 215 25.47 36.18 1.20
C VAL H 215 24.22 36.90 0.68
N LEU H 216 24.42 38.07 0.08
CA LEU H 216 23.29 38.84 -0.44
C LEU H 216 22.66 38.18 -1.65
N LYS H 217 23.38 37.21 -2.21
CA LYS H 217 22.95 36.55 -3.44
C LYS H 217 21.75 35.63 -3.22
N SER H 218 21.79 34.83 -2.16
CA SER H 218 20.70 33.91 -1.83
C SER H 218 19.47 34.64 -1.33
N ALA H 219 18.32 33.96 -1.37
CA ALA H 219 17.04 34.53 -0.98
C ALA H 219 17.08 35.09 0.42
N VAL H 220 16.34 36.16 0.65
CA VAL H 220 16.44 36.89 1.91
C VAL H 220 15.91 36.12 3.12
N GLU H 221 14.73 35.53 2.97
CA GLU H 221 14.07 34.85 4.09
C GLU H 221 14.84 33.63 4.58
N ARG H 222 15.70 33.06 3.73
CA ARG H 222 16.59 32.01 4.18
C ARG H 222 17.64 32.59 5.09
N ILE H 223 18.11 33.80 4.76
CA ILE H 223 19.10 34.47 5.61
C ILE H 223 18.47 34.88 6.93
N THR H 224 17.22 35.35 6.89
CA THR H 224 16.48 35.67 8.11
C THR H 224 16.34 34.43 8.97
N HIS H 225 16.00 33.33 8.32
CA HIS H 225 15.76 32.06 9.00
C HIS H 225 17.03 31.53 9.66
N GLU H 226 18.15 31.62 8.95
CA GLU H 226 19.43 31.18 9.47
C GLU H 226 19.93 32.11 10.59
N LEU H 227 19.63 33.40 10.45
CA LEU H 227 20.03 34.37 11.47
C LEU H 227 19.28 34.12 12.77
N PHE H 228 17.97 33.92 12.68
CA PHE H 228 17.17 33.56 13.84
C PHE H 228 17.63 32.25 14.48
N LYS H 229 17.85 31.22 13.65
CA LYS H 229 18.40 29.97 14.16
C LYS H 229 19.77 30.16 14.81
N ILE H 230 20.47 31.23 14.44
CA ILE H 230 21.70 31.58 15.16
C ILE H 230 21.36 32.21 16.50
N MET H 231 20.33 33.04 16.51
CA MET H 231 19.89 33.72 17.74
C MET H 231 19.18 32.77 18.70
N LYS H 232 18.95 31.54 18.27
CA LYS H 232 18.29 30.55 19.11
C LYS H 232 19.18 30.07 20.25
N GLU H 233 20.40 29.71 19.92
CA GLU H 233 21.37 29.24 20.91
C GLU H 233 21.81 30.36 21.86
N LYS H 234 22.39 29.97 22.98
CA LYS H 234 22.72 30.92 24.05
C LYS H 234 24.12 31.56 23.94
N THR H 235 24.96 30.97 23.10
CA THR H 235 26.32 31.47 22.88
C THR H 235 26.37 32.40 21.68
N ALA H 236 25.19 32.77 21.18
CA ALA H 236 25.04 33.50 19.92
C ALA H 236 25.93 34.74 19.76
N HIS H 237 26.32 35.37 20.86
CA HIS H 237 27.13 36.58 20.79
C HIS H 237 28.47 36.37 20.08
N LYS H 238 29.05 35.18 20.21
CA LYS H 238 30.31 34.87 19.54
C LYS H 238 30.08 34.74 18.04
N VAL H 239 28.93 34.21 17.67
CA VAL H 239 28.56 34.07 16.26
C VAL H 239 28.34 35.44 15.66
N ILE H 240 27.66 36.32 16.39
CA ILE H 240 27.41 37.68 15.93
C ILE H 240 28.71 38.47 15.82
N ARG H 241 29.64 38.22 16.73
CA ARG H 241 30.94 38.91 16.66
C ARG H 241 31.73 38.39 15.46
N GLU H 242 31.65 37.09 15.22
CA GLU H 242 32.30 36.50 14.04
C GLU H 242 31.74 37.08 12.74
N LEU H 243 30.41 37.13 12.65
CA LEU H 243 29.74 37.63 11.45
C LEU H 243 30.00 39.12 11.24
N TYR H 244 30.13 39.85 12.34
CA TYR H 244 30.45 41.27 12.23
C TYR H 244 31.90 41.53 11.81
N GLU H 245 32.86 40.96 12.54
CA GLU H 245 34.27 41.21 12.27
C GLU H 245 34.69 40.76 10.88
N TYR H 246 34.05 39.73 10.37
CA TYR H 246 34.32 39.24 9.02
C TYR H 246 33.58 40.06 7.97
N GLY H 247 32.59 40.83 8.43
CA GLY H 247 31.88 41.74 7.56
C GLY H 247 30.57 41.21 7.00
N VAL H 248 30.33 39.91 7.16
CA VAL H 248 29.13 39.27 6.64
C VAL H 248 27.87 39.90 7.23
N LEU H 249 27.91 40.16 8.53
CA LEU H 249 26.79 40.77 9.22
C LEU H 249 26.55 42.18 8.69
N GLU H 250 27.63 42.85 8.33
CA GLU H 250 27.54 44.18 7.75
C GLU H 250 26.97 44.12 6.35
N ALA H 251 27.39 43.14 5.57
CA ALA H 251 26.89 42.97 4.21
C ALA H 251 25.40 42.70 4.21
N ILE H 252 24.95 41.86 5.14
CA ILE H 252 23.52 41.59 5.29
C ILE H 252 22.81 42.83 5.83
N ILE H 253 23.34 43.38 6.91
CA ILE H 253 22.75 44.54 7.56
C ILE H 253 23.80 45.64 7.66
N PRO H 254 23.80 46.57 6.69
CA PRO H 254 24.70 47.73 6.63
C PRO H 254 24.49 48.68 7.80
N GLU H 255 23.31 48.62 8.41
CA GLU H 255 22.99 49.48 9.56
C GLU H 255 23.94 49.25 10.72
N ILE H 256 24.36 48.00 10.92
CA ILE H 256 25.30 47.66 11.98
C ILE H 256 26.66 48.31 11.74
N GLY H 257 27.09 48.32 10.48
CA GLY H 257 28.38 48.88 10.12
C GLY H 257 28.46 50.38 10.32
N ARG H 258 27.30 51.01 10.52
CA ARG H 258 27.22 52.46 10.68
C ARG H 258 27.43 52.89 12.13
N LEU H 259 27.59 51.92 13.03
CA LEU H 259 27.83 52.23 14.43
C LEU H 259 29.30 52.59 14.69
N ARG H 260 30.17 52.17 13.76
CA ARG H 260 31.61 52.34 13.91
C ARG H 260 32.03 53.79 13.62
N GLU H 261 31.22 54.50 12.85
CA GLU H 261 31.56 55.85 12.42
C GLU H 261 31.47 56.87 13.56
N VAL H 262 30.82 56.49 14.65
CA VAL H 262 30.72 57.36 15.82
C VAL H 262 31.69 56.95 16.93
N LYS H 263 32.57 57.87 17.31
CA LYS H 263 33.59 57.62 18.33
C LYS H 263 33.16 58.12 19.70
N ASP H 264 32.99 57.20 20.64
CA ASP H 264 32.52 57.54 21.98
C ASP H 264 33.63 58.15 22.83
N PRO H 272 33.72 53.32 21.76
CA PRO H 272 33.38 52.28 20.79
C PRO H 272 31.94 51.83 20.94
N LEU H 273 31.12 52.11 19.94
CA LEU H 273 29.69 51.76 20.00
C LEU H 273 29.40 50.30 19.61
N ASP H 274 30.07 49.80 18.58
CA ASP H 274 29.86 48.43 18.13
C ASP H 274 30.24 47.38 19.19
N GLU H 275 31.38 47.60 19.83
CA GLU H 275 31.82 46.73 20.93
C GLU H 275 30.81 46.81 22.05
N HIS H 276 30.19 47.97 22.22
CA HIS H 276 29.15 48.17 23.23
C HIS H 276 27.91 47.36 22.90
N THR H 277 27.55 47.27 21.62
CA THR H 277 26.39 46.47 21.20
C THR H 277 26.65 44.97 21.36
N LEU H 278 27.84 44.53 20.95
CA LEU H 278 28.22 43.12 21.10
C LEU H 278 28.23 42.70 22.56
N LYS H 279 28.85 43.51 23.40
CA LYS H 279 28.90 43.18 24.81
C LYS H 279 27.53 43.29 25.46
N THR H 280 26.68 44.18 24.94
CA THR H 280 25.29 44.27 25.42
C THR H 280 24.55 42.98 25.08
N LEU H 281 24.87 42.39 23.93
CA LEU H 281 24.31 41.11 23.55
C LEU H 281 24.77 40.01 24.49
N GLU H 282 26.09 39.91 24.69
CA GLU H 282 26.63 38.88 25.58
C GLU H 282 26.02 38.96 26.97
N TYR H 283 26.01 40.17 27.53
CA TYR H 283 25.43 40.41 28.84
C TYR H 283 23.94 40.10 28.88
N LEU H 284 23.23 40.36 27.78
CA LEU H 284 21.82 40.02 27.72
C LEU H 284 21.64 38.51 27.74
N GLU H 285 22.58 37.79 27.14
CA GLU H 285 22.52 36.33 27.14
C GLU H 285 22.78 35.76 28.54
N GLN H 286 23.87 36.19 29.15
CA GLN H 286 24.21 35.75 30.50
C GLN H 286 23.15 36.18 31.50
N VAL H 287 22.41 37.23 31.18
CA VAL H 287 21.31 37.67 32.02
C VAL H 287 20.07 36.79 31.81
N ILE H 288 19.79 36.46 30.55
CA ILE H 288 18.66 35.61 30.20
C ILE H 288 18.79 34.21 30.81
N GLU H 289 20.01 33.68 30.85
CA GLU H 289 20.25 32.43 31.55
C GLU H 289 19.99 32.57 33.06
N ASP H 290 20.32 33.75 33.59
CA ASP H 290 20.13 34.08 35.00
C ASP H 290 18.82 34.84 35.30
N ARG H 291 17.97 34.94 34.30
CA ARG H 291 16.77 35.79 34.36
C ARG H 291 15.83 35.54 35.54
N ALA H 292 15.97 34.39 36.20
CA ALA H 292 15.12 34.06 37.34
C ALA H 292 15.36 34.99 38.53
N LYS H 293 16.62 35.38 38.73
CA LYS H 293 17.01 36.16 39.90
C LYS H 293 16.98 37.68 39.69
N TYR H 294 16.49 38.12 38.53
CA TYR H 294 16.34 39.55 38.28
C TYR H 294 14.86 39.93 38.23
N LEU H 295 14.15 39.37 37.27
CA LEU H 295 12.72 39.61 37.13
C LEU H 295 11.90 38.92 38.22
N SER H 296 10.68 39.40 38.42
CA SER H 296 9.74 38.75 39.32
C SER H 296 9.14 37.54 38.64
N ALA H 297 8.26 36.84 39.34
CA ALA H 297 7.67 35.61 38.84
C ALA H 297 6.56 35.87 37.83
N GLU H 298 5.72 36.85 38.12
CA GLU H 298 4.60 37.21 37.24
C GLU H 298 5.09 37.83 35.95
N LEU H 299 6.31 38.35 35.98
CA LEU H 299 6.96 38.83 34.78
C LEU H 299 7.58 37.70 33.97
N LEU H 300 8.00 36.65 34.66
CA LEU H 300 8.60 35.50 34.00
C LEU H 300 7.54 34.52 33.46
N GLU H 301 6.30 34.69 33.93
CA GLU H 301 5.19 33.80 33.58
C GLU H 301 4.93 33.69 32.09
N ASN H 302 4.78 34.83 31.43
CA ASN H 302 4.50 34.85 30.00
C ASN H 302 5.77 34.95 29.15
N PHE H 303 6.93 34.93 29.81
CA PHE H 303 8.20 35.05 29.11
C PHE H 303 8.55 33.77 28.34
N GLY H 304 8.84 33.93 27.05
CA GLY H 304 9.23 32.81 26.21
C GLY H 304 8.05 32.17 25.51
N LYS H 305 6.85 32.59 25.88
CA LYS H 305 5.63 31.98 25.35
C LYS H 305 5.25 32.49 23.96
N LYS H 306 5.75 33.67 23.59
CA LYS H 306 5.36 34.32 22.34
C LYS H 306 6.06 33.73 21.13
N ARG H 307 5.28 33.21 20.18
CA ARG H 307 5.86 32.53 19.03
C ARG H 307 6.02 33.46 17.83
N VAL H 308 7.11 33.30 17.10
CA VAL H 308 7.21 34.03 15.87
C VAL H 308 7.83 33.17 14.80
N LEU H 309 7.17 33.09 13.66
CA LEU H 309 7.69 32.35 12.54
C LEU H 309 7.55 30.87 12.76
N GLY H 310 6.85 30.52 13.82
CA GLY H 310 6.29 29.19 14.04
C GLY H 310 7.26 28.24 14.65
N GLU H 311 8.51 28.65 14.71
CA GLU H 311 9.57 27.96 15.45
C GLU H 311 10.40 28.83 16.40
N PHE H 312 10.14 30.12 16.45
CA PHE H 312 10.96 31.03 17.24
C PHE H 312 10.21 31.74 18.36
N THR H 313 10.94 32.11 19.41
CA THR H 313 10.37 32.76 20.58
C THR H 313 10.73 34.25 20.62
N ASP H 314 10.28 34.94 21.66
CA ASP H 314 10.58 36.36 21.83
C ASP H 314 11.98 36.62 22.39
N VAL H 315 12.65 35.55 22.78
CA VAL H 315 14.04 35.62 23.27
C VAL H 315 14.97 36.11 22.17
N GLU H 316 14.83 35.51 20.99
CA GLU H 316 15.63 35.92 19.83
C GLU H 316 15.33 37.36 19.50
N LEU H 317 14.09 37.77 19.71
CA LEU H 317 13.68 39.15 19.49
C LEU H 317 14.32 40.07 20.54
N LEU H 318 14.61 39.52 21.71
CA LEU H 318 15.33 40.28 22.73
C LEU H 318 16.78 40.45 22.27
N LYS H 319 17.36 39.39 21.71
CA LYS H 319 18.73 39.46 21.23
C LYS H 319 18.88 40.43 20.06
N TRP H 320 17.96 40.35 19.10
CA TRP H 320 17.92 41.31 18.00
C TRP H 320 17.72 42.72 18.52
N GLY H 321 16.84 42.86 19.52
CA GLY H 321 16.59 44.14 20.15
C GLY H 321 17.80 44.72 20.85
N ALA H 322 18.66 43.85 21.36
CA ALA H 322 19.88 44.29 22.04
C ALA H 322 20.96 44.66 21.02
N LEU H 323 21.06 43.90 19.94
CA LEU H 323 22.00 44.21 18.88
C LEU H 323 21.63 45.55 18.26
N PHE H 324 20.33 45.79 18.15
CA PHE H 324 19.79 47.01 17.56
C PHE H 324 19.48 48.10 18.58
N HIS H 325 19.87 47.89 19.83
CA HIS H 325 19.47 48.78 20.93
C HIS H 325 19.69 50.26 20.62
N ASP H 326 20.88 50.62 20.17
CA ASP H 326 21.06 51.91 19.51
C ASP H 326 21.48 51.68 18.07
N ILE H 327 20.54 51.83 17.13
CA ILE H 327 20.90 51.90 15.72
C ILE H 327 20.81 53.34 15.23
N GLY H 328 20.35 54.23 16.12
CA GLY H 328 20.02 55.58 15.74
C GLY H 328 21.04 56.64 16.12
N LYS H 329 22.04 56.24 16.89
CA LYS H 329 23.12 57.15 17.29
C LYS H 329 23.90 57.80 16.13
N PRO H 330 24.33 56.98 15.14
CA PRO H 330 25.06 57.63 14.03
C PRO H 330 24.18 58.52 13.13
N GLN H 331 22.87 58.31 13.17
CA GLN H 331 21.94 59.11 12.38
C GLN H 331 21.77 60.52 12.95
N THR H 332 21.52 60.60 14.26
CA THR H 332 21.31 61.87 14.94
C THR H 332 22.29 62.05 16.09
N PHE H 333 23.12 63.08 16.02
CA PHE H 333 24.08 63.37 17.10
C PHE H 333 24.40 64.86 17.19
N ALA H 334 25.22 65.22 18.18
CA ALA H 334 25.58 66.62 18.40
C ALA H 334 27.09 66.80 18.48
N PHE H 342 22.43 62.33 20.37
CA PHE H 342 21.49 61.23 20.19
C PHE H 342 20.22 61.46 20.99
N TYR H 343 19.54 62.58 20.74
CA TYR H 343 18.30 62.88 21.43
C TYR H 343 17.17 62.01 20.92
N GLU H 344 17.03 61.96 19.60
CA GLU H 344 15.92 61.26 18.96
C GLU H 344 16.26 59.84 18.52
N HIS H 345 17.44 59.36 18.89
CA HIS H 345 17.98 58.07 18.42
C HIS H 345 17.09 56.86 18.70
N ASP H 346 16.12 57.00 19.62
CA ASP H 346 15.22 55.91 19.93
C ASP H 346 14.12 55.72 18.87
N LYS H 347 13.52 56.82 18.42
CA LYS H 347 12.52 56.77 17.37
C LYS H 347 13.15 56.38 16.04
N VAL H 348 14.29 57.00 15.73
CA VAL H 348 15.08 56.66 14.56
C VAL H 348 15.47 55.19 14.66
N GLY H 349 15.74 54.75 15.87
CA GLY H 349 16.00 53.34 16.14
C GLY H 349 14.85 52.47 15.70
N ALA H 350 13.66 52.79 16.18
CA ALA H 350 12.46 52.02 15.86
C ALA H 350 12.18 51.98 14.36
N GLN H 351 12.37 53.13 13.70
CA GLN H 351 12.13 53.23 12.27
C GLN H 351 13.15 52.44 11.45
N ILE H 352 14.42 52.52 11.84
CA ILE H 352 15.46 51.76 11.16
C ILE H 352 15.23 50.27 11.33
N VAL H 353 14.97 49.86 12.57
CA VAL H 353 14.66 48.46 12.85
C VAL H 353 13.49 47.99 11.98
N ARG H 354 12.45 48.81 11.91
CA ARG H 354 11.28 48.49 11.09
C ARG H 354 11.64 48.36 9.61
N GLU H 355 12.51 49.24 9.13
CA GLU H 355 12.98 49.18 7.75
C GLU H 355 13.76 47.90 7.49
N ILE H 356 14.55 47.47 8.47
CA ILE H 356 15.29 46.22 8.34
C ILE H 356 14.32 45.05 8.32
N GLY H 357 13.26 45.15 9.13
CA GLY H 357 12.25 44.11 9.22
C GLY H 357 11.49 43.95 7.91
N GLU H 358 11.18 45.07 7.28
CA GLU H 358 10.52 45.04 5.99
C GLU H 358 11.48 44.50 4.93
N ARG H 359 12.74 44.92 5.01
CA ARG H 359 13.76 44.53 4.03
C ARG H 359 14.15 43.07 4.14
N LEU H 360 14.29 42.59 5.38
CA LEU H 360 14.73 41.21 5.62
C LEU H 360 13.55 40.26 5.71
N ARG H 361 12.35 40.78 5.45
CA ARG H 361 11.12 40.00 5.34
C ARG H 361 10.71 39.29 6.64
N TRP H 362 10.89 39.97 7.78
CA TRP H 362 10.44 39.43 9.05
C TRP H 362 8.93 39.48 9.13
N GLY H 363 8.38 39.02 10.25
CA GLY H 363 6.96 39.18 10.49
C GLY H 363 6.72 40.63 10.87
N ASP H 364 5.59 41.18 10.48
CA ASP H 364 5.27 42.55 10.86
C ASP H 364 5.10 42.65 12.37
N GLU H 365 4.63 41.57 12.98
CA GLU H 365 4.47 41.50 14.43
C GLU H 365 5.82 41.35 15.14
N ALA H 366 6.68 40.51 14.57
CA ALA H 366 8.03 40.34 15.10
C ALA H 366 8.80 41.65 14.99
N THR H 367 8.74 42.28 13.82
CA THR H 367 9.46 43.51 13.60
C THR H 367 8.88 44.66 14.42
N GLU H 368 7.57 44.64 14.64
CA GLU H 368 6.93 45.64 15.49
C GLU H 368 7.41 45.46 16.92
N PHE H 369 7.56 44.20 17.32
CA PHE H 369 8.09 43.87 18.64
C PHE H 369 9.50 44.42 18.80
N VAL H 370 10.39 44.09 17.88
CA VAL H 370 11.78 44.54 17.97
C VAL H 370 11.89 46.06 17.94
N ALA H 371 11.16 46.69 17.02
CA ALA H 371 11.20 48.15 16.88
C ALA H 371 10.67 48.83 18.14
N LYS H 372 9.61 48.28 18.71
CA LYS H 372 9.04 48.80 19.95
C LYS H 372 10.03 48.60 21.09
N LEU H 373 10.86 47.57 20.96
CA LEU H 373 11.86 47.25 21.97
C LEU H 373 13.08 48.16 21.89
N VAL H 374 13.38 48.66 20.69
CA VAL H 374 14.46 49.64 20.53
C VAL H 374 14.00 51.05 20.90
N ARG H 375 12.75 51.37 20.57
CA ARG H 375 12.18 52.68 20.86
C ARG H 375 12.13 52.97 22.37
N HIS H 376 11.63 52.00 23.14
CA HIS H 376 11.42 52.21 24.57
C HIS H 376 12.62 51.82 25.42
N HIS H 377 13.70 51.42 24.76
CA HIS H 377 14.85 50.86 25.47
C HIS H 377 15.51 51.81 26.47
N LEU H 378 15.26 53.11 26.31
CA LEU H 378 15.78 54.12 27.22
C LEU H 378 14.82 54.48 28.36
N ARG H 379 13.67 53.81 28.40
CA ARG H 379 12.66 54.08 29.42
C ARG H 379 13.07 53.73 30.87
N PRO H 380 13.54 52.50 31.12
CA PRO H 380 13.88 52.16 32.51
C PRO H 380 15.02 52.99 33.08
N PHE H 381 15.86 53.54 32.22
CA PHE H 381 16.96 54.40 32.67
C PHE H 381 16.41 55.76 33.10
N PHE H 382 15.38 56.23 32.41
CA PHE H 382 14.73 57.48 32.75
C PHE H 382 13.94 57.33 34.05
N LEU H 383 13.27 56.19 34.20
CA LEU H 383 12.53 55.92 35.44
C LEU H 383 13.49 55.72 36.63
N ARG H 384 14.65 55.12 36.37
CA ARG H 384 15.68 54.96 37.39
C ARG H 384 16.26 56.31 37.78
N GLU H 385 16.48 57.16 36.80
CA GLU H 385 16.99 58.51 37.04
C GLU H 385 15.97 59.36 37.79
N ALA H 386 14.69 59.05 37.59
CA ALA H 386 13.62 59.72 38.33
C ALA H 386 13.51 59.19 39.74
N PHE H 387 13.93 57.94 39.94
CA PHE H 387 13.93 57.31 41.27
C PHE H 387 15.12 57.72 42.13
N LYS H 388 16.26 58.01 41.50
CA LYS H 388 17.47 58.38 42.23
C LYS H 388 17.34 59.72 42.95
N LYS H 389 16.55 60.62 42.38
CA LYS H 389 16.29 61.91 42.99
C LYS H 389 15.04 61.88 43.87
N GLY H 390 14.36 60.73 43.87
CA GLY H 390 13.16 60.55 44.65
C GLY H 390 11.92 61.13 44.00
N GLU H 391 12.03 61.48 42.72
CA GLU H 391 10.94 62.15 42.03
C GLU H 391 9.99 61.19 41.31
N LEU H 392 10.28 59.90 41.39
CA LEU H 392 9.44 58.88 40.77
C LEU H 392 8.15 58.68 41.57
N LYS H 393 7.01 58.87 40.92
CA LYS H 393 5.72 58.73 41.58
C LYS H 393 4.74 57.90 40.76
N ARG H 394 3.51 57.81 41.25
CA ARG H 394 2.49 56.96 40.64
C ARG H 394 2.20 57.30 39.18
N ARG H 395 2.43 58.56 38.81
CA ARG H 395 2.19 59.03 37.45
C ARG H 395 3.08 58.30 36.44
N GLY H 396 4.39 58.34 36.67
CA GLY H 396 5.34 57.70 35.77
C GLY H 396 5.17 56.19 35.71
N MET H 397 4.75 55.61 36.83
CA MET H 397 4.51 54.17 36.90
C MET H 397 3.28 53.78 36.06
N ALA H 398 2.18 54.48 36.32
CA ALA H 398 0.93 54.27 35.58
C ALA H 398 1.13 54.46 34.09
N ASN H 399 1.87 55.51 33.72
CA ASN H 399 2.21 55.75 32.32
C ASN H 399 3.08 54.64 31.73
N PHE H 400 4.03 54.15 32.52
CA PHE H 400 4.90 53.06 32.09
C PHE H 400 4.10 51.81 31.76
N TRP H 401 3.17 51.45 32.65
CA TRP H 401 2.38 50.25 32.47
C TRP H 401 1.21 50.39 31.50
N ARG H 402 0.68 51.59 31.39
CA ARG H 402 -0.22 51.92 30.30
C ARG H 402 0.47 52.00 28.97
N GLU H 403 1.62 52.64 28.93
CA GLU H 403 2.32 52.80 27.67
C GLU H 403 2.85 51.49 27.10
N CYS H 404 3.51 50.68 27.92
CA CYS H 404 3.94 49.38 27.47
C CYS H 404 4.03 48.38 28.58
N GLY H 405 3.13 47.42 28.60
CA GLY H 405 3.09 46.43 29.66
C GLY H 405 3.58 45.08 29.20
N ASP H 406 3.64 44.91 27.88
CA ASP H 406 4.02 43.65 27.25
C ASP H 406 5.53 43.43 27.16
N ILE H 407 6.26 44.50 26.90
CA ILE H 407 7.70 44.41 26.73
C ILE H 407 8.44 44.69 28.02
N ALA H 408 7.69 44.94 29.09
CA ALA H 408 8.27 45.28 30.39
C ALA H 408 9.38 44.32 30.87
N PRO H 409 9.12 42.99 30.89
CA PRO H 409 10.21 42.10 31.30
C PRO H 409 11.42 42.18 30.38
N HIS H 410 11.17 42.14 29.08
CA HIS H 410 12.24 42.18 28.08
C HIS H 410 12.98 43.50 28.16
N LEU H 411 12.24 44.55 28.50
CA LEU H 411 12.80 45.88 28.62
C LEU H 411 13.67 45.99 29.87
N PHE H 412 13.32 45.23 30.90
CA PHE H 412 14.08 45.19 32.14
C PHE H 412 15.37 44.41 31.97
N LEU H 413 15.27 43.24 31.32
CA LEU H 413 16.44 42.42 31.04
C LEU H 413 17.40 43.15 30.11
N LEU H 414 16.83 43.81 29.11
CA LEU H 414 17.63 44.62 28.19
C LEU H 414 18.30 45.77 28.92
N SER H 415 17.55 46.48 29.75
CA SER H 415 18.09 47.62 30.49
C SER H 415 19.22 47.22 31.45
N ILE H 416 19.08 46.06 32.08
CA ILE H 416 20.14 45.55 32.96
C ILE H 416 21.35 45.10 32.15
N ALA H 417 21.09 44.53 30.97
CA ALA H 417 22.16 44.10 30.07
C ALA H 417 23.00 45.30 29.62
N ASP H 418 22.31 46.36 29.20
CA ASP H 418 22.95 47.59 28.76
C ASP H 418 23.66 48.29 29.93
N ALA H 419 23.04 48.27 31.10
CA ALA H 419 23.64 48.87 32.28
C ALA H 419 24.96 48.18 32.61
N MET H 420 24.99 46.86 32.45
CA MET H 420 26.22 46.10 32.71
C MET H 420 27.23 46.28 31.59
N ALA H 421 26.75 46.53 30.38
CA ALA H 421 27.64 46.76 29.25
C ALA H 421 28.36 48.09 29.40
N SER H 422 27.63 49.12 29.78
CA SER H 422 28.18 50.46 29.90
C SER H 422 29.18 50.57 31.04
N GLY H 423 29.27 49.52 31.85
CA GLY H 423 30.20 49.49 32.95
C GLY H 423 29.74 50.40 34.07
N ASP H 424 28.44 50.42 34.31
CA ASP H 424 27.86 51.28 35.33
C ASP H 424 28.36 50.88 36.72
N GLU H 425 28.30 51.82 37.66
CA GLU H 425 28.74 51.57 39.02
C GLU H 425 27.76 50.63 39.73
N GLU H 426 28.22 49.95 40.77
CA GLU H 426 27.38 48.99 41.48
C GLU H 426 26.14 49.65 42.08
N GLU H 427 26.29 50.89 42.52
CA GLU H 427 25.18 51.63 43.11
C GLU H 427 24.11 51.93 42.08
N ASP H 428 24.55 52.15 40.84
CA ASP H 428 23.62 52.46 39.74
C ASP H 428 22.82 51.22 39.37
N ILE H 429 23.48 50.07 39.33
CA ILE H 429 22.81 48.80 39.05
C ILE H 429 21.83 48.50 40.17
N LYS H 430 22.25 48.76 41.40
CA LYS H 430 21.39 48.58 42.56
C LYS H 430 20.12 49.43 42.44
N ALA H 431 20.32 50.71 42.16
CA ALA H 431 19.21 51.64 42.01
C ALA H 431 18.30 51.19 40.88
N LEU H 432 18.89 50.58 39.86
CA LEU H 432 18.14 50.04 38.73
C LEU H 432 17.22 48.91 39.16
N MET H 433 17.79 47.91 39.82
CA MET H 433 17.01 46.77 40.29
C MET H 433 15.96 47.20 41.31
N GLU H 434 16.25 48.28 42.04
CA GLU H 434 15.31 48.81 43.04
C GLU H 434 14.15 49.56 42.39
N THR H 435 14.45 50.29 41.32
CA THR H 435 13.42 50.98 40.55
C THR H 435 12.51 49.93 39.91
N ILE H 436 13.15 48.90 39.35
CA ILE H 436 12.42 47.78 38.78
C ILE H 436 11.52 47.16 39.83
N ALA H 437 12.07 46.96 41.02
CA ALA H 437 11.33 46.40 42.14
C ALA H 437 10.10 47.26 42.46
N GLU H 438 10.29 48.57 42.39
CA GLU H 438 9.20 49.52 42.62
C GLU H 438 8.09 49.38 41.59
N LEU H 439 8.48 49.31 40.32
CA LEU H 439 7.52 49.15 39.24
C LEU H 439 6.75 47.85 39.37
N GLU H 440 7.48 46.76 39.64
CA GLU H 440 6.88 45.43 39.75
C GLU H 440 5.95 45.31 40.95
N SER H 441 6.34 45.89 42.08
CA SER H 441 5.48 45.94 43.26
C SER H 441 4.24 46.78 42.98
N PHE H 442 4.40 47.84 42.20
CA PHE H 442 3.28 48.70 41.83
C PHE H 442 2.27 47.97 40.95
N ASN H 443 2.77 47.27 39.93
CA ASN H 443 1.93 46.50 39.01
C ASN H 443 1.29 45.28 39.66
N ARG H 444 2.07 44.77 40.60
CA ARG H 444 1.85 43.54 41.34
C ARG H 444 0.61 43.60 42.19
N ASN H 445 0.43 44.69 42.92
CA ASN H 445 -0.71 44.87 43.80
C ASN H 445 -1.49 46.16 43.63
N GLU H 446 -0.77 47.26 43.47
CA GLU H 446 -1.40 48.56 43.48
C GLU H 446 -2.37 48.67 42.35
N MET H 447 -2.07 47.94 41.29
CA MET H 447 -2.81 48.03 40.03
C MET H 447 -3.95 47.02 39.99
N LYS H 448 -5.18 47.53 39.94
CA LYS H 448 -6.36 46.68 39.85
C LYS H 448 -7.22 47.06 38.65
N UNK H 471 -24.22 59.06 19.76
CA UNK H 471 -23.57 60.35 19.52
C UNK H 471 -22.45 60.60 20.53
N UNK H 472 -22.03 61.85 20.64
CA UNK H 472 -20.97 62.22 21.57
C UNK H 472 -19.68 61.45 21.27
N UNK H 473 -19.41 61.24 19.98
CA UNK H 473 -18.22 60.52 19.56
C UNK H 473 -16.99 60.98 20.34
N UNK H 474 -16.67 62.27 20.24
CA UNK H 474 -15.52 62.83 20.92
C UNK H 474 -15.69 62.86 22.41
N UNK H 475 -16.84 63.33 22.87
CA UNK H 475 -17.11 63.38 24.29
C UNK H 475 -17.23 62.00 24.89
N UNK H 476 -17.95 61.12 24.21
CA UNK H 476 -18.22 59.82 24.76
C UNK H 476 -16.89 59.17 25.00
N UNK H 477 -15.90 59.60 24.24
CA UNK H 477 -14.60 58.94 24.29
C UNK H 477 -13.73 59.52 25.41
N UNK H 478 -13.59 60.84 25.43
CA UNK H 478 -12.85 61.50 26.51
C UNK H 478 -13.56 61.30 27.84
N UNK H 479 -14.86 61.03 27.78
CA UNK H 479 -15.65 60.73 28.98
C UNK H 479 -15.27 59.38 29.55
N UNK H 480 -15.27 58.35 28.70
CA UNK H 480 -14.85 57.02 29.13
C UNK H 480 -13.41 57.05 29.63
N UNK H 481 -12.56 57.83 28.95
CA UNK H 481 -11.15 57.97 29.31
C UNK H 481 -10.96 58.61 30.69
N UNK H 482 -11.59 59.76 30.90
CA UNK H 482 -11.47 60.49 32.16
C UNK H 482 -12.14 59.76 33.32
N UNK H 483 -13.20 59.01 33.01
CA UNK H 483 -13.92 58.25 34.03
C UNK H 483 -13.13 57.02 34.45
N UNK H 484 -12.43 56.42 33.48
CA UNK H 484 -11.55 55.29 33.76
C UNK H 484 -10.29 55.77 34.48
N UNK H 485 -9.90 57.01 34.22
CA UNK H 485 -8.71 57.60 34.84
C UNK H 485 -8.98 58.08 36.27
N UNK H 486 -10.22 58.48 36.53
CA UNK H 486 -10.61 58.97 37.84
C UNK H 486 -10.88 57.83 38.82
N UNK H 487 -11.27 56.67 38.29
CA UNK H 487 -11.57 55.50 39.11
C UNK H 487 -10.33 54.99 39.85
N UNK H 491 -23.48 56.30 41.49
CA UNK H 491 -22.56 57.43 41.42
C UNK H 491 -22.60 58.10 40.04
N UNK H 492 -23.75 58.06 39.39
CA UNK H 492 -23.91 58.65 38.06
C UNK H 492 -23.87 60.18 38.12
N UNK H 493 -23.95 60.72 39.33
CA UNK H 493 -23.87 62.16 39.55
C UNK H 493 -22.49 62.71 39.18
N UNK H 494 -21.47 61.87 39.33
CA UNK H 494 -20.11 62.24 38.96
C UNK H 494 -19.98 62.34 37.44
N UNK H 495 -20.69 61.46 36.74
CA UNK H 495 -20.69 61.44 35.29
C UNK H 495 -21.50 62.60 34.72
N UNK H 496 -22.61 62.93 35.39
CA UNK H 496 -23.42 64.08 35.00
C UNK H 496 -22.68 65.39 35.26
N UNK H 497 -21.95 65.43 36.37
CA UNK H 497 -21.14 66.60 36.72
C UNK H 497 -19.98 66.75 35.75
N UNK H 498 -19.45 65.62 35.29
CA UNK H 498 -18.39 65.61 34.29
C UNK H 498 -18.93 66.09 32.93
N UNK H 499 -20.19 65.72 32.63
CA UNK H 499 -20.83 66.14 31.38
C UNK H 499 -21.13 67.63 31.39
N UNK H 500 -21.51 68.13 32.55
CA UNK H 500 -21.73 69.56 32.75
C UNK H 500 -20.41 70.31 32.63
N UNK H 501 -19.35 69.73 33.18
CA UNK H 501 -18.02 70.34 33.12
C UNK H 501 -17.50 70.32 31.67
N UNK H 502 -17.96 69.33 30.90
CA UNK H 502 -17.54 69.17 29.52
C UNK H 502 -18.28 70.13 28.59
N UNK H 503 -19.56 70.34 28.86
CA UNK H 503 -20.36 71.28 28.08
C UNK H 503 -19.71 72.67 28.09
N UNK H 504 -19.10 73.00 29.22
CA UNK H 504 -18.39 74.27 29.37
C UNK H 504 -17.08 74.27 28.58
#